data_5YB6
#
_entry.id   5YB6
#
_cell.length_a   97.071
_cell.length_b   132.293
_cell.length_c   100.963
_cell.angle_alpha   90.000
_cell.angle_beta   108.670
_cell.angle_gamma   90.000
#
_symmetry.space_group_name_H-M   'P 1 21 1'
#
loop_
_entity.id
_entity.type
_entity.pdbx_description
1 polymer 'L-amino acid oxidase/monooxygenase'
2 non-polymer 'FLAVIN-ADENINE DINUCLEOTIDE'
3 non-polymer 1-(2-METHOXY-ETHOXY)-2-{2-[2-(2-METHOXY-ETHOXY]-ETHOXY}-ETHANE
4 non-polymer LYSINE
5 water water
#
_entity_poly.entity_id   1
_entity_poly.type   'polypeptide(L)'
_entity_poly.pdbx_seq_one_letter_code
;MGSSHHHHHHSSGLVPRGSHMNKNNRHPADGKKPITIFGPDFPFAFDDWLEHPAGLGSIPAARHGEEVAIVGAGIAGLVA
AYELMKLGLKPVVYEASKMGGRLRSQAFNGTDGIIAELGGMRFPVSSTAFYHYVDKLGLETKPFPNPLTPASRSTVIDLE
GQTYYAEKAADLPALFQEVTDAWADALESGARFGDIQQAIRDRDVPRLKELWNTLVPLWDDRTFYDFVATSKAFAKLSFQ
HREVFGQVGFGTGGWDSDFPNSMLEIFRVVMTNCDDHQHLVVGGVEQVPQGIWRHVPERCAHWPEGTSLSSLHGGAPRTG
VKRIARASDGRLAVTDNWGDCRHYAAVLTTCQSWLLTTQIDCEESLFSQKMWMALDRTRYMQSSKTFVMVDRPFWKDKDP
ETGRDLMSMTLTDRLTRGTYLFDNGDDKPGVICLSYAWMSDALKMLPHPVEKRVQLALDALKKIYPKTDIAGHIIGDPIT
ISWEADPHFLGAFKGALPGHYRYNQRMYAHFMQAQMPVEQRGIFIAGDDVSWTPAWVEGAVQTSLNAVWGIMNHFGGKTH
ADNPGPGDVFDEIGQIALAD
;
_entity_poly.pdbx_strand_id   A,B,C,D
#
# COMPACT_ATOMS: atom_id res chain seq x y z
N ASN A 25 30.43 6.63 35.14
CA ASN A 25 31.59 6.53 34.20
C ASN A 25 31.62 5.17 33.50
N ARG A 26 31.17 5.17 32.26
CA ARG A 26 31.03 3.92 31.56
C ARG A 26 32.25 3.60 30.78
N HIS A 27 33.23 4.50 30.75
CA HIS A 27 34.46 4.27 29.99
C HIS A 27 35.15 2.98 30.34
N PRO A 28 35.89 2.40 29.38
CA PRO A 28 36.65 1.19 29.71
C PRO A 28 37.59 1.47 30.88
N ALA A 29 37.70 0.53 31.78
CA ALA A 29 38.51 0.73 33.00
C ALA A 29 39.95 0.36 32.66
N ASP A 30 40.57 1.12 31.77
CA ASP A 30 41.94 0.80 31.32
C ASP A 30 43.01 1.73 31.91
N GLY A 31 42.59 2.55 32.87
CA GLY A 31 43.45 3.53 33.50
C GLY A 31 43.93 4.68 32.63
N LYS A 32 43.36 4.86 31.43
CA LYS A 32 43.76 5.96 30.56
C LYS A 32 42.76 7.08 30.57
N LYS A 33 43.18 8.24 30.10
CA LYS A 33 42.24 9.27 29.74
C LYS A 33 41.38 8.67 28.58
N PRO A 34 40.04 8.84 28.64
CA PRO A 34 39.16 8.13 27.71
C PRO A 34 39.11 8.66 26.27
N ILE A 35 38.92 7.77 25.32
CA ILE A 35 38.63 8.17 23.97
C ILE A 35 37.22 8.72 23.99
N THR A 36 37.03 9.87 23.32
CA THR A 36 35.70 10.45 23.15
C THR A 36 35.52 10.86 21.69
N ILE A 37 34.31 11.28 21.33
CA ILE A 37 34.05 11.80 19.97
C ILE A 37 34.40 13.29 20.01
N PHE A 38 35.69 13.57 19.88
CA PHE A 38 36.28 14.89 20.11
C PHE A 38 36.88 15.25 18.76
N GLY A 39 36.11 16.00 18.02
CA GLY A 39 36.39 16.11 16.56
C GLY A 39 36.40 14.73 15.85
N PRO A 40 37.40 14.47 15.04
CA PRO A 40 38.54 15.34 14.83
C PRO A 40 38.33 16.59 13.97
N ASP A 41 37.21 16.71 13.23
CA ASP A 41 37.01 17.86 12.30
C ASP A 41 36.80 19.17 13.09
N PHE A 42 36.01 19.07 14.14
CA PHE A 42 35.76 20.20 15.06
C PHE A 42 35.96 19.77 16.50
N PRO A 43 37.22 19.79 16.98
CA PRO A 43 37.47 19.24 18.26
C PRO A 43 37.08 20.21 19.35
N PHE A 44 35.77 20.45 19.48
CA PHE A 44 35.22 21.27 20.56
C PHE A 44 34.70 20.36 21.67
N ALA A 45 35.01 20.75 22.92
CA ALA A 45 34.59 19.98 24.13
C ALA A 45 33.12 20.15 24.48
N PHE A 46 32.20 19.55 23.69
CA PHE A 46 30.77 19.65 23.96
C PHE A 46 30.41 19.25 25.39
N ASP A 47 30.97 18.17 25.87
CA ASP A 47 30.75 17.74 27.24
C ASP A 47 31.04 18.85 28.28
N ASP A 48 32.25 19.42 28.26
CA ASP A 48 32.65 20.56 29.10
C ASP A 48 31.74 21.79 28.97
N TRP A 49 31.34 22.11 27.73
CA TRP A 49 30.40 23.19 27.51
C TRP A 49 29.07 22.90 28.29
N LEU A 50 28.60 21.66 28.17
CA LEU A 50 27.32 21.26 28.71
C LEU A 50 27.35 21.19 30.24
N GLU A 51 28.50 20.84 30.80
CA GLU A 51 28.63 20.60 32.24
C GLU A 51 29.07 21.82 33.04
N HIS A 52 29.63 22.81 32.36
CA HIS A 52 30.02 24.04 33.01
C HIS A 52 28.86 24.78 33.70
N PRO A 53 29.08 25.18 34.96
CA PRO A 53 28.01 25.77 35.76
C PRO A 53 27.51 27.11 35.26
N ALA A 54 28.28 27.81 34.45
CA ALA A 54 27.76 29.06 33.89
C ALA A 54 26.57 28.92 32.91
N GLY A 55 26.35 27.73 32.37
CA GLY A 55 25.33 27.54 31.34
C GLY A 55 25.83 27.90 29.94
N LEU A 56 24.96 27.74 28.94
CA LEU A 56 25.40 27.91 27.55
C LEU A 56 25.38 29.37 27.16
N GLY A 57 24.96 30.27 28.05
CA GLY A 57 25.06 31.72 27.75
C GLY A 57 23.75 32.40 28.05
N SER A 58 23.51 33.50 27.41
CA SER A 58 22.29 34.22 27.63
C SER A 58 21.87 34.92 26.35
N ILE A 59 20.59 35.24 26.35
CA ILE A 59 19.94 36.07 25.35
C ILE A 59 19.40 37.25 26.16
N PRO A 60 19.53 38.46 25.63
CA PRO A 60 18.88 39.65 26.20
C PRO A 60 17.45 39.43 26.70
N ALA A 61 17.21 39.83 27.96
CA ALA A 61 15.92 39.68 28.60
C ALA A 61 14.70 40.13 27.78
N ALA A 62 14.85 41.18 27.00
CA ALA A 62 13.72 41.69 26.21
C ALA A 62 13.28 40.68 25.18
N ARG A 63 14.15 39.76 24.81
CA ARG A 63 13.76 38.72 23.81
C ARG A 63 13.18 37.47 24.49
N HIS A 64 13.23 37.40 25.83
CA HIS A 64 12.71 36.23 26.54
C HIS A 64 11.24 35.98 26.18
N GLY A 65 10.90 34.71 25.91
CA GLY A 65 9.53 34.36 25.56
C GLY A 65 9.21 34.35 24.06
N GLU A 66 10.08 34.87 23.21
CA GLU A 66 9.86 34.79 21.79
C GLU A 66 10.04 33.33 21.31
N GLU A 67 9.41 33.05 20.18
CA GLU A 67 9.33 31.72 19.68
C GLU A 67 10.41 31.44 18.70
N VAL A 68 10.84 30.19 18.68
CA VAL A 68 11.70 29.68 17.61
C VAL A 68 11.13 28.33 17.19
N ALA A 69 10.94 28.17 15.88
CA ALA A 69 10.39 26.97 15.34
C ALA A 69 11.51 25.92 15.21
N ILE A 70 11.15 24.70 15.55
CA ILE A 70 12.05 23.56 15.44
C ILE A 70 11.28 22.47 14.70
N VAL A 71 11.74 22.12 13.49
CA VAL A 71 11.11 21.10 12.72
C VAL A 71 11.78 19.75 13.06
N GLY A 72 11.01 18.81 13.57
CA GLY A 72 11.53 17.48 13.91
C GLY A 72 11.65 17.34 15.41
N ALA A 73 10.98 16.33 15.98
CA ALA A 73 11.14 16.01 17.38
C ALA A 73 11.98 14.77 17.57
N GLY A 74 13.06 14.68 16.79
CA GLY A 74 14.11 13.67 16.97
C GLY A 74 15.07 14.22 18.03
N ILE A 75 16.17 13.52 18.24
CA ILE A 75 17.17 13.95 19.23
C ILE A 75 17.79 15.39 18.99
N ALA A 76 18.12 15.75 17.78
CA ALA A 76 18.62 17.11 17.47
C ALA A 76 17.56 18.17 17.72
N GLY A 77 16.34 17.91 17.29
CA GLY A 77 15.23 18.85 17.54
C GLY A 77 15.02 19.06 19.03
N LEU A 78 15.09 18.01 19.82
CA LEU A 78 14.64 18.12 21.21
C LEU A 78 15.77 18.63 22.08
N VAL A 79 17.00 18.19 21.80
CA VAL A 79 18.16 18.86 22.37
C VAL A 79 18.18 20.36 22.09
N ALA A 80 18.02 20.80 20.85
CA ALA A 80 18.03 22.26 20.59
C ALA A 80 16.87 22.96 21.36
N ALA A 81 15.66 22.43 21.25
CA ALA A 81 14.52 22.93 22.04
C ALA A 81 14.83 23.03 23.53
N TYR A 82 15.31 21.95 24.15
CA TYR A 82 15.54 21.95 25.62
C TYR A 82 16.43 23.09 26.02
N GLU A 83 17.56 23.20 25.35
CA GLU A 83 18.57 24.21 25.73
C GLU A 83 18.09 25.61 25.40
N LEU A 84 17.35 25.82 24.30
CA LEU A 84 16.86 27.14 23.96
C LEU A 84 15.80 27.62 24.99
N MET A 85 14.96 26.69 25.46
CA MET A 85 14.01 26.91 26.53
C MET A 85 14.78 27.35 27.76
N LYS A 86 15.83 26.66 28.11
CA LYS A 86 16.70 27.11 29.23
C LYS A 86 17.27 28.54 29.03
N LEU A 87 17.54 28.91 27.78
CA LEU A 87 17.98 30.27 27.51
C LEU A 87 16.84 31.32 27.52
N GLY A 88 15.60 30.90 27.84
CA GLY A 88 14.48 31.85 28.03
C GLY A 88 13.63 32.09 26.78
N LEU A 89 13.87 31.28 25.72
CA LEU A 89 13.03 31.25 24.52
C LEU A 89 11.86 30.23 24.66
N LYS A 90 10.87 30.38 23.79
CA LYS A 90 9.81 29.42 23.67
C LYS A 90 10.07 28.60 22.39
N PRO A 91 10.80 27.49 22.46
CA PRO A 91 10.76 26.64 21.29
C PRO A 91 9.38 26.18 20.95
N VAL A 92 9.10 26.13 19.63
CA VAL A 92 7.93 25.49 19.10
C VAL A 92 8.34 24.38 18.12
N VAL A 93 8.26 23.14 18.64
CA VAL A 93 8.60 21.90 17.96
C VAL A 93 7.44 21.41 17.08
N TYR A 94 7.76 21.03 15.86
CA TYR A 94 6.82 20.45 14.93
C TYR A 94 7.29 18.97 14.71
N GLU A 95 6.35 18.03 14.57
CA GLU A 95 6.73 16.61 14.32
C GLU A 95 5.72 16.00 13.44
N ALA A 96 6.12 15.68 12.21
CA ALA A 96 5.24 15.14 11.21
C ALA A 96 4.90 13.63 11.38
N SER A 97 5.70 12.87 12.12
CA SER A 97 5.37 11.43 12.34
C SER A 97 5.45 11.04 13.83
N LYS A 98 6.51 10.40 14.26
CA LYS A 98 6.56 10.00 15.65
C LYS A 98 7.67 10.71 16.37
N MET A 99 7.35 10.95 17.63
CA MET A 99 8.24 11.35 18.65
C MET A 99 9.51 10.55 18.65
N GLY A 100 10.67 11.22 18.76
CA GLY A 100 12.00 10.55 18.87
C GLY A 100 12.71 10.24 17.55
N GLY A 101 12.02 10.32 16.41
CA GLY A 101 12.69 10.08 15.15
C GLY A 101 13.38 8.73 15.06
N ARG A 102 14.66 8.74 14.68
CA ARG A 102 15.39 7.54 14.56
C ARG A 102 15.87 6.97 15.91
N LEU A 103 15.29 7.44 17.01
CA LEU A 103 15.42 6.74 18.28
C LEU A 103 14.06 6.26 18.62
N ARG A 104 13.85 4.99 18.45
CA ARG A 104 12.48 4.49 18.38
C ARG A 104 12.43 3.12 19.02
N SER A 105 11.55 2.95 20.01
CA SER A 105 11.58 1.72 20.80
C SER A 105 10.21 1.16 20.84
N GLN A 106 9.93 0.18 20.00
CA GLN A 106 8.57 -0.36 19.93
C GLN A 106 8.34 -1.51 20.89
N ALA A 107 7.29 -1.39 21.72
CA ALA A 107 6.97 -2.41 22.69
C ALA A 107 6.23 -3.60 22.04
N PHE A 108 6.62 -4.82 22.47
CA PHE A 108 5.96 -6.02 21.95
C PHE A 108 4.57 -6.18 22.58
N ASN A 109 3.65 -6.92 21.93
CA ASN A 109 2.29 -7.12 22.47
C ASN A 109 2.28 -7.54 23.89
N GLY A 110 1.62 -6.77 24.73
CA GLY A 110 1.29 -7.22 26.11
C GLY A 110 2.35 -7.15 27.19
N THR A 111 3.55 -6.70 26.79
CA THR A 111 4.69 -6.62 27.70
C THR A 111 4.92 -5.26 28.35
N ASP A 112 5.75 -5.26 29.36
CA ASP A 112 6.26 -4.02 29.94
C ASP A 112 7.78 -4.07 29.84
N GLY A 113 8.39 -3.02 29.30
CA GLY A 113 9.85 -2.90 29.31
C GLY A 113 10.53 -3.78 28.29
N ILE A 114 9.76 -4.41 27.41
CA ILE A 114 10.37 -5.28 26.42
C ILE A 114 10.19 -4.69 25.03
N ILE A 115 11.28 -4.23 24.43
CA ILE A 115 11.21 -3.45 23.21
C ILE A 115 12.16 -3.97 22.14
N ALA A 116 11.89 -3.54 20.92
CA ALA A 116 12.83 -3.62 19.83
C ALA A 116 13.35 -2.22 19.46
N GLU A 117 14.66 -2.08 19.34
CA GLU A 117 15.28 -0.83 18.89
C GLU A 117 15.26 -0.70 17.39
N LEU A 118 14.40 0.15 16.85
CA LEU A 118 14.22 0.16 15.37
C LEU A 118 15.19 1.07 14.64
N GLY A 119 15.70 2.06 15.37
CA GLY A 119 16.75 2.95 14.88
C GLY A 119 18.03 2.71 15.68
N GLY A 120 18.64 3.77 16.16
CA GLY A 120 19.73 3.67 17.18
C GLY A 120 19.51 2.61 18.24
N MET A 121 20.48 1.72 18.38
CA MET A 121 20.44 0.67 19.41
C MET A 121 21.72 0.46 20.26
N ARG A 122 22.89 0.83 19.76
CA ARG A 122 24.13 0.55 20.43
C ARG A 122 25.01 1.77 20.46
N PHE A 123 25.19 2.33 21.67
CA PHE A 123 25.67 3.68 21.84
C PHE A 123 27.05 3.70 22.43
N PRO A 124 28.05 4.02 21.59
CA PRO A 124 29.43 4.04 22.06
C PRO A 124 29.60 4.98 23.25
N VAL A 125 30.28 4.51 24.30
CA VAL A 125 30.53 5.38 25.49
C VAL A 125 31.43 6.58 25.24
N SER A 126 32.14 6.60 24.09
CA SER A 126 32.79 7.81 23.58
C SER A 126 31.81 8.97 23.27
N SER A 127 30.50 8.67 23.27
CA SER A 127 29.49 9.67 22.91
C SER A 127 29.18 10.52 24.14
N THR A 128 30.11 11.41 24.52
CA THR A 128 29.92 12.09 25.78
C THR A 128 28.71 13.09 25.80
N ALA A 129 28.39 13.73 24.67
CA ALA A 129 27.29 14.70 24.69
C ALA A 129 25.94 14.01 24.76
N PHE A 130 25.77 12.96 23.93
CA PHE A 130 24.65 12.02 24.11
C PHE A 130 24.46 11.51 25.56
N TYR A 131 25.54 10.99 26.16
CA TYR A 131 25.44 10.46 27.53
C TYR A 131 25.18 11.51 28.62
N HIS A 132 25.53 12.75 28.37
CA HIS A 132 25.11 13.84 29.27
C HIS A 132 23.59 13.80 29.48
N TYR A 133 22.82 13.67 28.37
CA TYR A 133 21.37 13.66 28.44
C TYR A 133 20.85 12.34 29.01
N VAL A 134 21.51 11.24 28.68
CA VAL A 134 21.16 9.95 29.30
C VAL A 134 21.25 10.02 30.84
N ASP A 135 22.33 10.59 31.34
CA ASP A 135 22.52 10.69 32.83
C ASP A 135 21.66 11.78 33.48
N LYS A 136 21.40 12.87 32.77
CA LYS A 136 20.56 13.89 33.25
C LYS A 136 19.23 13.27 33.50
N LEU A 137 18.85 12.30 32.69
CA LEU A 137 17.54 11.68 32.83
C LEU A 137 17.51 10.54 33.86
N GLY A 138 18.68 10.09 34.29
CA GLY A 138 18.80 8.96 35.23
C GLY A 138 18.56 7.60 34.62
N LEU A 139 18.65 7.49 33.31
CA LEU A 139 18.39 6.21 32.64
C LEU A 139 19.54 5.22 32.85
N GLU A 140 19.21 3.94 32.80
CA GLU A 140 20.19 2.88 33.03
C GLU A 140 20.59 2.33 31.65
N THR A 141 21.86 2.00 31.49
CA THR A 141 22.38 1.39 30.27
C THR A 141 23.09 0.05 30.59
N LYS A 142 23.30 -0.82 29.60
CA LYS A 142 24.20 -1.99 29.79
C LYS A 142 24.95 -2.36 28.51
N PRO A 143 26.08 -3.05 28.66
CA PRO A 143 26.86 -3.37 27.49
C PRO A 143 26.04 -4.05 26.45
N PHE A 144 26.24 -3.61 25.22
CA PHE A 144 25.54 -4.20 24.11
C PHE A 144 26.19 -5.51 23.75
N PRO A 145 25.38 -6.54 23.35
CA PRO A 145 25.94 -7.83 22.99
C PRO A 145 26.52 -7.93 21.58
N ASN A 146 27.64 -7.26 21.35
CA ASN A 146 28.36 -7.41 20.11
C ASN A 146 29.20 -8.67 20.14
N PRO A 147 29.53 -9.21 18.97
CA PRO A 147 30.33 -10.42 18.93
C PRO A 147 31.63 -10.37 19.77
N LEU A 148 31.95 -11.45 20.46
CA LEU A 148 33.20 -11.58 21.10
C LEU A 148 33.43 -10.46 22.06
N THR A 149 32.43 -10.13 22.88
CA THR A 149 32.56 -9.21 23.97
C THR A 149 32.10 -9.95 25.22
N PRO A 150 32.45 -9.44 26.42
CA PRO A 150 31.88 -10.04 27.63
C PRO A 150 30.33 -10.06 27.60
N ALA A 151 29.72 -9.09 26.90
CA ALA A 151 28.24 -9.07 26.82
C ALA A 151 27.63 -10.22 26.00
N SER A 152 28.43 -10.90 25.20
CA SER A 152 27.94 -11.96 24.34
C SER A 152 28.68 -13.24 24.67
N ARG A 153 27.96 -14.33 24.80
CA ARG A 153 28.60 -15.55 25.28
C ARG A 153 29.36 -16.22 24.12
N SER A 154 28.84 -16.10 22.91
CA SER A 154 29.40 -16.78 21.79
C SER A 154 28.92 -16.12 20.51
N THR A 155 29.70 -16.39 19.47
CA THR A 155 29.51 -15.88 18.13
C THR A 155 29.68 -17.02 17.15
N VAL A 156 28.85 -17.00 16.10
CA VAL A 156 28.92 -17.97 15.03
C VAL A 156 29.14 -17.21 13.78
N ILE A 157 30.14 -17.62 13.02
CA ILE A 157 30.43 -17.04 11.72
C ILE A 157 30.05 -18.06 10.70
N ASP A 158 29.24 -17.68 9.74
CA ASP A 158 28.84 -18.65 8.73
C ASP A 158 29.07 -18.09 7.37
N LEU A 159 30.06 -18.63 6.66
CA LEU A 159 30.43 -18.15 5.31
C LEU A 159 30.58 -19.25 4.34
N GLU A 160 29.89 -19.12 3.21
CA GLU A 160 29.94 -20.13 2.13
C GLU A 160 29.74 -21.54 2.68
N GLY A 161 28.78 -21.64 3.61
CA GLY A 161 28.39 -22.93 4.15
C GLY A 161 29.37 -23.44 5.20
N GLN A 162 30.38 -22.67 5.55
CA GLN A 162 31.37 -23.16 6.52
C GLN A 162 31.07 -22.33 7.78
N THR A 163 30.78 -23.05 8.85
CA THR A 163 30.29 -22.52 10.09
C THR A 163 31.32 -22.67 11.21
N TYR A 164 31.66 -21.57 11.88
CA TYR A 164 32.68 -21.55 12.95
C TYR A 164 32.04 -20.98 14.20
N TYR A 165 32.33 -21.62 15.31
CA TYR A 165 31.78 -21.24 16.60
C TYR A 165 32.92 -20.80 17.50
N ALA A 166 32.71 -19.77 18.32
CA ALA A 166 33.78 -19.17 19.08
C ALA A 166 33.23 -18.49 20.29
N GLU A 167 33.83 -18.77 21.45
CA GLU A 167 33.53 -18.03 22.70
C GLU A 167 34.59 -16.98 23.00
N LYS A 168 35.74 -17.09 22.33
CA LYS A 168 36.76 -16.04 22.33
C LYS A 168 37.40 -16.02 20.96
N ALA A 169 38.07 -14.92 20.63
CA ALA A 169 38.67 -14.73 19.34
C ALA A 169 39.66 -15.82 18.94
N ALA A 170 40.39 -16.34 19.91
CA ALA A 170 41.31 -17.47 19.62
C ALA A 170 40.66 -18.77 19.15
N ASP A 171 39.35 -18.98 19.39
CA ASP A 171 38.70 -20.19 18.87
C ASP A 171 38.55 -20.15 17.34
N LEU A 172 38.81 -19.02 16.71
CA LEU A 172 38.55 -18.92 15.26
C LEU A 172 39.79 -19.39 14.50
N PRO A 173 39.61 -19.87 13.24
CA PRO A 173 40.73 -20.21 12.37
C PRO A 173 41.62 -19.03 12.07
N ALA A 174 42.84 -19.32 11.60
CA ALA A 174 43.91 -18.31 11.49
C ALA A 174 43.56 -17.15 10.60
N LEU A 175 42.88 -17.42 9.48
CA LEU A 175 42.49 -16.34 8.55
C LEU A 175 41.84 -15.11 9.23
N PHE A 176 40.91 -15.34 10.16
CA PHE A 176 40.27 -14.27 10.93
C PHE A 176 41.25 -13.42 11.74
N GLN A 177 42.25 -14.06 12.36
CA GLN A 177 43.27 -13.27 13.03
C GLN A 177 44.14 -12.48 12.02
N GLU A 178 44.49 -13.13 10.90
CA GLU A 178 45.22 -12.44 9.82
C GLU A 178 44.49 -11.21 9.31
N VAL A 179 43.17 -11.31 9.21
CA VAL A 179 42.32 -10.17 8.79
C VAL A 179 42.38 -9.07 9.86
N THR A 180 42.14 -9.39 11.13
CA THR A 180 42.20 -8.34 12.16
C THR A 180 43.56 -7.64 12.20
N ASP A 181 44.63 -8.42 12.11
CA ASP A 181 45.98 -7.87 12.13
C ASP A 181 46.23 -6.97 10.97
N ALA A 182 45.77 -7.37 9.78
CA ALA A 182 45.96 -6.53 8.60
C ALA A 182 45.19 -5.20 8.73
N TRP A 183 43.99 -5.29 9.28
CA TRP A 183 43.16 -4.09 9.50
C TRP A 183 43.84 -3.18 10.49
N ALA A 184 44.28 -3.71 11.64
CA ALA A 184 44.98 -2.86 12.60
C ALA A 184 46.22 -2.24 11.97
N ASP A 185 46.98 -3.03 11.19
CA ASP A 185 48.17 -2.48 10.54
C ASP A 185 47.86 -1.42 9.54
N ALA A 186 46.78 -1.60 8.77
CA ALA A 186 46.47 -0.59 7.71
C ALA A 186 46.12 0.76 8.35
N LEU A 187 45.39 0.71 9.45
CA LEU A 187 45.05 1.91 10.17
C LEU A 187 46.30 2.63 10.75
N GLU A 188 47.23 1.88 11.35
CA GLU A 188 48.45 2.42 11.98
C GLU A 188 49.39 3.02 10.91
N SER A 189 49.70 2.23 9.88
CA SER A 189 50.58 2.66 8.80
C SER A 189 49.94 3.76 8.00
N GLY A 190 48.63 3.62 7.75
CA GLY A 190 47.93 4.45 6.76
C GLY A 190 47.31 5.73 7.30
N ALA A 191 47.07 5.81 8.61
CA ALA A 191 46.25 6.88 9.13
C ALA A 191 46.83 7.48 10.37
N ARG A 192 47.96 6.93 10.80
CA ARG A 192 48.57 7.24 12.10
C ARG A 192 47.57 7.09 13.22
N PHE A 193 46.86 5.96 13.20
CA PHE A 193 45.80 5.67 14.19
C PHE A 193 46.28 5.96 15.65
N GLY A 194 47.42 5.39 16.04
CA GLY A 194 47.89 5.50 17.47
C GLY A 194 48.06 6.93 17.92
N ASP A 195 48.70 7.72 17.08
CA ASP A 195 48.99 9.13 17.35
C ASP A 195 47.70 9.92 17.46
N ILE A 196 46.80 9.69 16.52
CA ILE A 196 45.53 10.39 16.55
C ILE A 196 44.81 10.05 17.85
N GLN A 197 44.73 8.77 18.20
CA GLN A 197 44.00 8.38 19.41
C GLN A 197 44.61 9.03 20.66
N GLN A 198 45.94 9.04 20.75
CA GLN A 198 46.60 9.69 21.90
C GLN A 198 46.23 11.18 21.98
N ALA A 199 46.05 11.83 20.84
CA ALA A 199 45.78 13.28 20.85
C ALA A 199 44.35 13.52 21.26
N ILE A 200 43.52 12.55 20.93
CA ILE A 200 42.11 12.61 21.32
C ILE A 200 42.04 12.49 22.83
N ARG A 201 42.74 11.51 23.38
CA ARG A 201 42.77 11.26 24.81
C ARG A 201 43.18 12.52 25.51
N ASP A 202 44.31 13.06 25.08
CA ASP A 202 44.87 14.24 25.72
C ASP A 202 44.13 15.51 25.44
N ARG A 203 43.19 15.49 24.47
CA ARG A 203 42.54 16.72 23.98
C ARG A 203 43.52 17.78 23.52
N ASP A 204 44.55 17.32 22.84
CA ASP A 204 45.63 18.17 22.34
C ASP A 204 45.19 18.57 20.96
N VAL A 205 44.57 19.75 20.87
CA VAL A 205 43.90 20.22 19.64
C VAL A 205 44.87 20.48 18.54
N PRO A 206 45.96 21.25 18.83
CA PRO A 206 46.91 21.53 17.73
C PRO A 206 47.40 20.24 17.09
N ARG A 207 47.77 19.26 17.93
CA ARG A 207 48.31 18.01 17.43
C ARG A 207 47.27 17.20 16.62
N LEU A 208 46.07 17.06 17.19
CA LEU A 208 45.01 16.31 16.53
C LEU A 208 44.70 16.92 15.17
N LYS A 209 44.60 18.25 15.10
CA LYS A 209 44.28 18.90 13.86
C LYS A 209 45.39 18.74 12.82
N GLU A 210 46.63 18.77 13.24
CA GLU A 210 47.78 18.59 12.33
C GLU A 210 47.68 17.19 11.70
N LEU A 211 47.42 16.23 12.55
CA LEU A 211 47.38 14.82 12.17
C LEU A 211 46.18 14.53 11.28
N TRP A 212 45.04 15.12 11.62
CA TRP A 212 43.79 14.92 10.89
C TRP A 212 43.76 15.69 9.57
N ASN A 213 44.20 16.95 9.63
CA ASN A 213 44.12 17.80 8.47
C ASN A 213 44.93 17.25 7.32
N THR A 214 46.03 16.54 7.62
CA THR A 214 46.82 15.84 6.61
C THR A 214 46.03 14.75 5.86
N LEU A 215 45.23 14.01 6.62
CA LEU A 215 44.39 12.96 6.03
C LEU A 215 43.23 13.50 5.16
N VAL A 216 42.70 14.67 5.50
CA VAL A 216 41.50 15.15 4.81
C VAL A 216 41.69 15.17 3.29
N PRO A 217 42.73 15.85 2.76
CA PRO A 217 42.82 15.89 1.28
C PRO A 217 43.28 14.60 0.63
N LEU A 218 43.85 13.72 1.41
CA LEU A 218 44.32 12.45 0.88
C LEU A 218 43.22 11.41 0.79
N TRP A 219 42.14 11.54 1.58
CA TRP A 219 41.11 10.45 1.63
C TRP A 219 39.65 10.84 1.36
N ASP A 220 39.35 12.13 1.20
CA ASP A 220 38.01 12.57 0.81
C ASP A 220 37.58 11.78 -0.39
N ASP A 221 38.45 11.70 -1.41
CA ASP A 221 38.13 11.19 -2.72
C ASP A 221 38.38 9.69 -2.91
N ARG A 222 38.70 8.99 -1.82
CA ARG A 222 38.96 7.54 -1.93
C ARG A 222 38.01 6.75 -1.03
N THR A 223 37.74 5.49 -1.33
CA THR A 223 36.72 4.75 -0.59
C THR A 223 37.40 3.92 0.51
N PHE A 224 36.57 3.53 1.50
CA PHE A 224 36.87 2.45 2.43
C PHE A 224 37.50 1.23 1.72
N TYR A 225 36.87 0.77 0.67
CA TYR A 225 37.39 -0.39 -0.03
C TYR A 225 38.79 -0.12 -0.61
N ASP A 226 38.96 1.01 -1.23
CA ASP A 226 40.31 1.40 -1.75
C ASP A 226 41.37 1.46 -0.60
N PHE A 227 41.00 2.10 0.50
CA PHE A 227 41.91 2.08 1.64
C PHE A 227 42.32 0.68 1.95
N VAL A 228 41.41 -0.26 2.02
CA VAL A 228 41.74 -1.60 2.46
C VAL A 228 42.62 -2.33 1.42
N ALA A 229 42.17 -2.36 0.19
CA ALA A 229 42.83 -3.18 -0.84
C ALA A 229 44.20 -2.67 -1.21
N THR A 230 44.41 -1.37 -1.27
CA THR A 230 45.73 -0.84 -1.53
C THR A 230 46.63 -0.77 -0.26
N SER A 231 46.14 -1.07 0.90
CA SER A 231 47.03 -1.02 2.07
C SER A 231 48.05 -2.16 1.94
N LYS A 232 49.22 -1.94 2.44
CA LYS A 232 50.29 -2.97 2.42
C LYS A 232 49.81 -4.35 2.94
N ALA A 233 49.20 -4.32 4.11
CA ALA A 233 48.72 -5.53 4.79
C ALA A 233 47.70 -6.33 3.98
N PHE A 234 46.69 -5.68 3.41
CA PHE A 234 45.75 -6.40 2.62
C PHE A 234 46.27 -6.71 1.21
N ALA A 235 47.17 -5.90 0.66
CA ALA A 235 47.61 -6.11 -0.71
C ALA A 235 48.41 -7.38 -0.91
N LYS A 236 49.12 -7.79 0.13
CA LYS A 236 49.82 -9.07 0.13
C LYS A 236 48.97 -10.29 0.53
N LEU A 237 47.70 -10.07 0.95
CA LEU A 237 46.81 -11.18 1.27
C LEU A 237 45.91 -11.45 0.10
N SER A 238 45.23 -12.58 0.14
CA SER A 238 44.29 -12.98 -0.93
C SER A 238 43.08 -12.02 -1.00
N PHE A 239 42.41 -11.99 -2.15
CA PHE A 239 41.12 -11.33 -2.24
C PHE A 239 40.15 -11.72 -1.13
N GLN A 240 40.09 -13.02 -0.89
CA GLN A 240 39.24 -13.61 0.06
C GLN A 240 39.41 -12.96 1.46
N HIS A 241 40.65 -12.64 1.86
CA HIS A 241 40.83 -11.96 3.14
C HIS A 241 40.05 -10.63 3.25
N ARG A 242 40.07 -9.80 2.21
CA ARG A 242 39.32 -8.49 2.30
C ARG A 242 37.81 -8.74 2.13
N GLU A 243 37.48 -9.75 1.34
CA GLU A 243 36.10 -10.23 1.22
C GLU A 243 35.50 -10.64 2.55
N VAL A 244 36.22 -11.55 3.22
CA VAL A 244 35.86 -11.99 4.58
C VAL A 244 35.79 -10.78 5.49
N PHE A 245 36.75 -9.87 5.37
CA PHE A 245 36.70 -8.62 6.19
C PHE A 245 35.38 -7.85 5.96
N GLY A 246 34.94 -7.73 4.69
CA GLY A 246 33.64 -7.14 4.36
C GLY A 246 32.46 -7.83 5.01
N GLN A 247 32.46 -9.17 5.02
CA GLN A 247 31.30 -9.95 5.50
C GLN A 247 31.25 -10.05 7.02
N VAL A 248 32.39 -10.12 7.70
CA VAL A 248 32.42 -10.34 9.18
C VAL A 248 32.87 -9.13 10.03
N GLY A 249 33.66 -8.22 9.45
CA GLY A 249 33.92 -6.92 10.08
C GLY A 249 34.96 -7.01 11.21
N PHE A 250 34.88 -6.03 12.09
CA PHE A 250 35.94 -5.69 13.08
C PHE A 250 35.33 -5.36 14.45
N GLY A 251 34.22 -6.01 14.79
CA GLY A 251 33.56 -5.85 16.11
C GLY A 251 32.05 -5.62 16.11
N THR A 252 31.49 -5.17 15.00
CA THR A 252 30.06 -4.74 14.92
C THR A 252 29.40 -5.15 13.60
N GLY A 253 29.82 -6.30 13.12
CA GLY A 253 29.20 -6.92 11.99
C GLY A 253 29.95 -6.56 10.73
N GLY A 254 29.51 -7.13 9.63
CA GLY A 254 30.15 -6.84 8.34
C GLY A 254 29.83 -5.48 7.77
N TRP A 255 30.87 -4.74 7.38
CA TRP A 255 30.64 -3.42 6.82
C TRP A 255 30.89 -3.34 5.31
N ASP A 256 30.71 -4.42 4.57
CA ASP A 256 30.82 -4.32 3.09
C ASP A 256 29.86 -3.28 2.55
N SER A 257 28.72 -3.10 3.20
CA SER A 257 27.79 -2.04 2.82
C SER A 257 28.44 -0.64 2.65
N ASP A 258 29.46 -0.37 3.48
CA ASP A 258 30.19 0.90 3.54
C ASP A 258 31.51 0.94 2.77
N PHE A 259 31.94 -0.18 2.17
CA PHE A 259 33.05 -0.16 1.21
C PHE A 259 33.03 1.07 0.27
N PRO A 260 31.85 1.46 -0.21
CA PRO A 260 31.79 2.63 -1.08
C PRO A 260 32.01 4.00 -0.43
N ASN A 261 31.86 4.08 0.89
CA ASN A 261 31.86 5.37 1.54
C ASN A 261 33.21 5.94 1.50
N SER A 262 33.31 7.27 1.61
CA SER A 262 34.63 7.92 1.79
C SER A 262 35.37 7.37 3.00
N MET A 263 36.68 7.18 2.92
CA MET A 263 37.41 6.63 4.03
C MET A 263 37.46 7.53 5.22
N LEU A 264 37.36 8.82 5.00
CA LEU A 264 37.28 9.78 6.14
C LEU A 264 36.18 9.46 7.12
N GLU A 265 35.05 9.00 6.62
CA GLU A 265 33.91 8.63 7.49
C GLU A 265 34.29 7.46 8.39
N ILE A 266 34.94 6.49 7.81
CA ILE A 266 35.39 5.33 8.59
C ILE A 266 36.51 5.68 9.57
N PHE A 267 37.41 6.57 9.15
CA PHE A 267 38.50 6.97 9.98
C PHE A 267 37.83 7.54 11.24
N ARG A 268 36.80 8.37 11.03
CA ARG A 268 36.09 8.96 12.16
C ARG A 268 35.49 7.92 13.09
N VAL A 269 34.85 6.90 12.49
CA VAL A 269 34.31 5.79 13.30
C VAL A 269 35.36 5.21 14.27
N VAL A 270 36.51 4.80 13.74
CA VAL A 270 37.45 4.01 14.50
C VAL A 270 38.27 4.85 15.44
N MET A 271 38.61 6.06 14.99
CA MET A 271 39.44 6.91 15.75
C MET A 271 38.79 7.36 17.04
N THR A 272 37.48 7.48 17.03
CA THR A 272 36.73 7.95 18.22
C THR A 272 35.98 6.78 18.92
N ASN A 273 36.38 5.54 18.63
CA ASN A 273 35.83 4.32 19.23
C ASN A 273 34.28 4.21 19.11
N CYS A 274 33.72 4.68 18.01
CA CYS A 274 32.29 4.56 17.82
C CYS A 274 31.94 3.05 17.70
N ASP A 275 32.90 2.28 17.18
CA ASP A 275 32.70 0.86 16.94
C ASP A 275 33.09 -0.06 18.10
N ASP A 276 33.19 0.47 19.32
CA ASP A 276 33.61 -0.31 20.47
C ASP A 276 32.94 0.27 21.72
N HIS A 277 32.92 -0.52 22.77
CA HIS A 277 32.39 -0.13 24.04
C HIS A 277 31.00 0.56 23.96
N GLN A 278 30.06 -0.19 23.39
CA GLN A 278 28.73 0.31 23.13
C GLN A 278 27.77 -0.22 24.17
N HIS A 279 26.84 0.63 24.61
CA HIS A 279 25.75 0.22 25.49
C HIS A 279 24.37 0.37 24.79
N LEU A 280 23.39 -0.48 25.21
CA LEU A 280 21.93 -0.27 24.90
C LEU A 280 21.32 0.42 26.14
N VAL A 281 20.26 1.17 25.92
CA VAL A 281 19.55 1.90 27.05
C VAL A 281 18.50 0.97 27.57
N VAL A 282 18.58 0.61 28.84
CA VAL A 282 17.58 -0.36 29.39
C VAL A 282 16.17 0.24 29.29
N GLY A 283 15.21 -0.53 28.75
CA GLY A 283 13.87 -0.05 28.47
C GLY A 283 13.71 0.68 27.13
N GLY A 284 14.79 0.86 26.38
CA GLY A 284 14.66 1.57 25.12
C GLY A 284 15.18 2.99 25.13
N VAL A 285 16.05 3.22 24.17
CA VAL A 285 16.63 4.53 23.92
C VAL A 285 15.56 5.61 23.59
N GLU A 286 14.34 5.22 23.21
CA GLU A 286 13.29 6.23 22.98
C GLU A 286 12.97 7.01 24.24
N GLN A 287 13.28 6.43 25.38
CA GLN A 287 13.22 7.16 26.67
C GLN A 287 14.10 8.40 26.71
N VAL A 288 15.11 8.51 25.88
CA VAL A 288 15.90 9.78 25.85
C VAL A 288 15.10 10.99 25.31
N PRO A 289 14.67 10.96 24.04
CA PRO A 289 13.80 12.06 23.59
C PRO A 289 12.49 12.28 24.47
N GLN A 290 11.86 11.20 24.87
CA GLN A 290 10.56 11.28 25.55
C GLN A 290 10.80 11.93 26.91
N GLY A 291 11.96 11.59 27.52
CA GLY A 291 12.43 12.18 28.82
C GLY A 291 12.89 13.63 28.71
N ILE A 292 13.60 13.99 27.64
CA ILE A 292 13.93 15.42 27.41
C ILE A 292 12.67 16.27 27.23
N TRP A 293 11.70 15.72 26.51
CA TRP A 293 10.38 16.32 26.36
C TRP A 293 9.78 16.70 27.66
N ARG A 294 9.94 15.83 28.64
CA ARG A 294 9.17 15.99 29.89
C ARG A 294 10.01 16.58 30.97
N HIS A 295 11.31 16.68 30.75
CA HIS A 295 12.23 17.09 31.79
C HIS A 295 12.09 18.56 32.19
N VAL A 296 12.10 18.77 33.52
CA VAL A 296 11.96 20.08 34.14
C VAL A 296 13.30 20.45 34.68
N PRO A 297 14.00 21.43 34.06
CA PRO A 297 15.25 21.86 34.69
C PRO A 297 15.03 22.67 35.98
N GLU A 298 15.99 22.60 36.89
CA GLU A 298 15.93 23.41 38.11
C GLU A 298 15.91 24.91 37.76
N ARG A 299 16.82 25.31 36.87
N ARG A 299 16.81 25.32 36.86
CA ARG A 299 17.01 26.73 36.48
CA ARG A 299 17.02 26.72 36.48
C ARG A 299 16.80 26.97 34.98
C ARG A 299 16.81 26.98 34.98
N CYS A 300 15.67 27.59 34.62
CA CYS A 300 15.51 28.23 33.29
C CYS A 300 15.54 29.74 33.46
N ALA A 301 16.09 30.45 32.48
CA ALA A 301 15.79 31.88 32.33
C ALA A 301 14.30 32.02 32.00
N HIS A 302 13.67 33.11 32.48
CA HIS A 302 12.32 33.55 32.09
C HIS A 302 11.14 32.74 32.62
N TRP A 303 11.21 31.44 32.40
CA TRP A 303 10.08 30.55 32.61
C TRP A 303 9.92 30.26 34.10
N PRO A 304 8.67 30.07 34.53
CA PRO A 304 8.43 29.72 35.93
C PRO A 304 8.85 28.28 36.26
N GLU A 305 9.11 28.08 37.53
CA GLU A 305 9.46 26.78 38.05
C GLU A 305 8.46 25.75 37.54
N GLY A 306 8.90 24.55 37.27
CA GLY A 306 8.01 23.49 36.79
C GLY A 306 7.84 23.49 35.28
N THR A 307 8.52 24.38 34.58
CA THR A 307 8.37 24.44 33.14
C THR A 307 9.11 23.28 32.47
N SER A 308 8.47 22.64 31.49
CA SER A 308 9.11 21.64 30.63
C SER A 308 8.77 21.93 29.19
N LEU A 309 9.41 21.23 28.23
CA LEU A 309 9.01 21.40 26.83
C LEU A 309 7.56 21.01 26.71
N SER A 310 7.18 19.92 27.36
CA SER A 310 5.80 19.46 27.28
C SER A 310 4.80 20.50 27.82
N SER A 311 5.11 21.10 28.98
CA SER A 311 4.18 22.13 29.54
C SER A 311 4.06 23.36 28.62
N LEU A 312 5.19 23.82 28.12
CA LEU A 312 5.20 24.88 27.06
C LEU A 312 4.42 24.54 25.81
N HIS A 313 4.29 23.27 25.48
CA HIS A 313 3.54 22.90 24.26
C HIS A 313 2.09 22.55 24.51
N GLY A 314 1.71 22.48 25.79
CA GLY A 314 0.41 21.86 26.15
C GLY A 314 0.40 20.36 25.81
N GLY A 315 1.57 19.72 25.72
CA GLY A 315 1.65 18.29 25.75
C GLY A 315 2.26 17.64 24.53
N ALA A 316 2.03 18.23 23.35
CA ALA A 316 2.49 17.63 22.10
C ALA A 316 3.22 18.65 21.22
N PRO A 317 4.14 18.19 20.35
CA PRO A 317 4.65 19.04 19.31
C PRO A 317 3.51 19.39 18.39
N ARG A 318 3.68 20.42 17.60
CA ARG A 318 2.72 20.66 16.54
C ARG A 318 2.76 19.55 15.49
N THR A 319 1.84 19.62 14.53
CA THR A 319 1.88 18.64 13.45
C THR A 319 3.03 18.87 12.45
N GLY A 320 3.09 18.08 11.38
CA GLY A 320 4.12 18.28 10.36
C GLY A 320 4.14 19.64 9.65
N VAL A 321 5.35 20.05 9.27
CA VAL A 321 5.56 21.26 8.49
C VAL A 321 5.39 20.97 6.99
N LYS A 322 4.68 21.83 6.29
CA LYS A 322 4.45 21.72 4.84
C LYS A 322 5.21 22.80 4.05
N ARG A 323 5.46 23.94 4.67
CA ARG A 323 6.05 25.05 3.95
C ARG A 323 6.85 25.94 4.87
N ILE A 324 8.01 26.38 4.39
CA ILE A 324 8.79 27.45 5.03
C ILE A 324 9.10 28.53 4.00
N ALA A 325 8.77 29.78 4.34
CA ALA A 325 9.03 30.92 3.48
C ALA A 325 9.39 32.18 4.29
N ARG A 326 10.00 33.14 3.58
CA ARG A 326 10.31 34.43 4.14
C ARG A 326 9.06 35.30 4.03
N ALA A 327 8.58 35.81 5.15
CA ALA A 327 7.39 36.65 5.17
C ALA A 327 7.78 38.10 4.89
N SER A 328 6.85 38.92 4.42
CA SER A 328 7.23 40.28 4.03
C SER A 328 7.76 41.03 5.22
N ASP A 329 7.39 40.63 6.43
CA ASP A 329 7.94 41.29 7.63
C ASP A 329 9.35 40.83 8.06
N GLY A 330 10.01 39.99 7.25
CA GLY A 330 11.42 39.52 7.50
C GLY A 330 11.52 38.26 8.40
N ARG A 331 10.43 37.89 9.03
CA ARG A 331 10.37 36.64 9.74
C ARG A 331 10.13 35.48 8.76
N LEU A 332 10.24 34.29 9.34
CA LEU A 332 10.05 33.03 8.63
C LEU A 332 8.68 32.51 8.98
N ALA A 333 7.90 32.27 7.93
CA ALA A 333 6.56 31.76 8.00
C ALA A 333 6.62 30.26 7.79
N VAL A 334 6.06 29.56 8.76
CA VAL A 334 5.94 28.11 8.81
C VAL A 334 4.46 27.72 8.76
N THR A 335 4.09 26.95 7.74
CA THR A 335 2.73 26.49 7.55
C THR A 335 2.69 24.98 7.81
N ASP A 336 1.80 24.56 8.69
CA ASP A 336 1.65 23.13 8.95
C ASP A 336 0.75 22.43 7.94
N ASN A 337 0.68 21.10 8.05
CA ASN A 337 -0.27 20.20 7.31
C ASN A 337 -1.67 20.72 7.11
N TRP A 338 -2.23 21.39 8.13
CA TRP A 338 -3.63 21.84 8.10
C TRP A 338 -3.75 23.33 7.72
N GLY A 339 -2.65 23.91 7.22
CA GLY A 339 -2.66 25.30 6.72
C GLY A 339 -2.45 26.39 7.77
N ASP A 340 -2.21 26.01 9.01
CA ASP A 340 -1.90 26.99 10.05
C ASP A 340 -0.49 27.59 9.84
N CYS A 341 -0.43 28.91 9.75
CA CYS A 341 0.78 29.65 9.40
C CYS A 341 1.19 30.46 10.58
N ARG A 342 2.43 30.32 11.00
CA ARG A 342 2.94 31.01 12.19
C ARG A 342 4.33 31.55 11.86
N HIS A 343 4.66 32.70 12.43
CA HIS A 343 5.87 33.46 12.08
C HIS A 343 6.91 33.37 13.24
N TYR A 344 8.16 33.28 12.83
CA TYR A 344 9.25 33.11 13.72
C TYR A 344 10.47 33.89 13.26
N ALA A 345 11.24 34.37 14.23
CA ALA A 345 12.52 35.06 13.92
C ALA A 345 13.59 34.06 13.47
N ALA A 346 13.40 32.79 13.81
CA ALA A 346 14.31 31.76 13.41
C ALA A 346 13.63 30.43 13.41
N VAL A 347 14.20 29.57 12.60
CA VAL A 347 13.72 28.22 12.37
C VAL A 347 14.92 27.22 12.33
N LEU A 348 14.84 26.16 13.11
CA LEU A 348 15.79 25.08 13.01
C LEU A 348 15.15 23.90 12.36
N THR A 349 15.75 23.39 11.29
CA THR A 349 15.27 22.16 10.68
C THR A 349 16.20 20.98 10.98
N THR A 350 15.63 19.88 11.47
CA THR A 350 16.41 18.66 11.73
C THR A 350 15.99 17.46 10.93
N CYS A 351 15.05 17.58 10.00
CA CYS A 351 14.68 16.46 9.18
C CYS A 351 15.89 16.13 8.34
N GLN A 352 16.00 14.90 7.87
CA GLN A 352 17.05 14.60 6.85
C GLN A 352 16.88 15.55 5.63
N SER A 353 18.02 15.85 5.03
CA SER A 353 18.21 17.00 4.12
C SER A 353 17.35 16.98 2.89
N TRP A 354 17.00 15.79 2.40
CA TRP A 354 16.14 15.68 1.21
C TRP A 354 14.73 16.22 1.44
N LEU A 355 14.32 16.17 2.69
CA LEU A 355 12.96 16.54 3.03
C LEU A 355 12.67 18.04 2.89
N LEU A 356 13.73 18.82 2.77
CA LEU A 356 13.57 20.22 2.53
C LEU A 356 13.17 20.46 1.07
N THR A 357 13.13 19.40 0.27
CA THR A 357 12.55 19.44 -1.08
C THR A 357 11.30 18.54 -1.15
N THR A 358 11.39 17.32 -0.63
CA THR A 358 10.32 16.32 -0.89
C THR A 358 9.12 16.44 0.03
N GLN A 359 9.34 16.98 1.21
CA GLN A 359 8.30 16.97 2.22
C GLN A 359 7.91 18.38 2.67
N ILE A 360 8.78 19.35 2.50
CA ILE A 360 8.52 20.72 2.82
C ILE A 360 8.78 21.56 1.58
N ASP A 361 7.91 22.51 1.31
CA ASP A 361 8.17 23.47 0.29
C ASP A 361 8.96 24.61 0.98
N CYS A 362 10.29 24.50 0.91
CA CYS A 362 11.20 25.45 1.52
C CYS A 362 11.61 26.44 0.45
N GLU A 363 11.17 27.70 0.58
CA GLU A 363 11.54 28.73 -0.35
C GLU A 363 13.03 28.72 -0.69
N GLU A 364 13.33 28.71 -1.98
CA GLU A 364 14.69 28.49 -2.42
C GLU A 364 15.72 29.55 -1.92
N SER A 365 15.31 30.80 -1.89
CA SER A 365 16.19 31.90 -1.53
C SER A 365 16.63 31.82 -0.07
N LEU A 366 16.08 30.88 0.71
CA LEU A 366 16.49 30.70 2.13
C LEU A 366 17.82 29.99 2.28
N PHE A 367 18.22 29.26 1.25
CA PHE A 367 19.61 28.73 1.24
C PHE A 367 20.38 29.17 0.02
N SER A 368 21.71 29.32 0.18
CA SER A 368 22.57 29.61 -0.93
C SER A 368 22.51 28.46 -1.93
N GLN A 369 22.88 28.75 -3.16
CA GLN A 369 22.90 27.68 -4.22
C GLN A 369 23.98 26.61 -3.85
N LYS A 370 25.09 27.00 -3.22
CA LYS A 370 26.10 26.08 -2.74
C LYS A 370 25.56 25.17 -1.64
N MET A 371 24.78 25.73 -0.73
CA MET A 371 24.09 24.94 0.32
C MET A 371 23.07 23.97 -0.29
N TRP A 372 22.21 24.46 -1.18
CA TRP A 372 21.24 23.54 -1.76
C TRP A 372 21.97 22.33 -2.36
N MET A 373 23.11 22.58 -2.98
CA MET A 373 23.75 21.46 -3.67
C MET A 373 24.22 20.45 -2.63
N ALA A 374 24.72 20.94 -1.51
CA ALA A 374 25.11 20.03 -0.42
C ALA A 374 23.93 19.24 0.05
N LEU A 375 22.83 19.94 0.32
CA LEU A 375 21.62 19.31 0.86
C LEU A 375 21.08 18.26 -0.10
N ASP A 376 21.09 18.61 -1.38
CA ASP A 376 20.49 17.76 -2.39
C ASP A 376 21.38 16.59 -2.83
N ARG A 377 22.72 16.75 -2.79
CA ARG A 377 23.63 15.70 -3.24
C ARG A 377 23.98 14.70 -2.15
N THR A 378 23.68 15.00 -0.89
CA THR A 378 23.98 14.06 0.23
C THR A 378 23.30 12.72 -0.05
N ARG A 379 24.01 11.58 0.08
CA ARG A 379 23.45 10.18 -0.13
C ARG A 379 22.94 9.61 1.16
N TYR A 380 21.74 9.01 1.14
CA TYR A 380 21.27 8.33 2.34
C TYR A 380 21.35 6.82 2.13
N MET A 381 21.76 6.12 3.16
CA MET A 381 21.91 4.67 3.12
C MET A 381 20.64 4.02 3.59
N GLN A 382 20.50 2.75 3.22
CA GLN A 382 19.33 1.95 3.52
C GLN A 382 19.62 1.00 4.68
N SER A 383 18.60 0.78 5.52
CA SER A 383 18.69 -0.20 6.59
C SER A 383 17.31 -0.87 6.88
N SER A 384 17.42 -2.17 7.17
CA SER A 384 16.34 -3.07 7.58
C SER A 384 16.64 -3.69 8.91
N LYS A 385 15.63 -3.80 9.74
CA LYS A 385 15.74 -4.67 10.93
C LYS A 385 14.45 -5.43 11.12
N THR A 386 14.58 -6.74 11.42
CA THR A 386 13.47 -7.64 11.79
C THR A 386 13.69 -8.36 13.13
N PHE A 387 12.69 -8.19 14.00
CA PHE A 387 12.78 -8.54 15.41
C PHE A 387 11.63 -9.52 15.73
N VAL A 388 11.90 -10.50 16.59
CA VAL A 388 10.86 -11.28 17.27
C VAL A 388 11.22 -11.32 18.76
N MET A 389 10.21 -11.67 19.54
CA MET A 389 10.36 -11.89 20.97
C MET A 389 10.34 -13.40 21.24
N VAL A 390 10.99 -13.85 22.32
CA VAL A 390 11.00 -15.29 22.66
C VAL A 390 10.69 -15.46 24.12
N ASP A 391 10.13 -16.62 24.47
CA ASP A 391 9.62 -16.80 25.81
C ASP A 391 10.72 -16.74 26.89
N ARG A 392 11.94 -17.11 26.51
CA ARG A 392 13.10 -17.11 27.44
C ARG A 392 14.38 -17.10 26.58
N PRO A 393 15.53 -16.65 27.13
CA PRO A 393 16.77 -16.68 26.40
C PRO A 393 17.33 -18.10 26.26
N PHE A 394 16.62 -18.92 25.51
CA PHE A 394 16.92 -20.33 25.32
C PHE A 394 18.30 -20.56 24.68
N TRP A 395 18.83 -19.54 24.02
CA TRP A 395 20.10 -19.67 23.34
C TRP A 395 21.26 -19.98 24.28
N LYS A 396 21.10 -19.61 25.56
CA LYS A 396 22.02 -19.90 26.64
C LYS A 396 22.11 -21.36 26.97
N ASP A 397 21.10 -22.15 26.65
CA ASP A 397 21.17 -23.59 26.84
C ASP A 397 22.34 -24.17 26.03
N LYS A 398 22.87 -25.30 26.52
CA LYS A 398 23.98 -26.03 25.89
C LYS A 398 23.52 -27.26 25.15
N ASP A 399 23.99 -27.43 23.91
CA ASP A 399 23.87 -28.71 23.22
C ASP A 399 24.82 -29.68 23.92
N PRO A 400 24.27 -30.73 24.57
CA PRO A 400 25.13 -31.65 25.37
C PRO A 400 26.30 -32.31 24.58
N GLU A 401 26.04 -32.72 23.34
CA GLU A 401 27.04 -33.38 22.47
C GLU A 401 28.23 -32.46 22.23
N THR A 402 27.92 -31.23 21.80
CA THR A 402 28.93 -30.29 21.31
C THR A 402 29.46 -29.35 22.36
N GLY A 403 28.68 -29.11 23.41
CA GLY A 403 29.00 -28.07 24.40
C GLY A 403 28.74 -26.64 23.93
N ARG A 404 28.23 -26.45 22.71
CA ARG A 404 27.87 -25.10 22.21
C ARG A 404 26.57 -24.55 22.80
N ASP A 405 26.47 -23.22 22.88
CA ASP A 405 25.20 -22.53 23.05
C ASP A 405 24.27 -22.96 21.92
N LEU A 406 22.99 -23.08 22.21
CA LEU A 406 22.00 -23.43 21.20
C LEU A 406 21.96 -22.42 20.06
N MET A 407 22.20 -21.15 20.38
CA MET A 407 22.27 -20.09 19.36
C MET A 407 23.28 -19.04 19.79
N SER A 408 23.85 -18.35 18.81
CA SER A 408 24.80 -17.30 19.09
C SER A 408 24.50 -16.02 18.26
N MET A 409 25.23 -14.95 18.58
CA MET A 409 25.36 -13.78 17.76
C MET A 409 25.88 -14.27 16.44
N THR A 410 25.13 -14.02 15.35
CA THR A 410 25.41 -14.68 14.09
C THR A 410 25.85 -13.72 12.98
N LEU A 411 27.02 -13.98 12.41
CA LEU A 411 27.51 -13.25 11.30
C LEU A 411 27.63 -14.20 10.13
N THR A 412 27.06 -13.77 9.00
CA THR A 412 26.89 -14.63 7.89
C THR A 412 26.73 -13.83 6.64
N ASP A 413 27.04 -14.53 5.55
CA ASP A 413 26.80 -14.11 4.21
C ASP A 413 25.41 -14.48 3.73
N ARG A 414 24.65 -15.19 4.55
CA ARG A 414 23.22 -15.34 4.23
C ARG A 414 22.46 -13.98 4.44
N LEU A 415 21.23 -13.93 3.95
CA LEU A 415 20.46 -12.73 3.83
C LEU A 415 20.23 -12.02 5.15
N THR A 416 20.24 -12.72 6.29
CA THR A 416 20.12 -12.09 7.61
C THR A 416 21.28 -11.16 7.96
N ARG A 417 22.49 -11.51 7.51
CA ARG A 417 23.74 -10.81 7.85
C ARG A 417 24.12 -10.84 9.36
N GLY A 418 23.39 -10.08 10.16
CA GLY A 418 23.70 -9.94 11.53
C GLY A 418 22.49 -10.30 12.35
N THR A 419 22.69 -11.23 13.30
CA THR A 419 21.67 -11.61 14.26
C THR A 419 22.11 -11.37 15.71
N TYR A 420 21.25 -10.76 16.50
CA TYR A 420 21.63 -10.21 17.81
C TYR A 420 20.64 -10.73 18.82
N LEU A 421 21.15 -11.14 20.01
CA LEU A 421 20.37 -11.83 21.03
C LEU A 421 20.34 -10.96 22.25
N PHE A 422 19.12 -10.69 22.73
CA PHE A 422 18.95 -9.79 23.86
C PHE A 422 18.38 -10.51 25.08
N ASP A 423 19.20 -10.66 26.10
CA ASP A 423 18.88 -11.38 27.32
C ASP A 423 18.34 -10.36 28.33
N ASN A 424 17.11 -10.55 28.79
CA ASN A 424 16.48 -9.64 29.77
C ASN A 424 16.43 -10.27 31.16
N GLY A 425 17.26 -11.29 31.43
CA GLY A 425 17.17 -12.11 32.66
C GLY A 425 16.47 -13.42 32.35
N ASP A 426 16.91 -14.50 33.02
CA ASP A 426 16.39 -15.88 32.81
C ASP A 426 14.88 -16.01 33.01
N ASP A 427 14.33 -15.14 33.84
CA ASP A 427 12.89 -15.15 34.16
C ASP A 427 12.09 -14.15 33.33
N LYS A 428 12.65 -13.60 32.26
CA LYS A 428 11.89 -12.69 31.38
C LYS A 428 12.06 -13.08 29.91
N PRO A 429 11.19 -12.59 29.02
CA PRO A 429 11.30 -12.97 27.60
C PRO A 429 12.48 -12.32 26.93
N GLY A 430 13.05 -13.00 25.95
CA GLY A 430 14.24 -12.55 25.23
C GLY A 430 13.77 -11.88 23.98
N VAL A 431 14.67 -11.09 23.39
CA VAL A 431 14.45 -10.44 22.12
C VAL A 431 15.55 -10.82 21.15
N ILE A 432 15.16 -11.10 19.92
CA ILE A 432 16.12 -11.46 18.93
C ILE A 432 15.94 -10.53 17.76
N CYS A 433 17.01 -9.82 17.39
CA CYS A 433 17.04 -9.16 16.13
C CYS A 433 17.50 -10.25 15.17
N LEU A 434 16.54 -10.75 14.39
CA LEU A 434 16.78 -11.82 13.46
C LEU A 434 17.70 -11.38 12.33
N SER A 435 17.49 -10.17 11.81
CA SER A 435 18.32 -9.58 10.79
C SER A 435 18.47 -8.07 10.91
N TYR A 436 19.71 -7.62 10.91
CA TYR A 436 20.05 -6.17 10.84
C TYR A 436 20.88 -6.03 9.57
N ALA A 437 20.29 -5.46 8.55
CA ALA A 437 20.92 -5.40 7.24
C ALA A 437 21.17 -3.94 6.88
N TRP A 438 22.22 -3.72 6.08
CA TRP A 438 22.52 -2.42 5.37
C TRP A 438 22.49 -2.49 3.85
N MET A 439 22.15 -1.39 3.24
CA MET A 439 22.34 -1.27 1.78
C MET A 439 21.72 -2.46 1.05
N SER A 440 22.49 -3.20 0.25
CA SER A 440 21.93 -4.18 -0.69
C SER A 440 21.07 -5.22 0.01
N ASP A 441 21.58 -5.68 1.13
CA ASP A 441 20.91 -6.66 1.95
C ASP A 441 19.64 -6.11 2.60
N ALA A 442 19.60 -4.82 2.90
CA ALA A 442 18.35 -4.16 3.25
C ALA A 442 17.40 -4.13 2.06
N LEU A 443 17.89 -3.69 0.91
CA LEU A 443 17.03 -3.57 -0.31
C LEU A 443 16.35 -4.83 -0.75
N LYS A 444 16.97 -5.98 -0.45
CA LYS A 444 16.33 -7.28 -0.63
C LYS A 444 15.02 -7.39 0.06
N MET A 445 14.91 -6.83 1.26
CA MET A 445 13.67 -6.90 2.02
C MET A 445 12.62 -5.83 1.67
N LEU A 446 13.01 -4.72 1.02
CA LEU A 446 12.16 -3.50 0.92
C LEU A 446 10.64 -3.72 0.71
N PRO A 447 10.25 -4.34 -0.37
CA PRO A 447 8.84 -4.49 -0.60
C PRO A 447 8.13 -5.63 0.15
N HIS A 448 8.84 -6.41 0.98
CA HIS A 448 8.24 -7.58 1.58
C HIS A 448 7.63 -7.28 2.94
N PRO A 449 6.46 -7.92 3.21
CA PRO A 449 5.79 -7.70 4.49
C PRO A 449 6.52 -8.41 5.58
N VAL A 450 6.15 -8.10 6.82
CA VAL A 450 6.89 -8.57 7.95
C VAL A 450 6.94 -10.09 7.94
N GLU A 451 5.83 -10.73 7.56
CA GLU A 451 5.71 -12.17 7.67
C GLU A 451 6.71 -12.84 6.78
N LYS A 452 6.96 -12.23 5.63
CA LYS A 452 7.91 -12.76 4.67
C LYS A 452 9.35 -12.56 5.15
N ARG A 453 9.63 -11.39 5.70
CA ARG A 453 10.97 -11.09 6.26
C ARG A 453 11.29 -12.04 7.38
N VAL A 454 10.32 -12.28 8.27
CA VAL A 454 10.55 -13.21 9.35
C VAL A 454 10.86 -14.63 8.79
N GLN A 455 10.10 -15.07 7.79
CA GLN A 455 10.18 -16.44 7.30
C GLN A 455 11.52 -16.65 6.68
N LEU A 456 11.99 -15.65 5.96
CA LEU A 456 13.21 -15.77 5.19
C LEU A 456 14.37 -15.83 6.14
N ALA A 457 14.25 -15.10 7.25
CA ALA A 457 15.29 -15.04 8.26
C ALA A 457 15.40 -16.33 9.01
N LEU A 458 14.24 -16.84 9.43
CA LEU A 458 14.13 -18.14 10.07
C LEU A 458 14.61 -19.28 9.16
N ASP A 459 14.32 -19.23 7.87
CA ASP A 459 14.87 -20.24 6.97
C ASP A 459 16.39 -20.14 6.82
N ALA A 460 16.88 -18.92 6.73
CA ALA A 460 18.31 -18.73 6.70
C ALA A 460 18.97 -19.27 8.00
N LEU A 461 18.36 -18.98 9.16
CA LEU A 461 18.94 -19.41 10.44
C LEU A 461 18.86 -20.93 10.64
N LYS A 462 17.83 -21.58 10.09
CA LYS A 462 17.70 -23.02 10.15
C LYS A 462 18.87 -23.72 9.45
N LYS A 463 19.40 -23.10 8.38
CA LYS A 463 20.57 -23.62 7.68
C LYS A 463 21.81 -23.56 8.59
N ILE A 464 21.94 -22.48 9.32
CA ILE A 464 23.08 -22.29 10.21
C ILE A 464 22.91 -23.09 11.47
N TYR A 465 21.67 -23.21 11.92
CA TYR A 465 21.33 -23.94 13.12
C TYR A 465 20.27 -25.03 12.91
N PRO A 466 20.65 -26.13 12.25
CA PRO A 466 19.61 -27.14 11.92
C PRO A 466 18.91 -27.75 13.13
N LYS A 467 19.59 -27.77 14.28
CA LYS A 467 19.05 -28.41 15.47
C LYS A 467 18.25 -27.47 16.37
N THR A 468 18.35 -26.17 16.15
CA THR A 468 17.67 -25.21 16.99
C THR A 468 16.29 -24.84 16.48
N ASP A 469 15.29 -25.08 17.31
CA ASP A 469 13.91 -24.70 17.05
C ASP A 469 13.62 -23.29 17.59
N ILE A 470 13.90 -22.29 16.79
CA ILE A 470 13.69 -20.91 17.22
C ILE A 470 12.21 -20.64 17.21
N ALA A 471 11.52 -21.00 16.13
CA ALA A 471 10.12 -20.70 15.96
C ALA A 471 9.30 -21.13 17.19
N GLY A 472 9.66 -22.26 17.74
CA GLY A 472 9.00 -22.77 18.94
C GLY A 472 9.07 -21.95 20.21
N HIS A 473 10.04 -21.03 20.28
CA HIS A 473 10.20 -20.08 21.42
C HIS A 473 9.57 -18.69 21.15
N ILE A 474 9.25 -18.45 19.89
CA ILE A 474 8.71 -17.19 19.47
C ILE A 474 7.27 -16.97 19.97
N ILE A 475 7.10 -15.78 20.56
CA ILE A 475 5.82 -15.31 21.08
C ILE A 475 5.68 -13.80 20.80
N GLY A 476 4.48 -13.26 21.04
CA GLY A 476 4.19 -11.87 20.67
C GLY A 476 4.19 -11.71 19.15
N ASP A 477 4.41 -10.47 18.72
CA ASP A 477 4.23 -10.05 17.37
C ASP A 477 5.60 -9.78 16.77
N PRO A 478 5.73 -9.93 15.44
CA PRO A 478 7.02 -9.57 14.78
C PRO A 478 7.08 -8.07 14.48
N ILE A 479 8.26 -7.49 14.41
CA ILE A 479 8.40 -6.04 14.20
C ILE A 479 9.45 -5.83 13.18
N THR A 480 9.13 -5.11 12.12
CA THR A 480 10.14 -4.81 11.11
C THR A 480 10.14 -3.30 10.80
N ILE A 481 11.22 -2.84 10.15
CA ILE A 481 11.35 -1.49 9.60
C ILE A 481 12.25 -1.46 8.40
N SER A 482 11.88 -0.65 7.43
CA SER A 482 12.77 -0.18 6.39
C SER A 482 12.75 1.35 6.40
N TRP A 483 13.87 1.97 6.80
CA TRP A 483 13.89 3.44 6.93
C TRP A 483 13.80 4.18 5.60
N GLU A 484 14.50 3.71 4.59
CA GLU A 484 14.23 4.12 3.20
C GLU A 484 12.82 4.41 2.76
N ALA A 485 11.88 3.60 3.21
CA ALA A 485 10.51 3.58 2.66
C ALA A 485 9.68 4.69 3.26
N ASP A 486 10.09 5.23 4.39
CA ASP A 486 9.28 6.18 5.16
C ASP A 486 9.49 7.61 4.63
N PRO A 487 8.43 8.25 4.14
CA PRO A 487 8.64 9.58 3.51
C PRO A 487 9.22 10.65 4.45
N HIS A 488 9.18 10.43 5.76
CA HIS A 488 9.77 11.35 6.76
C HIS A 488 11.24 11.10 7.08
N PHE A 489 11.89 10.24 6.34
CA PHE A 489 13.30 9.97 6.56
C PHE A 489 14.03 9.80 5.21
N LEU A 490 13.54 8.89 4.39
CA LEU A 490 14.11 8.57 3.09
C LEU A 490 15.49 8.07 3.29
N GLY A 491 15.65 7.20 4.26
CA GLY A 491 16.96 6.65 4.58
C GLY A 491 17.25 6.53 6.05
N ALA A 492 18.16 5.62 6.35
CA ALA A 492 18.54 5.31 7.71
C ALA A 492 19.44 6.36 8.31
N PHE A 493 20.37 6.78 7.47
CA PHE A 493 21.35 7.79 7.81
C PHE A 493 22.15 8.13 6.57
N LYS A 494 22.74 9.32 6.58
CA LYS A 494 23.67 9.69 5.54
C LYS A 494 24.84 8.71 5.44
N GLY A 495 25.35 8.53 4.23
CA GLY A 495 26.68 8.03 4.08
C GLY A 495 27.44 8.87 3.08
N ALA A 496 28.55 9.43 3.52
CA ALA A 496 29.43 10.22 2.67
C ALA A 496 30.11 9.33 1.62
N LEU A 497 29.90 9.68 0.35
CA LEU A 497 30.60 9.09 -0.72
C LEU A 497 31.91 9.89 -0.86
N PRO A 498 32.89 9.34 -1.58
CA PRO A 498 34.08 10.10 -1.91
C PRO A 498 33.80 11.43 -2.62
N GLY A 499 34.44 12.49 -2.17
CA GLY A 499 34.25 13.79 -2.78
C GLY A 499 33.11 14.60 -2.16
N HIS A 500 32.51 14.10 -1.12
CA HIS A 500 31.44 14.83 -0.41
C HIS A 500 31.97 15.63 0.77
N TYR A 501 33.24 15.56 1.12
CA TYR A 501 33.78 16.41 2.19
C TYR A 501 33.31 17.86 2.01
N ARG A 502 33.34 18.37 0.78
CA ARG A 502 33.01 19.81 0.61
C ARG A 502 31.53 20.06 0.96
N TYR A 503 30.66 19.14 0.60
CA TYR A 503 29.24 19.36 0.93
C TYR A 503 29.07 19.37 2.47
N ASN A 504 29.67 18.39 3.13
CA ASN A 504 29.59 18.34 4.62
C ASN A 504 30.11 19.60 5.32
N GLN A 505 31.24 20.10 4.87
CA GLN A 505 31.86 21.27 5.41
C GLN A 505 30.88 22.44 5.28
N ARG A 506 30.24 22.61 4.09
CA ARG A 506 29.23 23.68 4.00
C ARG A 506 28.10 23.54 5.06
N MET A 507 27.51 22.33 5.10
CA MET A 507 26.38 22.07 5.99
C MET A 507 26.78 22.22 7.47
N TYR A 508 27.94 21.71 7.83
CA TYR A 508 28.42 21.78 9.23
C TYR A 508 28.68 23.24 9.70
N ALA A 509 29.09 24.11 8.76
CA ALA A 509 29.40 25.49 9.08
C ALA A 509 28.21 26.46 8.90
N HIS A 510 27.03 25.94 8.54
CA HIS A 510 25.87 26.80 8.19
C HIS A 510 25.27 27.59 9.38
N PHE A 511 25.59 27.10 10.57
CA PHE A 511 25.21 27.84 11.79
C PHE A 511 26.00 29.11 12.08
N MET A 512 27.04 29.38 11.30
CA MET A 512 27.89 30.57 11.43
C MET A 512 27.48 31.47 10.29
N GLN A 513 26.73 32.51 10.61
CA GLN A 513 25.98 33.23 9.61
C GLN A 513 26.41 34.69 9.45
N ALA A 514 27.47 35.10 10.15
CA ALA A 514 27.92 36.50 10.13
C ALA A 514 28.24 37.00 8.75
N GLN A 515 28.59 36.14 7.80
CA GLN A 515 28.89 36.60 6.44
C GLN A 515 27.82 36.19 5.43
N MET A 516 26.68 35.67 5.87
CA MET A 516 25.64 35.29 4.93
C MET A 516 24.86 36.52 4.59
N PRO A 517 24.29 36.57 3.39
CA PRO A 517 23.26 37.61 3.15
C PRO A 517 22.06 37.49 4.10
N VAL A 518 21.44 38.64 4.33
CA VAL A 518 20.33 38.77 5.24
C VAL A 518 19.24 37.74 4.92
N GLU A 519 18.95 37.54 3.62
CA GLU A 519 17.88 36.64 3.18
C GLU A 519 18.09 35.13 3.53
N GLN A 520 19.31 34.77 3.93
CA GLN A 520 19.65 33.41 4.29
C GLN A 520 19.82 33.24 5.80
N ARG A 521 19.74 34.33 6.54
CA ARG A 521 20.00 34.24 7.98
C ARG A 521 18.70 33.87 8.71
N GLY A 522 18.84 33.10 9.78
CA GLY A 522 17.73 32.83 10.70
C GLY A 522 17.19 31.44 10.57
N ILE A 523 17.44 30.84 9.42
CA ILE A 523 17.21 29.45 9.31
C ILE A 523 18.50 28.65 9.62
N PHE A 524 18.33 27.57 10.36
CA PHE A 524 19.41 26.68 10.80
C PHE A 524 19.08 25.21 10.50
N ILE A 525 20.12 24.42 10.43
CA ILE A 525 19.99 22.98 10.32
C ILE A 525 20.84 22.27 11.36
N ALA A 526 20.44 21.03 11.61
CA ALA A 526 21.14 20.15 12.48
C ALA A 526 20.65 18.76 12.23
N GLY A 527 21.37 17.82 12.78
CA GLY A 527 21.15 16.40 12.59
C GLY A 527 22.43 15.63 12.30
N ASP A 528 22.34 14.31 12.46
CA ASP A 528 23.47 13.50 12.13
C ASP A 528 23.82 13.58 10.61
N ASP A 529 22.88 14.04 9.76
CA ASP A 529 23.20 14.29 8.36
C ASP A 529 24.09 15.56 8.18
N VAL A 530 23.95 16.53 9.10
CA VAL A 530 24.77 17.73 9.17
C VAL A 530 26.16 17.38 9.68
N SER A 531 26.20 16.38 10.60
CA SER A 531 27.46 15.98 11.28
C SER A 531 28.43 15.26 10.34
N TRP A 532 29.66 15.05 10.80
CA TRP A 532 30.69 14.34 10.04
C TRP A 532 30.61 12.85 10.37
N THR A 533 29.69 12.48 11.25
CA THR A 533 29.57 11.14 11.70
C THR A 533 28.14 10.66 11.62
N PRO A 534 27.59 10.58 10.39
CA PRO A 534 26.22 10.09 10.29
C PRO A 534 26.13 8.63 10.75
N ALA A 535 24.91 8.23 11.14
CA ALA A 535 24.65 6.93 11.69
C ALA A 535 25.17 6.86 13.16
N TRP A 536 25.45 8.00 13.81
CA TRP A 536 25.87 8.02 15.21
C TRP A 536 25.22 9.14 15.96
N VAL A 537 24.47 8.81 16.99
CA VAL A 537 23.67 9.80 17.67
C VAL A 537 24.48 11.03 18.17
N GLU A 538 25.76 10.86 18.45
CA GLU A 538 26.59 12.00 18.94
C GLU A 538 26.66 13.13 17.92
N GLY A 539 26.69 12.73 16.64
CA GLY A 539 26.68 13.68 15.56
C GLY A 539 25.44 14.55 15.55
N ALA A 540 24.26 13.95 15.81
CA ALA A 540 22.97 14.72 15.96
C ALA A 540 23.03 15.66 17.17
N VAL A 541 23.52 15.17 18.29
CA VAL A 541 23.58 16.06 19.48
C VAL A 541 24.60 17.24 19.31
N GLN A 542 25.80 16.95 18.74
CA GLN A 542 26.81 18.00 18.61
C GLN A 542 26.36 19.07 17.63
N THR A 543 25.91 18.68 16.44
CA THR A 543 25.38 19.68 15.49
C THR A 543 24.20 20.43 16.03
N SER A 544 23.31 19.71 16.74
CA SER A 544 22.23 20.35 17.52
C SER A 544 22.73 21.43 18.45
N LEU A 545 23.79 21.16 19.20
CA LEU A 545 24.36 22.21 20.05
C LEU A 545 25.03 23.36 19.29
N ASN A 546 25.70 23.06 18.18
CA ASN A 546 26.20 24.15 17.33
C ASN A 546 25.05 25.11 16.92
N ALA A 547 23.96 24.53 16.44
CA ALA A 547 22.79 25.31 16.09
C ALA A 547 22.26 26.12 17.29
N VAL A 548 22.24 25.54 18.48
CA VAL A 548 21.86 26.29 19.69
C VAL A 548 22.71 27.58 19.80
N TRP A 549 24.02 27.48 19.60
CA TRP A 549 24.87 28.67 19.65
C TRP A 549 24.50 29.67 18.60
N GLY A 550 24.32 29.15 17.38
CA GLY A 550 23.87 29.96 16.26
C GLY A 550 22.56 30.69 16.53
N ILE A 551 21.56 30.01 17.10
CA ILE A 551 20.27 30.63 17.34
C ILE A 551 20.31 31.71 18.47
N MET A 552 21.03 31.39 19.55
CA MET A 552 21.37 32.31 20.55
C MET A 552 22.02 33.54 19.97
N ASN A 553 23.04 33.33 19.17
CA ASN A 553 23.69 34.45 18.54
C ASN A 553 22.69 35.27 17.70
N HIS A 554 21.76 34.58 17.07
CA HIS A 554 20.79 35.26 16.20
C HIS A 554 19.85 36.17 17.01
N PHE A 555 19.59 35.81 18.26
CA PHE A 555 18.69 36.59 19.10
C PHE A 555 19.51 37.68 19.87
N GLY A 556 20.77 37.89 19.49
CA GLY A 556 21.62 38.90 20.12
C GLY A 556 22.32 38.44 21.39
N GLY A 557 22.36 37.13 21.61
CA GLY A 557 22.95 36.58 22.76
C GLY A 557 24.42 36.26 22.60
N LYS A 558 24.98 35.73 23.69
CA LYS A 558 26.37 35.38 23.69
C LYS A 558 26.62 34.45 24.85
N THR A 559 27.73 33.71 24.76
CA THR A 559 28.14 32.78 25.79
C THR A 559 28.77 33.53 26.91
N HIS A 560 28.83 32.88 28.05
CA HIS A 560 29.48 33.46 29.23
C HIS A 560 30.97 33.43 28.95
N ALA A 561 31.69 34.45 29.42
CA ALA A 561 33.14 34.53 29.22
C ALA A 561 33.92 33.28 29.68
N ASP A 562 33.47 32.61 30.75
CA ASP A 562 34.18 31.42 31.27
C ASP A 562 33.79 30.14 30.57
N ASN A 563 32.81 30.19 29.67
CA ASN A 563 32.29 28.98 29.02
C ASN A 563 31.96 29.21 27.54
N PRO A 564 33.00 29.51 26.74
CA PRO A 564 32.85 29.80 25.29
C PRO A 564 32.26 28.63 24.56
N GLY A 565 31.47 28.88 23.49
CA GLY A 565 30.76 27.81 22.83
C GLY A 565 31.19 27.62 21.38
N PRO A 566 30.49 26.72 20.65
CA PRO A 566 30.95 26.42 19.27
C PRO A 566 31.38 27.62 18.41
N GLY A 567 30.52 28.61 18.32
CA GLY A 567 30.76 29.69 17.34
C GLY A 567 31.79 30.68 17.77
N ASP A 568 32.24 30.58 19.04
CA ASP A 568 33.30 31.40 19.59
C ASP A 568 34.71 30.87 19.23
N VAL A 569 34.82 29.59 18.86
CA VAL A 569 36.09 29.02 18.50
C VAL A 569 36.05 28.41 17.12
N PHE A 570 34.86 28.37 16.52
CA PHE A 570 34.76 27.71 15.21
C PHE A 570 35.79 28.17 14.15
N ASP A 571 36.00 29.48 14.06
CA ASP A 571 36.86 30.01 12.99
C ASP A 571 38.30 29.60 13.16
N GLU A 572 38.71 29.34 14.39
CA GLU A 572 40.07 28.91 14.65
C GLU A 572 40.27 27.36 14.62
N ILE A 573 39.32 26.57 15.11
CA ILE A 573 39.54 25.10 15.11
C ILE A 573 38.52 24.29 14.29
N GLY A 574 37.62 24.95 13.59
CA GLY A 574 36.67 24.21 12.72
C GLY A 574 37.31 23.51 11.52
N GLN A 575 36.49 23.01 10.64
CA GLN A 575 36.91 22.05 9.64
C GLN A 575 37.58 22.88 8.63
N ILE A 576 38.72 22.40 8.21
CA ILE A 576 39.41 22.85 7.01
C ILE A 576 38.48 22.97 5.81
N ALA A 577 38.63 24.05 5.06
CA ALA A 577 38.03 24.21 3.73
C ALA A 577 38.97 23.64 2.70
N LEU A 578 38.47 22.97 1.69
CA LEU A 578 39.31 22.51 0.57
C LEU A 578 39.18 23.48 -0.60
N ALA A 579 40.12 23.39 -1.54
CA ALA A 579 40.17 24.20 -2.77
C ALA A 579 38.95 24.01 -3.65
N ASP A 580 38.69 25.02 -4.47
CA ASP A 580 37.59 24.96 -5.42
C ASP A 580 37.83 23.90 -6.51
N ASN B 25 -21.60 2.46 41.63
CA ASN B 25 -22.92 2.36 40.97
C ASN B 25 -23.15 3.51 40.00
N ARG B 26 -22.96 3.22 38.73
CA ARG B 26 -23.08 4.27 37.73
C ARG B 26 -24.47 4.44 37.19
N HIS B 27 -25.40 3.59 37.60
CA HIS B 27 -26.77 3.65 37.09
C HIS B 27 -27.38 5.00 37.31
N PRO B 28 -28.31 5.41 36.42
CA PRO B 28 -28.97 6.68 36.66
C PRO B 28 -29.62 6.66 38.05
N ALA B 29 -29.57 7.77 38.73
CA ALA B 29 -30.12 7.88 40.07
C ALA B 29 -31.63 8.16 40.01
N ASP B 30 -32.40 7.25 39.43
CA ASP B 30 -33.83 7.53 39.21
C ASP B 30 -34.72 6.78 40.21
N GLY B 31 -34.10 6.19 41.22
CA GLY B 31 -34.85 5.45 42.22
C GLY B 31 -35.42 4.11 41.79
N LYS B 32 -35.12 3.66 40.57
CA LYS B 32 -35.67 2.40 40.08
C LYS B 32 -34.64 1.31 40.11
N LYS B 33 -35.11 0.07 40.05
CA LYS B 33 -34.27 -1.03 39.70
C LYS B 33 -33.71 -0.74 38.28
N PRO B 34 -32.40 -0.95 38.09
CA PRO B 34 -31.77 -0.52 36.83
C PRO B 34 -32.03 -1.38 35.60
N ILE B 35 -32.04 -0.71 34.46
CA ILE B 35 -32.02 -1.40 33.19
C ILE B 35 -30.61 -1.96 33.03
N THR B 36 -30.56 -3.24 32.67
CA THR B 36 -29.31 -3.89 32.31
C THR B 36 -29.47 -4.64 30.99
N ILE B 37 -28.37 -5.18 30.48
CA ILE B 37 -28.41 -6.01 29.26
C ILE B 37 -28.69 -7.45 29.72
N PHE B 38 -29.95 -7.72 29.94
CA PHE B 38 -30.43 -8.94 30.63
C PHE B 38 -31.31 -9.57 29.56
N GLY B 39 -30.72 -10.50 28.84
CA GLY B 39 -31.33 -10.92 27.56
C GLY B 39 -31.52 -9.73 26.56
N PRO B 40 -32.68 -9.62 25.96
CA PRO B 40 -33.83 -10.48 26.22
C PRO B 40 -33.78 -11.89 25.65
N ASP B 41 -32.82 -12.20 24.75
CA ASP B 41 -32.79 -13.53 24.08
C ASP B 41 -32.38 -14.63 25.04
N PHE B 42 -31.39 -14.32 25.87
CA PHE B 42 -30.94 -15.25 26.90
C PHE B 42 -30.81 -14.51 28.19
N PRO B 43 -31.93 -14.38 28.95
CA PRO B 43 -31.90 -13.53 30.08
C PRO B 43 -31.24 -14.25 31.23
N PHE B 44 -29.94 -14.49 31.09
CA PHE B 44 -29.14 -15.04 32.19
C PHE B 44 -28.39 -13.94 32.96
N ALA B 45 -28.43 -13.99 34.30
CA ALA B 45 -27.77 -13.00 35.16
C ALA B 45 -26.26 -13.11 35.21
N PHE B 46 -25.56 -12.71 34.12
CA PHE B 46 -24.10 -12.79 34.08
C PHE B 46 -23.42 -12.07 35.25
N ASP B 47 -23.91 -10.90 35.59
CA ASP B 47 -23.38 -10.17 36.70
C ASP B 47 -23.37 -10.97 38.03
N ASP B 48 -24.55 -11.47 38.42
CA ASP B 48 -24.75 -12.38 39.56
C ASP B 48 -23.83 -13.60 39.52
N TRP B 49 -23.72 -14.23 38.35
CA TRP B 49 -22.82 -15.40 38.21
C TRP B 49 -21.34 -14.98 38.57
N LEU B 50 -20.95 -13.82 38.07
CA LEU B 50 -19.59 -13.35 38.19
C LEU B 50 -19.26 -12.90 39.65
N GLU B 51 -20.27 -12.41 40.36
CA GLU B 51 -20.09 -11.83 41.67
C GLU B 51 -20.34 -12.79 42.80
N HIS B 52 -20.99 -13.90 42.52
CA HIS B 52 -21.24 -14.95 43.49
C HIS B 52 -19.94 -15.51 44.10
N PRO B 53 -19.89 -15.61 45.43
CA PRO B 53 -18.67 -16.00 46.11
C PRO B 53 -18.22 -17.43 45.84
N ALA B 54 -19.12 -18.28 45.40
CA ALA B 54 -18.69 -19.63 45.07
C ALA B 54 -17.73 -19.73 43.86
N GLY B 55 -17.68 -18.70 43.03
CA GLY B 55 -16.93 -18.79 41.75
C GLY B 55 -17.70 -19.52 40.65
N LEU B 56 -17.10 -19.63 39.46
CA LEU B 56 -17.84 -20.10 38.28
C LEU B 56 -17.90 -21.62 38.26
N GLY B 57 -17.23 -22.29 39.19
CA GLY B 57 -17.36 -23.74 39.29
C GLY B 57 -16.01 -24.37 39.41
N SER B 58 -15.91 -25.59 38.98
CA SER B 58 -14.64 -26.29 39.09
C SER B 58 -14.48 -27.31 37.98
N ILE B 59 -13.23 -27.63 37.74
CA ILE B 59 -12.79 -28.70 36.86
C ILE B 59 -12.07 -29.66 37.80
N PRO B 60 -12.23 -30.96 37.58
CA PRO B 60 -11.49 -31.99 38.29
C PRO B 60 -9.98 -31.70 38.39
N ALA B 61 -9.46 -31.78 39.63
CA ALA B 61 -8.06 -31.52 39.90
C ALA B 61 -7.04 -32.21 38.96
N ALA B 62 -7.32 -33.40 38.50
CA ALA B 62 -6.40 -34.14 37.61
C ALA B 62 -6.24 -33.43 36.27
N ARG B 63 -7.17 -32.55 35.91
CA ARG B 63 -7.04 -31.81 34.64
C ARG B 63 -6.36 -30.46 34.88
N HIS B 64 -6.12 -30.07 36.14
CA HIS B 64 -5.48 -28.77 36.41
C HIS B 64 -4.16 -28.64 35.65
N GLY B 65 -3.93 -27.48 35.05
CA GLY B 65 -2.68 -27.22 34.34
C GLY B 65 -2.73 -27.57 32.86
N GLU B 66 -3.75 -28.26 32.37
CA GLU B 66 -3.84 -28.53 30.95
C GLU B 66 -4.16 -27.24 30.19
N GLU B 67 -3.81 -27.24 28.90
CA GLU B 67 -3.86 -26.04 28.10
C GLU B 67 -5.12 -25.98 27.32
N VAL B 68 -5.60 -24.77 27.11
CA VAL B 68 -6.69 -24.49 26.18
C VAL B 68 -6.28 -23.27 25.36
N ALA B 69 -6.36 -23.43 24.04
CA ALA B 69 -6.00 -22.38 23.13
C ALA B 69 -7.11 -21.34 23.02
N ILE B 70 -6.71 -20.10 22.95
CA ILE B 70 -7.64 -19.00 22.78
C ILE B 70 -7.10 -18.13 21.65
N VAL B 71 -7.82 -18.10 20.53
CA VAL B 71 -7.43 -17.30 19.40
C VAL B 71 -8.03 -15.88 19.56
N GLY B 72 -7.19 -14.87 19.63
CA GLY B 72 -7.65 -13.48 19.82
C GLY B 72 -7.44 -13.00 21.25
N ALA B 73 -6.71 -11.90 21.40
CA ALA B 73 -6.56 -11.21 22.69
C ALA B 73 -7.35 -9.93 22.74
N GLY B 74 -8.57 -10.00 22.18
CA GLY B 74 -9.61 -9.01 22.40
C GLY B 74 -10.31 -9.29 23.73
N ILE B 75 -11.36 -8.53 24.02
CA ILE B 75 -12.10 -8.71 25.27
C ILE B 75 -12.68 -10.14 25.53
N ALA B 76 -13.29 -10.76 24.54
CA ALA B 76 -13.79 -12.14 24.67
C ALA B 76 -12.67 -13.15 24.93
N GLY B 77 -11.56 -13.03 24.21
CA GLY B 77 -10.42 -13.93 24.39
C GLY B 77 -9.87 -13.77 25.78
N LEU B 78 -9.78 -12.55 26.27
CA LEU B 78 -9.02 -12.34 27.53
C LEU B 78 -9.90 -12.58 28.74
N VAL B 79 -11.18 -12.22 28.62
CA VAL B 79 -12.17 -12.70 29.58
C VAL B 79 -12.19 -14.23 29.69
N ALA B 80 -12.30 -14.94 28.57
CA ALA B 80 -12.31 -16.43 28.70
C ALA B 80 -11.00 -16.94 29.35
N ALA B 81 -9.86 -16.49 28.83
CA ALA B 81 -8.59 -16.82 29.43
C ALA B 81 -8.53 -16.58 30.96
N TYR B 82 -8.93 -15.38 31.40
CA TYR B 82 -8.82 -15.02 32.85
C TYR B 82 -9.62 -15.98 33.69
N GLU B 83 -10.87 -16.20 33.32
CA GLU B 83 -11.72 -17.08 34.12
C GLU B 83 -11.27 -18.54 34.05
N LEU B 84 -10.78 -19.03 32.92
CA LEU B 84 -10.33 -20.42 32.78
C LEU B 84 -9.06 -20.66 33.60
N MET B 85 -8.17 -19.64 33.64
CA MET B 85 -7.01 -19.65 34.49
C MET B 85 -7.44 -19.79 35.94
N LYS B 86 -8.41 -18.99 36.35
CA LYS B 86 -9.00 -19.16 37.69
C LYS B 86 -9.53 -20.57 37.99
N LEU B 87 -10.07 -21.22 36.94
CA LEU B 87 -10.56 -22.58 37.10
C LEU B 87 -9.43 -23.63 37.11
N GLY B 88 -8.17 -23.20 37.02
CA GLY B 88 -7.00 -24.09 37.17
C GLY B 88 -6.45 -24.63 35.86
N LEU B 89 -6.95 -24.11 34.73
CA LEU B 89 -6.39 -24.42 33.39
C LEU B 89 -5.25 -23.43 33.04
N LYS B 90 -4.47 -23.76 32.01
CA LYS B 90 -3.47 -22.86 31.46
C LYS B 90 -3.98 -22.36 30.11
N PRO B 91 -4.63 -21.20 30.06
CA PRO B 91 -4.98 -20.69 28.75
C PRO B 91 -3.73 -20.35 28.02
N VAL B 92 -3.75 -20.61 26.69
CA VAL B 92 -2.76 -20.14 25.79
C VAL B 92 -3.42 -19.28 24.71
N VAL B 93 -3.23 -17.98 24.87
CA VAL B 93 -3.76 -16.92 24.01
C VAL B 93 -2.85 -16.67 22.81
N TYR B 94 -3.46 -16.56 21.64
CA TYR B 94 -2.75 -16.23 20.43
C TYR B 94 -3.30 -14.86 19.99
N GLU B 95 -2.45 -14.00 19.41
CA GLU B 95 -2.90 -12.68 18.94
C GLU B 95 -2.13 -12.33 17.72
N ALA B 96 -2.82 -12.26 16.58
CA ALA B 96 -2.21 -12.01 15.32
C ALA B 96 -1.84 -10.53 15.07
N SER B 97 -2.48 -9.59 15.75
CA SER B 97 -2.15 -8.15 15.55
C SER B 97 -1.90 -7.40 16.88
N LYS B 98 -2.86 -6.64 17.37
CA LYS B 98 -2.62 -5.95 18.60
C LYS B 98 -3.53 -6.45 19.70
N MET B 99 -2.94 -6.37 20.88
CA MET B 99 -3.57 -6.52 22.13
C MET B 99 -4.84 -5.72 22.25
N GLY B 100 -5.93 -6.32 22.75
CA GLY B 100 -7.22 -5.62 23.00
C GLY B 100 -8.24 -5.59 21.84
N GLY B 101 -7.80 -5.96 20.64
CA GLY B 101 -8.70 -6.00 19.51
C GLY B 101 -9.46 -4.67 19.30
N ARG B 102 -10.77 -4.75 19.25
CA ARG B 102 -11.53 -3.60 19.00
C ARG B 102 -11.76 -2.73 20.22
N LEU B 103 -10.95 -2.93 21.27
CA LEU B 103 -10.80 -1.93 22.29
C LEU B 103 -9.39 -1.45 22.18
N ARG B 104 -9.26 -0.24 21.68
CA ARG B 104 -7.96 0.22 21.21
C ARG B 104 -7.82 1.70 21.48
N SER B 105 -6.79 2.08 22.21
CA SER B 105 -6.66 3.45 22.66
C SER B 105 -5.30 3.96 22.28
N GLN B 106 -5.21 4.69 21.17
CA GLN B 106 -3.92 5.18 20.69
C GLN B 106 -3.52 6.52 21.31
N ALA B 107 -2.34 6.56 21.93
CA ALA B 107 -1.80 7.76 22.52
C ALA B 107 -1.27 8.74 21.44
N PHE B 108 -1.57 10.04 21.62
CA PHE B 108 -1.06 11.07 20.70
C PHE B 108 0.42 11.34 20.96
N ASN B 109 1.16 11.86 19.97
CA ASN B 109 2.58 12.18 20.16
C ASN B 109 2.93 12.90 21.42
N GLY B 110 3.80 12.32 22.22
CA GLY B 110 4.41 13.04 23.36
C GLY B 110 3.58 13.28 24.60
N THR B 111 2.36 12.76 24.61
CA THR B 111 1.44 12.94 25.74
C THR B 111 1.39 11.75 26.69
N ASP B 112 0.82 12.01 27.85
CA ASP B 112 0.50 10.96 28.80
C ASP B 112 -0.99 11.06 29.09
N GLY B 113 -1.68 9.92 28.96
CA GLY B 113 -3.10 9.84 29.28
C GLY B 113 -4.01 10.48 28.28
N ILE B 114 -3.49 10.85 27.12
CA ILE B 114 -4.35 11.50 26.13
C ILE B 114 -4.46 10.62 24.92
N ILE B 115 -5.67 10.08 24.67
CA ILE B 115 -5.86 9.03 23.67
C ILE B 115 -7.02 9.30 22.73
N ALA B 116 -7.00 8.55 21.64
CA ALA B 116 -8.17 8.42 20.78
C ALA B 116 -8.70 7.00 20.86
N GLU B 117 -10.00 6.88 21.13
CA GLU B 117 -10.70 5.59 21.10
C GLU B 117 -11.03 5.16 19.69
N LEU B 118 -10.33 4.15 19.18
CA LEU B 118 -10.47 3.78 17.73
C LEU B 118 -11.53 2.73 17.46
N GLY B 119 -11.81 1.95 18.48
CA GLY B 119 -12.92 1.01 18.46
C GLY B 119 -13.96 1.47 19.47
N GLY B 120 -14.45 0.57 20.29
CA GLY B 120 -15.29 0.92 21.51
C GLY B 120 -14.89 2.19 22.21
N MET B 121 -15.82 3.09 22.40
CA MET B 121 -15.57 4.36 23.12
C MET B 121 -16.63 4.78 24.19
N ARG B 122 -17.87 4.34 24.09
CA ARG B 122 -18.94 4.84 24.92
C ARG B 122 -19.74 3.66 25.41
N PHE B 123 -19.60 3.38 26.70
CA PHE B 123 -20.05 2.14 27.25
C PHE B 123 -21.28 2.29 28.11
N PRO B 124 -22.42 1.84 27.58
CA PRO B 124 -23.65 1.94 28.38
C PRO B 124 -23.49 1.30 29.75
N VAL B 125 -23.91 2.01 30.81
CA VAL B 125 -23.86 1.46 32.19
C VAL B 125 -24.75 0.21 32.43
N SER B 126 -25.73 -0.03 31.55
CA SER B 126 -26.46 -1.27 31.50
C SER B 126 -25.51 -2.48 31.27
N SER B 127 -24.28 -2.22 30.83
CA SER B 127 -23.35 -3.29 30.50
C SER B 127 -22.72 -3.86 31.79
N THR B 128 -23.51 -4.60 32.59
CA THR B 128 -23.01 -4.99 33.92
C THR B 128 -21.83 -6.01 33.86
N ALA B 129 -21.78 -6.89 32.88
CA ALA B 129 -20.72 -7.89 32.88
C ALA B 129 -19.40 -7.25 32.50
N PHE B 130 -19.41 -6.44 31.41
CA PHE B 130 -18.30 -5.49 31.15
C PHE B 130 -17.81 -4.67 32.35
N TYR B 131 -18.73 -4.02 33.06
CA TYR B 131 -18.37 -3.14 34.20
C TYR B 131 -17.83 -3.90 35.41
N HIS B 132 -18.19 -5.18 35.52
CA HIS B 132 -17.55 -6.06 36.51
C HIS B 132 -16.01 -6.04 36.35
N TYR B 133 -15.51 -6.13 35.11
CA TYR B 133 -14.09 -6.14 34.84
C TYR B 133 -13.49 -4.74 34.95
N VAL B 134 -14.25 -3.74 34.52
CA VAL B 134 -13.82 -2.34 34.76
C VAL B 134 -13.54 -2.07 36.24
N ASP B 135 -14.46 -2.48 37.12
CA ASP B 135 -14.32 -2.21 38.57
C ASP B 135 -13.30 -3.13 39.26
N LYS B 136 -13.14 -4.37 38.78
CA LYS B 136 -12.19 -5.26 39.29
C LYS B 136 -10.86 -4.66 39.08
N LEU B 137 -10.70 -3.92 38.01
CA LEU B 137 -9.41 -3.30 37.74
C LEU B 137 -9.23 -1.94 38.44
N GLY B 138 -10.29 -1.39 39.00
CA GLY B 138 -10.24 -0.08 39.67
C GLY B 138 -10.19 1.13 38.74
N LEU B 139 -10.57 0.96 37.48
CA LEU B 139 -10.47 2.02 36.48
C LEU B 139 -11.54 3.07 36.71
N GLU B 140 -11.26 4.29 36.30
CA GLU B 140 -12.20 5.38 36.45
C GLU B 140 -12.92 5.60 35.12
N THR B 141 -14.20 5.94 35.16
CA THR B 141 -15.00 6.28 33.98
C THR B 141 -15.66 7.69 34.17
N LYS B 142 -16.16 8.27 33.08
CA LYS B 142 -17.00 9.47 33.16
C LYS B 142 -18.00 9.55 32.02
N PRO B 143 -19.10 10.30 32.22
CA PRO B 143 -20.16 10.32 31.24
C PRO B 143 -19.59 10.72 29.91
N PHE B 144 -20.00 10.00 28.89
CA PHE B 144 -19.59 10.30 27.56
C PHE B 144 -20.34 11.51 27.07
N PRO B 145 -19.70 12.39 26.25
CA PRO B 145 -20.37 13.61 25.77
C PRO B 145 -21.25 13.43 24.52
N ASN B 146 -22.39 12.74 24.69
CA ASN B 146 -23.36 12.62 23.66
C ASN B 146 -24.22 13.87 23.58
N PRO B 147 -24.81 14.12 22.43
CA PRO B 147 -25.63 15.33 22.26
C PRO B 147 -26.72 15.50 23.35
N LEU B 148 -26.92 16.72 23.82
CA LEU B 148 -27.97 17.00 24.70
C LEU B 148 -27.95 16.17 25.94
N THR B 149 -26.77 15.97 26.55
CA THR B 149 -26.65 15.32 27.83
C THR B 149 -25.97 16.32 28.77
N PRO B 150 -26.04 16.11 30.08
CA PRO B 150 -25.22 16.96 30.95
C PRO B 150 -23.72 16.95 30.59
N ALA B 151 -23.22 15.84 30.02
CA ALA B 151 -21.80 15.77 29.60
C ALA B 151 -21.40 16.67 28.42
N SER B 152 -22.39 17.17 27.70
CA SER B 152 -22.15 17.97 26.51
C SER B 152 -22.83 19.31 26.68
N ARG B 153 -22.14 20.38 26.39
CA ARG B 153 -22.67 21.71 26.68
C ARG B 153 -23.68 22.12 25.60
N SER B 154 -23.44 21.70 24.37
CA SER B 154 -24.25 22.11 23.27
C SER B 154 -24.07 21.19 22.09
N THR B 155 -25.08 21.24 21.24
CA THR B 155 -25.18 20.42 20.04
C THR B 155 -25.60 21.31 18.91
N VAL B 156 -25.03 21.04 17.73
CA VAL B 156 -25.35 21.72 16.51
C VAL B 156 -25.77 20.68 15.54
N ILE B 157 -26.94 20.91 14.95
CA ILE B 157 -27.46 20.04 13.93
C ILE B 157 -27.40 20.79 12.64
N ASP B 158 -26.79 20.21 11.62
CA ASP B 158 -26.67 20.91 10.36
C ASP B 158 -27.18 20.03 9.26
N LEU B 159 -28.33 20.41 8.70
CA LEU B 159 -28.97 19.62 7.62
C LEU B 159 -29.35 20.47 6.48
N GLU B 160 -28.96 20.06 5.28
CA GLU B 160 -29.22 20.83 4.03
C GLU B 160 -28.93 22.34 4.17
N GLY B 161 -27.82 22.64 4.85
CA GLY B 161 -27.33 23.99 4.98
C GLY B 161 -28.12 24.77 6.02
N GLN B 162 -29.01 24.13 6.74
CA GLN B 162 -29.76 24.83 7.78
C GLN B 162 -29.11 24.31 9.08
N THR B 163 -28.63 25.25 9.87
CA THR B 163 -27.87 24.99 11.07
C THR B 163 -28.63 25.41 12.32
N TYR B 164 -28.80 24.49 13.27
CA TYR B 164 -29.55 24.75 14.53
C TYR B 164 -28.63 24.51 15.72
N TYR B 165 -28.68 25.43 16.66
CA TYR B 165 -27.86 25.33 17.87
C TYR B 165 -28.75 25.12 19.08
N ALA B 166 -28.32 24.33 20.05
CA ALA B 166 -29.19 23.95 21.16
C ALA B 166 -28.37 23.56 22.35
N GLU B 167 -28.69 24.12 23.50
CA GLU B 167 -28.10 23.68 24.79
C GLU B 167 -29.02 22.74 25.56
N LYS B 168 -30.30 22.71 25.16
CA LYS B 168 -31.26 21.72 25.64
C LYS B 168 -32.18 21.38 24.47
N ALA B 169 -32.90 20.27 24.58
CA ALA B 169 -33.72 19.78 23.52
C ALA B 169 -34.81 20.78 23.10
N ALA B 170 -35.36 21.51 24.07
CA ALA B 170 -36.35 22.55 23.74
C ALA B 170 -35.84 23.70 22.85
N ASP B 171 -34.53 23.94 22.76
CA ASP B 171 -34.04 24.98 21.84
C ASP B 171 -34.23 24.60 20.36
N LEU B 172 -34.60 23.35 20.06
CA LEU B 172 -34.67 22.93 18.67
C LEU B 172 -36.05 23.24 18.11
N PRO B 173 -36.17 23.39 16.77
CA PRO B 173 -37.46 23.53 16.09
C PRO B 173 -38.39 22.36 16.29
N ALA B 174 -39.69 22.60 16.07
CA ALA B 174 -40.75 21.62 16.42
C ALA B 174 -40.55 20.24 15.76
N LEU B 175 -40.16 20.23 14.50
CA LEU B 175 -39.95 18.94 13.78
C LEU B 175 -39.11 17.90 14.56
N PHE B 176 -38.02 18.33 15.19
CA PHE B 176 -37.19 17.45 16.03
C PHE B 176 -37.93 16.82 17.22
N GLN B 177 -38.77 17.60 17.89
CA GLN B 177 -39.60 17.02 18.93
C GLN B 177 -40.65 16.06 18.33
N GLU B 178 -41.26 16.43 17.21
CA GLU B 178 -42.20 15.53 16.51
C GLU B 178 -41.57 14.17 16.16
N VAL B 179 -40.32 14.21 15.73
CA VAL B 179 -39.55 12.99 15.43
C VAL B 179 -39.32 12.16 16.70
N THR B 180 -38.83 12.78 17.78
CA THR B 180 -38.62 12.00 19.00
C THR B 180 -39.93 11.37 19.49
N ASP B 181 -41.01 12.15 19.48
CA ASP B 181 -42.32 11.64 19.94
C ASP B 181 -42.78 10.48 19.08
N ALA B 182 -42.65 10.60 17.77
CA ALA B 182 -43.06 9.50 16.88
C ALA B 182 -42.21 8.22 17.13
N TRP B 183 -40.93 8.42 17.38
CA TRP B 183 -40.02 7.31 17.68
C TRP B 183 -40.45 6.63 18.97
N ALA B 184 -40.64 7.42 20.02
CA ALA B 184 -41.08 6.84 21.29
C ALA B 184 -42.43 6.15 21.12
N ASP B 185 -43.36 6.76 20.36
CA ASP B 185 -44.65 6.11 20.13
C ASP B 185 -44.52 4.83 19.35
N ALA B 186 -43.64 4.78 18.35
CA ALA B 186 -43.56 3.56 17.51
C ALA B 186 -43.05 2.39 18.33
N LEU B 187 -42.12 2.69 19.22
CA LEU B 187 -41.59 1.69 20.15
C LEU B 187 -42.64 1.17 21.12
N GLU B 188 -43.45 2.05 21.70
CA GLU B 188 -44.47 1.70 22.69
C GLU B 188 -45.58 0.87 22.03
N SER B 189 -46.14 1.41 20.94
CA SER B 189 -47.24 0.76 20.20
C SER B 189 -46.79 -0.50 19.55
N GLY B 190 -45.57 -0.48 19.00
CA GLY B 190 -45.08 -1.53 18.10
C GLY B 190 -44.33 -2.67 18.77
N ALA B 191 -43.79 -2.45 19.97
CA ALA B 191 -42.85 -3.38 20.55
C ALA B 191 -43.09 -3.66 21.99
N ARG B 192 -44.10 -2.99 22.55
CA ARG B 192 -44.39 -2.98 23.97
C ARG B 192 -43.19 -2.59 24.77
N PHE B 193 -42.56 -1.50 24.32
CA PHE B 193 -41.32 -1.01 24.95
C PHE B 193 -41.46 -0.97 26.50
N GLY B 194 -42.50 -0.31 27.02
CA GLY B 194 -42.58 -0.05 28.50
C GLY B 194 -42.57 -1.34 29.30
N ASP B 195 -43.41 -2.27 28.86
CA ASP B 195 -43.60 -3.57 29.51
C ASP B 195 -42.32 -4.37 29.47
N ILE B 196 -41.65 -4.38 28.32
CA ILE B 196 -40.37 -5.09 28.22
C ILE B 196 -39.36 -4.50 29.21
N GLN B 197 -39.25 -3.17 29.24
CA GLN B 197 -38.31 -2.52 30.14
C GLN B 197 -38.60 -2.83 31.60
N GLN B 198 -39.87 -2.79 32.00
CA GLN B 198 -40.21 -3.17 33.41
C GLN B 198 -39.82 -4.63 33.74
N ALA B 199 -39.90 -5.52 32.77
CA ALA B 199 -39.59 -6.92 33.01
C ALA B 199 -38.13 -7.10 33.12
N ILE B 200 -37.40 -6.25 32.40
CA ILE B 200 -35.94 -6.27 32.48
C ILE B 200 -35.54 -5.78 33.86
N ARG B 201 -36.15 -4.70 34.33
CA ARG B 201 -35.86 -4.11 35.63
C ARG B 201 -36.06 -5.13 36.68
N ASP B 202 -37.22 -5.74 36.66
CA ASP B 202 -37.58 -6.73 37.64
C ASP B 202 -36.89 -8.07 37.48
N ARG B 203 -36.21 -8.28 36.34
CA ARG B 203 -35.63 -9.60 36.05
C ARG B 203 -36.65 -10.73 36.09
N ASP B 204 -37.82 -10.42 35.56
CA ASP B 204 -38.96 -11.33 35.52
C ASP B 204 -38.86 -12.06 34.21
N VAL B 205 -38.21 -13.22 34.25
CA VAL B 205 -37.83 -13.98 33.06
C VAL B 205 -38.99 -14.50 32.29
N PRO B 206 -40.01 -15.15 32.97
CA PRO B 206 -41.15 -15.66 32.20
C PRO B 206 -41.82 -14.54 31.40
N ARG B 207 -41.99 -13.37 32.05
CA ARG B 207 -42.70 -12.25 31.44
C ARG B 207 -41.88 -11.67 30.28
N LEU B 208 -40.59 -11.44 30.53
CA LEU B 208 -39.73 -10.89 29.50
C LEU B 208 -39.75 -11.79 28.27
N LYS B 209 -39.62 -13.11 28.46
CA LYS B 209 -39.54 -14.04 27.35
C LYS B 209 -40.86 -14.10 26.55
N GLU B 210 -41.98 -14.00 27.24
CA GLU B 210 -43.29 -14.00 26.59
C GLU B 210 -43.38 -12.76 25.69
N LEU B 211 -42.99 -11.63 26.26
CA LEU B 211 -43.07 -10.36 25.55
C LEU B 211 -42.09 -10.32 24.38
N TRP B 212 -40.90 -10.85 24.59
CA TRP B 212 -39.85 -10.85 23.54
C TRP B 212 -40.12 -11.91 22.45
N ASN B 213 -40.53 -13.11 22.90
CA ASN B 213 -40.64 -14.21 21.98
C ASN B 213 -41.70 -13.94 20.97
N THR B 214 -42.69 -13.12 21.33
CA THR B 214 -43.72 -12.66 20.38
C THR B 214 -43.14 -11.81 19.24
N LEU B 215 -42.18 -10.95 19.58
CA LEU B 215 -41.55 -10.07 18.62
C LEU B 215 -40.61 -10.83 17.66
N VAL B 216 -39.98 -11.88 18.13
CA VAL B 216 -38.96 -12.55 17.32
C VAL B 216 -39.47 -12.92 15.93
N PRO B 217 -40.56 -13.68 15.82
CA PRO B 217 -41.02 -14.04 14.43
C PRO B 217 -41.70 -12.93 13.63
N LEU B 218 -42.10 -11.88 14.30
CA LEU B 218 -42.70 -10.74 13.61
C LEU B 218 -41.61 -9.80 13.03
N TRP B 219 -40.39 -9.76 13.60
CA TRP B 219 -39.39 -8.75 13.16
C TRP B 219 -38.02 -9.25 12.68
N ASP B 220 -37.75 -10.55 12.75
CA ASP B 220 -36.51 -11.08 12.15
C ASP B 220 -36.37 -10.59 10.74
N ASP B 221 -37.45 -10.76 9.96
CA ASP B 221 -37.45 -10.53 8.52
C ASP B 221 -37.76 -9.10 8.04
N ARG B 222 -37.82 -8.16 8.98
CA ARG B 222 -38.18 -6.79 8.61
C ARG B 222 -37.08 -5.82 9.07
N THR B 223 -36.90 -4.73 8.41
CA THR B 223 -35.81 -3.82 8.71
C THR B 223 -36.21 -2.74 9.74
N PHE B 224 -35.18 -2.14 10.37
CA PHE B 224 -35.31 -0.87 11.07
C PHE B 224 -36.11 0.14 10.25
N TYR B 225 -35.73 0.33 9.03
CA TYR B 225 -36.45 1.30 8.20
C TYR B 225 -37.94 0.96 8.09
N ASP B 226 -38.20 -0.27 7.76
CA ASP B 226 -39.59 -0.75 7.68
C ASP B 226 -40.37 -0.49 8.99
N PHE B 227 -39.77 -0.84 10.13
CA PHE B 227 -40.40 -0.56 11.38
C PHE B 227 -40.79 0.90 11.47
N VAL B 228 -39.91 1.79 11.07
CA VAL B 228 -40.16 3.23 11.22
C VAL B 228 -41.28 3.71 10.25
N ALA B 229 -41.11 3.43 8.98
CA ALA B 229 -41.98 3.97 7.97
C ALA B 229 -43.42 3.47 8.07
N THR B 230 -43.61 2.20 8.34
CA THR B 230 -44.95 1.65 8.53
C THR B 230 -45.54 1.90 9.93
N SER B 231 -44.80 2.45 10.88
CA SER B 231 -45.40 2.67 12.19
C SER B 231 -46.43 3.78 12.04
N LYS B 232 -47.46 3.71 12.84
CA LYS B 232 -48.52 4.75 12.83
C LYS B 232 -47.99 6.20 12.89
N ALA B 233 -47.13 6.42 13.88
CA ALA B 233 -46.57 7.73 14.12
C ALA B 233 -45.82 8.30 12.92
N PHE B 234 -44.92 7.52 12.32
CA PHE B 234 -44.18 8.03 11.20
C PHE B 234 -44.99 8.02 9.89
N ALA B 235 -45.97 7.14 9.75
CA ALA B 235 -46.67 7.00 8.49
C ALA B 235 -47.53 8.19 8.22
N LYS B 236 -47.98 8.85 9.27
CA LYS B 236 -48.73 10.10 9.14
C LYS B 236 -47.85 11.37 9.04
N LEU B 237 -46.53 11.23 9.19
CA LEU B 237 -45.60 12.36 9.05
C LEU B 237 -45.01 12.34 7.67
N SER B 238 -44.41 13.46 7.26
CA SER B 238 -43.73 13.56 5.95
C SER B 238 -42.54 12.58 5.87
N PHE B 239 -42.12 12.25 4.65
CA PHE B 239 -40.87 11.53 4.43
C PHE B 239 -39.71 12.15 5.17
N GLN B 240 -39.65 13.47 5.08
CA GLN B 240 -38.60 14.25 5.64
C GLN B 240 -38.43 13.94 7.16
N HIS B 241 -39.53 13.71 7.89
CA HIS B 241 -39.41 13.37 9.29
C HIS B 241 -38.57 12.10 9.52
N ARG B 242 -38.79 11.05 8.73
CA ARG B 242 -38.02 9.80 8.96
C ARG B 242 -36.59 9.97 8.39
N GLU B 243 -36.48 10.80 7.35
CA GLU B 243 -35.19 11.16 6.83
C GLU B 243 -34.31 11.85 7.87
N VAL B 244 -34.90 12.90 8.48
CA VAL B 244 -34.27 13.63 9.58
C VAL B 244 -33.95 12.66 10.70
N PHE B 245 -34.89 11.77 11.02
CA PHE B 245 -34.62 10.74 12.05
C PHE B 245 -33.37 9.92 11.72
N GLY B 246 -33.23 9.48 10.45
CA GLY B 246 -32.00 8.81 10.00
C GLY B 246 -30.70 9.60 10.18
N GLN B 247 -30.74 10.91 9.89
CA GLN B 247 -29.53 11.76 9.90
C GLN B 247 -29.17 12.22 11.32
N VAL B 248 -30.15 12.45 12.19
CA VAL B 248 -29.84 13.00 13.52
C VAL B 248 -30.04 12.05 14.69
N GLY B 249 -30.94 11.07 14.56
CA GLY B 249 -31.04 9.96 15.50
C GLY B 249 -31.79 10.33 16.79
N PHE B 250 -31.47 9.59 17.84
CA PHE B 250 -32.25 9.51 19.09
C PHE B 250 -31.33 9.50 20.33
N GLY B 251 -30.18 10.15 20.23
CA GLY B 251 -29.25 10.29 21.37
C GLY B 251 -27.77 10.00 21.12
N THR B 252 -27.47 9.31 20.02
CA THR B 252 -26.09 8.83 19.75
C THR B 252 -25.71 8.91 18.27
N GLY B 253 -26.29 9.90 17.62
CA GLY B 253 -25.97 10.23 16.27
C GLY B 253 -26.98 9.62 15.34
N GLY B 254 -26.80 9.89 14.05
CA GLY B 254 -27.73 9.35 13.05
C GLY B 254 -27.51 7.88 12.74
N TRP B 255 -28.58 7.08 12.79
CA TRP B 255 -28.41 5.66 12.50
C TRP B 255 -28.96 5.25 11.16
N ASP B 256 -29.01 6.15 10.17
CA ASP B 256 -29.44 5.71 8.83
C ASP B 256 -28.62 4.53 8.32
N SER B 257 -27.35 4.47 8.73
CA SER B 257 -26.48 3.33 8.40
C SER B 257 -27.09 1.96 8.72
N ASP B 258 -27.90 1.93 9.79
CA ASP B 258 -28.59 0.72 10.30
C ASP B 258 -30.04 0.57 9.89
N PHE B 259 -30.60 1.52 9.13
CA PHE B 259 -31.90 1.30 8.48
C PHE B 259 -32.09 -0.10 7.89
N PRO B 260 -31.07 -0.66 7.24
CA PRO B 260 -31.19 -2.01 6.69
C PRO B 260 -31.16 -3.18 7.66
N ASN B 261 -30.73 -2.95 8.89
CA ASN B 261 -30.58 -4.04 9.79
C ASN B 261 -31.89 -4.58 10.21
N SER B 262 -31.94 -5.85 10.59
CA SER B 262 -33.13 -6.40 11.24
C SER B 262 -33.60 -5.55 12.41
N MET B 263 -34.90 -5.38 12.60
CA MET B 263 -35.39 -4.55 13.70
C MET B 263 -35.14 -5.16 15.06
N LEU B 264 -35.03 -6.47 15.11
CA LEU B 264 -34.67 -7.13 16.37
C LEU B 264 -33.39 -6.62 16.99
N GLU B 265 -32.42 -6.29 16.14
CA GLU B 265 -31.14 -5.78 16.62
C GLU B 265 -31.34 -4.40 17.27
N ILE B 266 -32.12 -3.60 16.66
CA ILE B 266 -32.43 -2.26 17.24
C ILE B 266 -33.28 -2.35 18.51
N PHE B 267 -34.22 -3.30 18.53
CA PHE B 267 -35.08 -3.46 19.64
C PHE B 267 -34.13 -3.75 20.81
N ARG B 268 -33.18 -4.66 20.56
CA ARG B 268 -32.21 -4.98 21.62
C ARG B 268 -31.45 -3.78 22.14
N VAL B 269 -30.98 -2.95 21.22
CA VAL B 269 -30.29 -1.70 21.61
C VAL B 269 -31.13 -0.88 22.63
N VAL B 270 -32.37 -0.57 22.26
CA VAL B 270 -33.14 0.41 23.02
C VAL B 270 -33.69 -0.18 24.28
N MET B 271 -34.09 -1.46 24.22
CA MET B 271 -34.73 -2.06 25.31
C MET B 271 -33.79 -2.24 26.48
N THR B 272 -32.49 -2.39 26.21
CA THR B 272 -31.50 -2.58 27.27
C THR B 272 -30.64 -1.30 27.51
N ASN B 273 -31.10 -0.16 27.00
CA ASN B 273 -30.49 1.16 27.22
C ASN B 273 -29.02 1.21 26.74
N CYS B 274 -28.70 0.50 25.66
CA CYS B 274 -27.34 0.51 25.16
C CYS B 274 -27.06 1.93 24.63
N ASP B 275 -28.12 2.59 24.19
CA ASP B 275 -28.04 3.91 23.56
C ASP B 275 -28.22 5.06 24.53
N ASP B 276 -28.02 4.84 25.83
CA ASP B 276 -28.19 5.88 26.82
C ASP B 276 -27.25 5.61 27.98
N HIS B 277 -27.04 6.61 28.79
CA HIS B 277 -26.21 6.54 29.95
C HIS B 277 -24.86 5.83 29.72
N GLN B 278 -24.07 6.43 28.83
CA GLN B 278 -22.80 5.81 28.39
C GLN B 278 -21.64 6.52 29.07
N HIS B 279 -20.62 5.76 29.43
CA HIS B 279 -19.36 6.33 29.92
C HIS B 279 -18.17 6.00 28.97
N LEU B 280 -17.15 6.87 28.98
CA LEU B 280 -15.80 6.56 28.39
C LEU B 280 -14.95 6.15 29.59
N VAL B 281 -13.92 5.36 29.35
CA VAL B 281 -12.96 4.91 30.42
C VAL B 281 -11.84 5.90 30.47
N VAL B 282 -11.61 6.54 31.62
CA VAL B 282 -10.56 7.60 31.67
C VAL B 282 -9.18 6.98 31.40
N GLY B 283 -8.41 7.56 30.49
CA GLY B 283 -7.12 7.03 30.03
C GLY B 283 -7.21 5.99 28.90
N GLY B 284 -8.43 5.68 28.45
CA GLY B 284 -8.58 4.69 27.39
C GLY B 284 -9.07 3.33 27.84
N VAL B 285 -10.11 2.89 27.17
CA VAL B 285 -10.71 1.56 27.40
C VAL B 285 -9.71 0.43 27.12
N GLU B 286 -8.64 0.67 26.36
CA GLU B 286 -7.69 -0.39 26.12
C GLU B 286 -7.08 -0.86 27.42
N GLN B 287 -7.15 -0.02 28.45
CA GLN B 287 -6.73 -0.43 29.81
C GLN B 287 -7.51 -1.61 30.38
N VAL B 288 -8.70 -1.90 29.87
CA VAL B 288 -9.44 -3.11 30.32
C VAL B 288 -8.74 -4.44 29.87
N PRO B 289 -8.62 -4.69 28.56
CA PRO B 289 -7.84 -5.90 28.19
C PRO B 289 -6.39 -5.94 28.76
N GLN B 290 -5.68 -4.83 28.76
CA GLN B 290 -4.27 -4.79 29.19
C GLN B 290 -4.20 -5.07 30.68
N GLY B 291 -5.20 -4.57 31.43
CA GLY B 291 -5.32 -4.81 32.90
C GLY B 291 -5.74 -6.25 33.24
N ILE B 292 -6.67 -6.85 32.47
CA ILE B 292 -7.01 -8.28 32.63
C ILE B 292 -5.80 -9.16 32.38
N TRP B 293 -5.03 -8.82 31.35
CA TRP B 293 -3.76 -9.48 31.06
C TRP B 293 -2.87 -9.61 32.24
N ARG B 294 -2.81 -8.52 33.02
CA ARG B 294 -1.83 -8.39 34.09
C ARG B 294 -2.40 -8.67 35.43
N HIS B 295 -3.71 -8.86 35.52
CA HIS B 295 -4.37 -8.96 36.80
C HIS B 295 -4.10 -10.27 37.50
N VAL B 296 -3.78 -10.14 38.81
CA VAL B 296 -3.48 -11.27 39.66
C VAL B 296 -4.67 -11.47 40.54
N PRO B 297 -5.46 -12.54 40.34
CA PRO B 297 -6.49 -12.79 41.35
C PRO B 297 -5.89 -13.24 42.71
N GLU B 298 -6.64 -12.99 43.77
CA GLU B 298 -6.26 -13.49 45.10
C GLU B 298 -6.25 -15.02 45.08
N ARG B 299 -7.29 -15.59 44.47
CA ARG B 299 -7.57 -17.02 44.53
C ARG B 299 -7.74 -17.63 43.11
N CYS B 300 -6.75 -18.37 42.62
CA CYS B 300 -6.90 -19.34 41.52
C CYS B 300 -6.84 -20.76 42.02
N ALA B 301 -7.57 -21.65 41.39
CA ALA B 301 -7.28 -23.09 41.49
C ALA B 301 -5.90 -23.35 40.92
N HIS B 302 -5.15 -24.32 41.51
CA HIS B 302 -3.93 -24.87 40.95
C HIS B 302 -2.70 -23.97 40.98
N TRP B 303 -2.86 -22.77 40.43
CA TRP B 303 -1.73 -21.87 40.21
C TRP B 303 -1.23 -21.24 41.52
N PRO B 304 0.09 -21.03 41.62
CA PRO B 304 0.64 -20.37 42.81
C PRO B 304 0.25 -18.89 42.88
N GLU B 305 0.29 -18.38 44.10
CA GLU B 305 0.04 -16.98 44.36
C GLU B 305 0.86 -16.12 43.43
N GLY B 306 0.30 -15.02 42.97
CA GLY B 306 1.02 -14.13 42.07
C GLY B 306 0.86 -14.49 40.61
N THR B 307 0.09 -15.50 40.30
CA THR B 307 -0.03 -15.90 38.91
C THR B 307 -0.96 -14.90 38.19
N SER B 308 -0.58 -14.53 36.96
CA SER B 308 -1.44 -13.75 36.06
C SER B 308 -1.41 -14.36 34.68
N LEU B 309 -2.24 -13.85 33.74
CA LEU B 309 -2.21 -14.38 32.40
C LEU B 309 -0.83 -14.10 31.87
N SER B 310 -0.36 -12.88 32.11
CA SER B 310 0.95 -12.48 31.62
C SER B 310 2.08 -13.41 32.16
N SER B 311 2.08 -13.71 33.46
CA SER B 311 3.14 -14.57 34.02
C SER B 311 3.06 -15.99 33.44
N LEU B 312 1.86 -16.50 33.35
CA LEU B 312 1.63 -17.76 32.58
C LEU B 312 2.11 -17.72 31.13
N HIS B 313 2.10 -16.58 30.50
CA HIS B 313 2.55 -16.54 29.10
C HIS B 313 4.01 -16.21 28.91
N GLY B 314 4.67 -15.84 29.99
CA GLY B 314 5.98 -15.18 29.90
C GLY B 314 5.91 -13.77 29.29
N GLY B 315 4.74 -13.14 29.33
CA GLY B 315 4.61 -11.75 29.03
C GLY B 315 3.74 -11.40 27.84
N ALA B 316 3.71 -12.27 26.83
CA ALA B 316 2.99 -11.99 25.59
C ALA B 316 2.14 -13.17 25.15
N PRO B 317 1.02 -12.90 24.44
CA PRO B 317 0.34 -13.93 23.72
C PRO B 317 1.27 -14.54 22.69
N ARG B 318 0.96 -15.73 22.25
CA ARG B 318 1.62 -16.25 21.08
C ARG B 318 1.30 -15.39 19.85
N THR B 319 1.96 -15.70 18.75
CA THR B 319 1.66 -14.96 17.51
C THR B 319 0.36 -15.43 16.87
N GLY B 320 0.03 -14.92 15.70
CA GLY B 320 -1.19 -15.33 15.00
C GLY B 320 -1.33 -16.79 14.62
N VAL B 321 -2.56 -17.26 14.66
CA VAL B 321 -2.93 -18.61 14.22
C VAL B 321 -3.12 -18.61 12.69
N LYS B 322 -2.58 -19.64 12.06
CA LYS B 322 -2.69 -19.90 10.62
C LYS B 322 -3.56 -21.13 10.30
N ARG B 323 -3.63 -22.09 11.20
CA ARG B 323 -4.34 -23.31 10.91
C ARG B 323 -4.91 -23.92 12.16
N ILE B 324 -6.13 -24.45 12.05
CA ILE B 324 -6.72 -25.33 13.08
C ILE B 324 -7.22 -26.62 12.45
N ALA B 325 -6.76 -27.75 12.98
CA ALA B 325 -7.17 -29.06 12.49
C ALA B 325 -7.33 -30.08 13.63
N ARG B 326 -8.04 -31.18 13.32
CA ARG B 326 -8.20 -32.28 14.22
C ARG B 326 -6.98 -33.17 14.06
N ALA B 327 -6.27 -33.44 15.14
CA ALA B 327 -5.06 -34.28 15.10
C ALA B 327 -5.45 -35.76 15.25
N SER B 328 -4.60 -36.67 14.82
CA SER B 328 -5.03 -38.06 14.81
C SER B 328 -5.30 -38.53 16.22
N ASP B 329 -4.69 -37.90 17.22
CA ASP B 329 -4.98 -38.25 18.62
C ASP B 329 -6.26 -37.64 19.21
N GLY B 330 -7.10 -37.00 18.38
CA GLY B 330 -8.40 -36.43 18.81
C GLY B 330 -8.32 -34.99 19.38
N ARG B 331 -7.12 -34.49 19.60
CA ARG B 331 -6.94 -33.12 20.03
C ARG B 331 -6.95 -32.23 18.81
N LEU B 332 -6.99 -30.92 19.10
CA LEU B 332 -6.99 -29.88 18.11
C LEU B 332 -5.58 -29.34 18.02
N ALA B 333 -5.08 -29.35 16.79
CA ALA B 333 -3.76 -28.88 16.43
C ALA B 333 -3.87 -27.46 15.90
N VAL B 334 -3.14 -26.57 16.56
CA VAL B 334 -3.05 -25.15 16.23
C VAL B 334 -1.63 -24.84 15.73
N THR B 335 -1.54 -24.37 14.49
CA THR B 335 -0.29 -23.97 13.90
C THR B 335 -0.23 -22.44 13.79
N ASP B 336 0.82 -21.85 14.33
CA ASP B 336 1.00 -20.39 14.20
C ASP B 336 1.65 -19.96 12.90
N ASN B 337 1.73 -18.64 12.70
CA ASN B 337 2.44 -17.98 11.59
C ASN B 337 3.77 -18.57 11.23
N TRP B 338 4.56 -18.98 12.21
CA TRP B 338 5.95 -19.47 11.97
C TRP B 338 6.02 -21.01 11.92
N GLY B 339 4.84 -21.67 11.80
CA GLY B 339 4.77 -23.14 11.66
C GLY B 339 4.84 -23.94 12.94
N ASP B 340 4.87 -23.25 14.08
CA ASP B 340 4.84 -23.96 15.34
C ASP B 340 3.44 -24.56 15.57
N CYS B 341 3.39 -25.88 15.83
CA CYS B 341 2.17 -26.64 15.99
C CYS B 341 2.08 -27.13 17.40
N ARG B 342 0.95 -26.89 18.04
CA ARG B 342 0.70 -27.26 19.41
C ARG B 342 -0.72 -27.84 19.54
N HIS B 343 -0.85 -28.82 20.43
CA HIS B 343 -2.10 -29.58 20.57
C HIS B 343 -2.87 -29.24 21.85
N TYR B 344 -4.19 -29.19 21.72
CA TYR B 344 -5.05 -28.78 22.78
C TYR B 344 -6.31 -29.61 22.83
N ALA B 345 -6.82 -29.82 24.03
CA ALA B 345 -8.12 -30.55 24.16
C ALA B 345 -9.31 -29.65 23.79
N ALA B 346 -9.06 -28.34 23.78
CA ALA B 346 -10.05 -27.41 23.33
C ALA B 346 -9.42 -26.15 22.83
N VAL B 347 -10.19 -25.50 21.96
CA VAL B 347 -9.83 -24.24 21.33
C VAL B 347 -11.05 -23.26 21.31
N LEU B 348 -10.85 -22.06 21.81
CA LEU B 348 -11.82 -20.97 21.67
C LEU B 348 -11.37 -19.99 20.63
N THR B 349 -12.20 -19.72 19.63
CA THR B 349 -11.88 -18.70 18.64
C THR B 349 -12.75 -17.45 18.83
N THR B 350 -12.11 -16.28 18.92
CA THR B 350 -12.85 -15.02 19.11
C THR B 350 -12.67 -14.04 17.97
N CYS B 351 -11.93 -14.38 16.93
CA CYS B 351 -11.79 -13.49 15.79
C CYS B 351 -13.17 -13.34 15.18
N GLN B 352 -13.45 -12.23 14.53
CA GLN B 352 -14.68 -12.18 13.70
C GLN B 352 -14.77 -13.40 12.70
N SER B 353 -16.01 -13.79 12.47
CA SER B 353 -16.37 -15.11 11.92
C SER B 353 -15.81 -15.40 10.55
N TRP B 354 -15.57 -14.35 9.75
CA TRP B 354 -15.02 -14.57 8.39
C TRP B 354 -13.59 -15.10 8.42
N LEU B 355 -12.91 -14.78 9.50
CA LEU B 355 -11.50 -15.08 9.61
C LEU B 355 -11.20 -16.56 9.79
N LEU B 356 -12.24 -17.33 10.12
CA LEU B 356 -12.11 -18.75 10.13
C LEU B 356 -12.04 -19.31 8.71
N THR B 357 -12.25 -18.47 7.69
CA THR B 357 -12.00 -18.85 6.29
C THR B 357 -10.83 -18.00 5.73
N THR B 358 -10.84 -16.67 5.95
CA THR B 358 -9.86 -15.82 5.25
C THR B 358 -8.47 -15.78 5.86
N GLN B 359 -8.38 -16.00 7.17
CA GLN B 359 -7.14 -15.77 7.89
C GLN B 359 -6.62 -17.04 8.57
N ILE B 360 -7.49 -18.01 8.81
CA ILE B 360 -7.10 -19.28 9.36
C ILE B 360 -7.60 -20.39 8.44
N ASP B 361 -6.79 -21.40 8.20
CA ASP B 361 -7.25 -22.58 7.55
C ASP B 361 -7.85 -23.49 8.67
N CYS B 362 -9.16 -23.34 8.86
CA CYS B 362 -9.89 -24.10 9.88
C CYS B 362 -10.52 -25.31 9.20
N GLU B 363 -10.02 -26.51 9.51
CA GLU B 363 -10.55 -27.75 8.91
C GLU B 363 -12.09 -27.79 8.94
N GLU B 364 -12.68 -28.01 7.78
CA GLU B 364 -14.10 -27.87 7.63
C GLU B 364 -14.94 -28.78 8.57
N SER B 365 -14.55 -30.01 8.76
CA SER B 365 -15.31 -30.96 9.59
C SER B 365 -15.40 -30.54 11.06
N LEU B 366 -14.69 -29.46 11.46
CA LEU B 366 -14.75 -28.97 12.85
C LEU B 366 -16.05 -28.22 13.12
N PHE B 367 -16.70 -27.73 12.07
CA PHE B 367 -18.05 -27.16 12.27
C PHE B 367 -19.06 -27.84 11.38
N SER B 368 -20.32 -27.92 11.86
CA SER B 368 -21.40 -28.45 11.05
C SER B 368 -21.60 -27.58 9.81
N GLN B 369 -22.21 -28.13 8.77
CA GLN B 369 -22.50 -27.36 7.55
C GLN B 369 -23.49 -26.18 7.88
N LYS B 370 -24.44 -26.40 8.78
CA LYS B 370 -25.33 -25.34 9.26
C LYS B 370 -24.57 -24.24 10.01
N MET B 371 -23.62 -24.60 10.84
CA MET B 371 -22.75 -23.62 11.51
C MET B 371 -21.92 -22.83 10.50
N TRP B 372 -21.25 -23.51 9.55
CA TRP B 372 -20.46 -22.77 8.57
C TRP B 372 -21.36 -21.74 7.89
N MET B 373 -22.59 -22.09 7.62
CA MET B 373 -23.40 -21.14 6.83
C MET B 373 -23.65 -19.91 7.70
N ALA B 374 -23.88 -20.12 8.95
CA ALA B 374 -24.03 -18.99 9.86
C ALA B 374 -22.81 -18.11 9.86
N LEU B 375 -21.64 -18.73 10.01
CA LEU B 375 -20.37 -18.03 10.14
C LEU B 375 -20.09 -17.26 8.84
N ASP B 376 -20.39 -17.89 7.72
CA ASP B 376 -20.04 -17.32 6.45
C ASP B 376 -21.03 -16.24 5.98
N ARG B 377 -22.33 -16.37 6.31
CA ARG B 377 -23.36 -15.44 5.87
C ARG B 377 -23.49 -14.20 6.75
N THR B 378 -22.92 -14.21 7.95
CA THR B 378 -22.95 -13.02 8.83
C THR B 378 -22.38 -11.78 8.07
N ARG B 379 -23.08 -10.63 8.11
CA ARG B 379 -22.63 -9.36 7.46
C ARG B 379 -21.81 -8.52 8.46
N TYR B 380 -20.69 -7.96 8.02
CA TYR B 380 -19.99 -7.03 8.90
C TYR B 380 -20.16 -5.61 8.38
N MET B 381 -20.32 -4.67 9.30
CA MET B 381 -20.53 -3.27 8.94
C MET B 381 -19.20 -2.56 8.93
N GLN B 382 -19.19 -1.42 8.27
CA GLN B 382 -17.99 -0.59 8.10
C GLN B 382 -18.03 0.60 9.03
N SER B 383 -16.87 0.98 9.54
CA SER B 383 -16.76 2.18 10.35
C SER B 383 -15.38 2.87 10.18
N SER B 384 -15.46 4.20 10.17
CA SER B 384 -14.36 5.16 10.11
C SER B 384 -14.35 6.10 11.32
N LYS B 385 -13.17 6.39 11.83
CA LYS B 385 -13.03 7.48 12.77
C LYS B 385 -11.76 8.24 12.48
N THR B 386 -11.85 9.58 12.51
CA THR B 386 -10.72 10.50 12.37
C THR B 386 -10.65 11.51 13.53
N PHE B 387 -9.50 11.52 14.20
CA PHE B 387 -9.26 12.22 15.46
C PHE B 387 -8.10 13.21 15.29
N VAL B 388 -8.21 14.37 15.92
CA VAL B 388 -7.06 15.25 16.17
C VAL B 388 -7.06 15.65 17.66
N MET B 389 -5.90 16.11 18.08
CA MET B 389 -5.71 16.66 19.40
C MET B 389 -5.65 18.20 19.29
N VAL B 390 -6.06 18.91 20.35
CA VAL B 390 -6.03 20.38 20.34
C VAL B 390 -5.40 20.86 21.61
N ASP B 391 -4.81 22.05 21.57
CA ASP B 391 -4.03 22.56 22.70
C ASP B 391 -4.87 22.79 23.97
N ARG B 392 -6.15 23.09 23.78
CA ARG B 392 -7.09 23.34 24.93
C ARG B 392 -8.52 23.16 24.39
N PRO B 393 -9.52 22.89 25.27
CA PRO B 393 -10.90 22.75 24.84
C PRO B 393 -11.49 24.12 24.49
N PHE B 394 -10.97 24.74 23.43
CA PHE B 394 -11.35 26.08 23.00
C PHE B 394 -12.86 26.17 22.64
N TRP B 395 -13.49 25.03 22.38
CA TRP B 395 -14.89 25.05 22.02
C TRP B 395 -15.81 25.65 23.09
N LYS B 396 -15.35 25.59 24.33
CA LYS B 396 -16.03 26.11 25.50
C LYS B 396 -16.12 27.59 25.52
N ASP B 397 -15.22 28.26 24.80
CA ASP B 397 -15.27 29.70 24.65
C ASP B 397 -16.60 30.11 23.98
N LYS B 398 -17.04 31.33 24.32
CA LYS B 398 -18.27 31.95 23.80
C LYS B 398 -18.03 32.96 22.72
N ASP B 399 -18.74 32.85 21.60
CA ASP B 399 -18.82 33.91 20.62
C ASP B 399 -19.64 35.05 21.25
N PRO B 400 -19.00 36.22 21.51
CA PRO B 400 -19.67 37.32 22.26
C PRO B 400 -21.00 37.82 21.64
N GLU B 401 -21.04 37.92 20.32
CA GLU B 401 -22.23 38.37 19.56
C GLU B 401 -23.41 37.46 19.82
N THR B 402 -23.20 36.15 19.60
CA THR B 402 -24.26 35.14 19.62
C THR B 402 -24.49 34.51 20.98
N GLY B 403 -23.48 34.51 21.84
CA GLY B 403 -23.54 33.72 23.09
C GLY B 403 -23.35 32.22 22.90
N ARG B 404 -23.11 31.73 21.68
CA ARG B 404 -22.88 30.29 21.44
C ARG B 404 -21.46 29.85 21.84
N ASP B 405 -21.32 28.57 22.16
CA ASP B 405 -20.01 27.90 22.22
C ASP B 405 -19.37 28.03 20.86
N LEU B 406 -18.05 28.18 20.80
CA LEU B 406 -17.32 28.27 19.55
C LEU B 406 -17.50 27.01 18.71
N MET B 407 -17.65 25.85 19.35
CA MET B 407 -17.92 24.61 18.63
C MET B 407 -18.79 23.69 19.49
N SER B 408 -19.57 22.84 18.83
CA SER B 408 -20.40 21.88 19.54
C SER B 408 -20.26 20.43 19.02
N MET B 409 -20.90 19.51 19.73
CA MET B 409 -21.15 18.20 19.25
C MET B 409 -21.96 18.38 17.97
N THR B 410 -21.45 17.83 16.87
CA THR B 410 -22.02 18.20 15.60
C THR B 410 -22.67 17.02 14.89
N LEU B 411 -23.96 17.17 14.54
CA LEU B 411 -24.64 16.20 13.76
C LEU B 411 -25.02 16.84 12.44
N THR B 412 -24.70 16.14 11.35
CA THR B 412 -24.81 16.68 10.07
C THR B 412 -24.92 15.63 9.04
N ASP B 413 -25.50 16.07 7.92
CA ASP B 413 -25.56 15.34 6.70
C ASP B 413 -24.33 15.56 5.86
N ARG B 414 -23.43 16.41 6.30
CA ARG B 414 -22.12 16.48 5.65
C ARG B 414 -21.28 15.21 5.97
N LEU B 415 -20.15 15.03 5.26
CA LEU B 415 -19.40 13.80 5.23
C LEU B 415 -18.84 13.40 6.58
N THR B 416 -18.66 14.34 7.50
CA THR B 416 -18.23 14.03 8.87
C THR B 416 -19.24 13.20 9.66
N ARG B 417 -20.53 13.49 9.44
CA ARG B 417 -21.67 12.93 10.20
C ARG B 417 -21.71 13.32 11.71
N GLY B 418 -20.79 12.79 12.48
CA GLY B 418 -20.79 12.94 13.89
C GLY B 418 -19.46 13.45 14.35
N THR B 419 -19.49 14.58 15.08
CA THR B 419 -18.26 15.13 15.65
C THR B 419 -18.37 15.24 17.17
N TYR B 420 -17.32 14.81 17.87
CA TYR B 420 -17.36 14.58 19.32
C TYR B 420 -16.20 15.29 19.96
N LEU B 421 -16.45 15.99 21.09
CA LEU B 421 -15.48 16.89 21.69
C LEU B 421 -15.15 16.32 23.05
N PHE B 422 -13.85 16.14 23.30
CA PHE B 422 -13.41 15.52 24.55
C PHE B 422 -12.57 16.48 25.40
N ASP B 423 -13.15 16.88 26.50
CA ASP B 423 -12.61 17.88 27.41
C ASP B 423 -11.82 17.11 28.48
N ASN B 424 -10.52 17.37 28.61
CA ASN B 424 -9.69 16.70 29.60
C ASN B 424 -9.35 17.66 30.75
N GLY B 425 -10.13 18.73 30.95
CA GLY B 425 -9.78 19.81 31.89
C GLY B 425 -9.19 20.99 31.15
N ASP B 426 -9.51 22.21 31.59
CA ASP B 426 -9.06 23.49 30.97
C ASP B 426 -7.56 23.62 30.83
N ASP B 427 -6.81 22.97 31.72
CA ASP B 427 -5.36 22.99 31.69
C ASP B 427 -4.71 21.82 30.94
N LYS B 428 -5.49 21.06 30.17
CA LYS B 428 -4.93 19.93 29.40
C LYS B 428 -5.43 19.97 27.95
N PRO B 429 -4.77 19.25 27.04
CA PRO B 429 -5.20 19.29 25.63
C PRO B 429 -6.50 18.56 25.41
N GLY B 430 -7.27 18.97 24.42
CA GLY B 430 -8.57 18.40 24.13
C GLY B 430 -8.37 17.41 23.02
N VAL B 431 -9.38 16.57 22.84
CA VAL B 431 -9.43 15.64 21.73
C VAL B 431 -10.70 15.84 20.95
N ILE B 432 -10.60 15.81 19.63
CA ILE B 432 -11.79 15.95 18.82
C ILE B 432 -11.85 14.75 17.90
N CYS B 433 -12.96 14.01 17.97
CA CYS B 433 -13.29 13.07 16.93
C CYS B 433 -13.95 13.91 15.84
N LEU B 434 -13.22 14.16 14.78
CA LEU B 434 -13.68 15.02 13.72
C LEU B 434 -14.81 14.35 12.97
N SER B 435 -14.69 13.04 12.75
CA SER B 435 -15.72 12.25 12.08
C SER B 435 -15.82 10.82 12.57
N TYR B 436 -17.01 10.42 12.94
CA TYR B 436 -17.28 9.01 13.30
C TYR B 436 -18.38 8.64 12.33
N ALA B 437 -18.02 7.84 11.34
CA ALA B 437 -18.98 7.50 10.27
C ALA B 437 -19.22 6.00 10.33
N TRP B 438 -20.40 5.60 9.86
CA TRP B 438 -20.81 4.20 9.58
C TRP B 438 -21.14 3.90 8.11
N MET B 439 -20.93 2.68 7.70
CA MET B 439 -21.43 2.23 6.41
C MET B 439 -20.99 3.17 5.32
N SER B 440 -21.94 3.76 4.57
CA SER B 440 -21.64 4.47 3.29
C SER B 440 -20.66 5.64 3.49
N ASP B 441 -20.91 6.37 4.56
CA ASP B 441 -20.09 7.48 4.93
C ASP B 441 -18.70 7.05 5.41
N ALA B 442 -18.57 5.84 5.99
CA ALA B 442 -17.26 5.24 6.21
C ALA B 442 -16.60 4.90 4.90
N LEU B 443 -17.34 4.23 4.02
CA LEU B 443 -16.78 3.83 2.69
C LEU B 443 -16.24 4.94 1.82
N LYS B 444 -16.79 6.14 1.99
CA LYS B 444 -16.24 7.36 1.38
C LYS B 444 -14.81 7.64 1.69
N MET B 445 -14.41 7.33 2.91
CA MET B 445 -13.04 7.49 3.35
C MET B 445 -12.06 6.33 3.06
N LEU B 446 -12.56 5.13 2.74
CA LEU B 446 -11.74 3.90 2.78
C LEU B 446 -10.31 4.00 2.20
N PRO B 447 -10.18 4.36 0.93
CA PRO B 447 -8.85 4.42 0.38
C PRO B 447 -8.06 5.68 0.68
N HIS B 448 -8.60 6.65 1.41
CA HIS B 448 -7.91 7.92 1.59
C HIS B 448 -6.97 7.94 2.81
N PRO B 449 -5.79 8.59 2.66
CA PRO B 449 -4.83 8.64 3.76
C PRO B 449 -5.33 9.61 4.77
N VAL B 450 -4.69 9.59 5.94
CA VAL B 450 -5.16 10.33 7.07
C VAL B 450 -5.24 11.79 6.71
N GLU B 451 -4.23 12.29 5.99
CA GLU B 451 -4.14 13.72 5.71
C GLU B 451 -5.35 14.21 4.91
N LYS B 452 -5.83 13.35 4.01
CA LYS B 452 -6.98 13.66 3.20
C LYS B 452 -8.27 13.61 4.03
N ARG B 453 -8.40 12.60 4.87
CA ARG B 453 -9.56 12.49 5.77
C ARG B 453 -9.65 13.71 6.67
N VAL B 454 -8.51 14.13 7.25
CA VAL B 454 -8.53 15.28 8.12
C VAL B 454 -8.99 16.55 7.34
N GLN B 455 -8.47 16.73 6.12
CA GLN B 455 -8.74 17.93 5.35
C GLN B 455 -10.18 18.00 5.03
N LEU B 456 -10.76 16.86 4.68
CA LEU B 456 -12.14 16.83 4.18
C LEU B 456 -13.05 17.14 5.31
N ALA B 457 -12.67 16.67 6.51
CA ALA B 457 -13.44 16.91 7.73
C ALA B 457 -13.41 18.35 8.16
N LEU B 458 -12.22 18.92 8.16
CA LEU B 458 -12.00 20.33 8.46
C LEU B 458 -12.68 21.24 7.42
N ASP B 459 -12.73 20.87 6.16
CA ASP B 459 -13.51 21.68 5.20
C ASP B 459 -15.02 21.57 5.42
N ALA B 460 -15.47 20.37 5.71
CA ALA B 460 -16.87 20.21 6.11
C ALA B 460 -17.23 21.06 7.33
N LEU B 461 -16.37 21.02 8.36
CA LEU B 461 -16.64 21.76 9.59
C LEU B 461 -16.53 23.29 9.40
N LYS B 462 -15.67 23.75 8.51
CA LYS B 462 -15.58 25.15 8.17
C LYS B 462 -16.91 25.71 7.63
N LYS B 463 -17.63 24.86 6.89
CA LYS B 463 -18.94 25.25 6.37
C LYS B 463 -19.94 25.45 7.53
N ILE B 464 -19.89 24.56 8.51
CA ILE B 464 -20.80 24.63 9.65
C ILE B 464 -20.39 25.72 10.61
N TYR B 465 -19.07 25.93 10.72
CA TYR B 465 -18.51 26.89 11.63
C TYR B 465 -17.56 27.86 10.92
N PRO B 466 -18.09 28.78 10.11
CA PRO B 466 -17.20 29.68 9.35
C PRO B 466 -16.29 30.57 10.18
N LYS B 467 -16.68 30.84 11.44
CA LYS B 467 -15.90 31.69 12.32
C LYS B 467 -14.89 30.98 13.23
N THR B 468 -14.98 29.66 13.31
CA THR B 468 -14.09 28.89 14.16
C THR B 468 -12.83 28.40 13.42
N ASP B 469 -11.69 28.77 13.96
CA ASP B 469 -10.39 28.30 13.50
C ASP B 469 -9.98 27.07 14.30
N ILE B 470 -10.40 25.92 13.81
CA ILE B 470 -10.08 24.66 14.48
C ILE B 470 -8.64 24.33 14.20
N ALA B 471 -8.22 24.42 12.95
CA ALA B 471 -6.85 24.05 12.54
C ALA B 471 -5.79 24.69 13.45
N GLY B 472 -6.03 25.95 13.80
CA GLY B 472 -5.11 26.71 14.64
C GLY B 472 -4.89 26.23 16.06
N HIS B 473 -5.83 25.40 16.54
CA HIS B 473 -5.71 24.75 17.87
C HIS B 473 -5.09 23.33 17.77
N ILE B 474 -5.11 22.76 16.58
CA ILE B 474 -4.64 21.40 16.39
C ILE B 474 -3.11 21.30 16.59
N ILE B 475 -2.75 20.29 17.39
CA ILE B 475 -1.37 19.92 17.69
C ILE B 475 -1.25 18.39 17.75
N GLY B 476 -0.02 17.88 17.82
CA GLY B 476 0.24 16.45 17.75
C GLY B 476 -0.10 15.93 16.36
N ASP B 477 -0.38 14.63 16.29
CA ASP B 477 -0.53 13.89 15.07
C ASP B 477 -1.99 13.52 14.87
N PRO B 478 -2.40 13.33 13.60
CA PRO B 478 -3.79 12.93 13.36
C PRO B 478 -3.90 11.40 13.41
N ILE B 479 -5.05 10.83 13.77
CA ILE B 479 -5.19 9.37 13.90
C ILE B 479 -6.44 8.97 13.23
N THR B 480 -6.33 8.00 12.31
CA THR B 480 -7.53 7.51 11.64
C THR B 480 -7.55 5.99 11.67
N ILE B 481 -8.75 5.42 11.45
CA ILE B 481 -8.95 3.97 11.28
C ILE B 481 -10.11 3.69 10.33
N SER B 482 -9.94 2.63 9.54
CA SER B 482 -11.02 1.96 8.86
C SER B 482 -10.96 0.48 9.22
N TRP B 483 -11.95 0.00 10.00
CA TRP B 483 -11.92 -1.41 10.45
C TRP B 483 -12.09 -2.43 9.35
N GLU B 484 -13.00 -2.17 8.41
CA GLU B 484 -13.05 -2.92 7.15
C GLU B 484 -11.77 -3.35 6.51
N ALA B 485 -10.77 -2.47 6.53
CA ALA B 485 -9.58 -2.59 5.69
C ALA B 485 -8.60 -3.58 6.32
N ASP B 486 -8.74 -3.81 7.63
CA ASP B 486 -7.76 -4.61 8.35
C ASP B 486 -8.05 -6.11 8.21
N PRO B 487 -7.11 -6.88 7.64
CA PRO B 487 -7.38 -8.34 7.48
C PRO B 487 -7.71 -9.11 8.75
N HIS B 488 -7.34 -8.58 9.93
CA HIS B 488 -7.68 -9.21 11.24
C HIS B 488 -9.06 -8.87 11.80
N PHE B 489 -9.88 -8.16 11.05
CA PHE B 489 -11.21 -7.83 11.50
C PHE B 489 -12.26 -7.96 10.36
N LEU B 490 -11.99 -7.32 9.24
CA LEU B 490 -12.84 -7.28 8.06
C LEU B 490 -14.17 -6.71 8.45
N GLY B 491 -14.13 -5.64 9.20
CA GLY B 491 -15.34 -5.02 9.69
C GLY B 491 -15.27 -4.57 11.11
N ALA B 492 -16.13 -3.60 11.41
CA ALA B 492 -16.18 -2.95 12.67
C ALA B 492 -16.90 -3.80 13.71
N PHE B 493 -17.97 -4.41 13.22
CA PHE B 493 -18.87 -5.24 13.98
C PHE B 493 -19.93 -5.80 13.08
N LYS B 494 -20.47 -6.96 13.49
CA LYS B 494 -21.56 -7.56 12.80
C LYS B 494 -22.75 -6.59 12.74
N GLY B 495 -23.52 -6.68 11.65
CA GLY B 495 -24.86 -6.21 11.66
C GLY B 495 -25.82 -7.24 11.08
N ALA B 496 -26.78 -7.65 11.90
CA ALA B 496 -27.80 -8.58 11.47
C ALA B 496 -28.69 -7.95 10.39
N LEU B 497 -28.77 -8.62 9.24
CA LEU B 497 -29.74 -8.24 8.26
C LEU B 497 -31.03 -9.00 8.60
N PRO B 498 -32.16 -8.62 8.01
CA PRO B 498 -33.37 -9.39 8.14
C PRO B 498 -33.21 -10.85 7.72
N GLY B 499 -33.73 -11.76 8.53
CA GLY B 499 -33.63 -13.18 8.21
C GLY B 499 -32.37 -13.86 8.72
N HIS B 500 -31.57 -13.16 9.48
CA HIS B 500 -30.34 -13.72 10.09
C HIS B 500 -30.55 -14.20 11.51
N TYR B 501 -31.72 -14.00 12.13
CA TYR B 501 -31.97 -14.58 13.46
C TYR B 501 -31.53 -16.05 13.48
N ARG B 502 -31.81 -16.83 12.44
CA ARG B 502 -31.50 -18.27 12.53
C ARG B 502 -29.98 -18.50 12.59
N TYR B 503 -29.22 -17.68 11.87
CA TYR B 503 -27.76 -17.86 11.91
C TYR B 503 -27.26 -17.52 13.31
N ASN B 504 -27.76 -16.43 13.88
CA ASN B 504 -27.34 -16.03 15.23
C ASN B 504 -27.62 -17.10 16.29
N GLN B 505 -28.83 -17.64 16.23
CA GLN B 505 -29.27 -18.65 17.16
C GLN B 505 -28.31 -19.84 17.08
N ARG B 506 -27.96 -20.29 15.85
CA ARG B 506 -26.95 -21.38 15.79
C ARG B 506 -25.61 -21.03 16.51
N MET B 507 -25.06 -19.87 16.15
CA MET B 507 -23.77 -19.42 16.70
C MET B 507 -23.83 -19.20 18.23
N TYR B 508 -24.91 -18.59 18.71
CA TYR B 508 -25.06 -18.29 20.13
C TYR B 508 -25.17 -19.59 20.97
N ALA B 509 -25.77 -20.64 20.40
CA ALA B 509 -25.94 -21.91 21.11
C ALA B 509 -24.77 -22.95 20.89
N HIS B 510 -23.71 -22.55 20.21
CA HIS B 510 -22.66 -23.52 19.78
C HIS B 510 -21.83 -24.07 20.95
N PHE B 511 -21.84 -23.31 22.02
CA PHE B 511 -21.17 -23.74 23.27
C PHE B 511 -21.82 -24.90 24.02
N MET B 512 -23.04 -25.27 23.62
CA MET B 512 -23.79 -26.38 24.16
C MET B 512 -23.59 -27.51 23.21
N GLN B 513 -22.75 -28.45 23.61
CA GLN B 513 -22.25 -29.43 22.68
C GLN B 513 -22.69 -30.88 22.97
N ALA B 514 -23.61 -31.07 23.90
CA ALA B 514 -24.01 -32.42 24.32
C ALA B 514 -24.59 -33.26 23.21
N GLN B 515 -25.15 -32.63 22.16
CA GLN B 515 -25.71 -33.39 21.06
C GLN B 515 -24.90 -33.27 19.79
N MET B 516 -23.73 -32.67 19.83
CA MET B 516 -22.93 -32.56 18.61
C MET B 516 -22.19 -33.86 18.40
N PRO B 517 -21.93 -34.20 17.14
CA PRO B 517 -20.97 -35.27 16.92
C PRO B 517 -19.60 -34.97 17.54
N VAL B 518 -18.89 -36.04 17.87
CA VAL B 518 -17.58 -35.99 18.49
C VAL B 518 -16.60 -35.10 17.69
N GLU B 519 -16.66 -35.17 16.35
CA GLU B 519 -15.73 -34.44 15.50
C GLU B 519 -15.91 -32.89 15.54
N GLN B 520 -17.02 -32.43 16.13
CA GLN B 520 -17.30 -31.01 16.26
C GLN B 520 -17.14 -30.47 17.68
N ARG B 521 -16.85 -31.36 18.62
CA ARG B 521 -16.78 -30.95 20.01
C ARG B 521 -15.36 -30.48 20.34
N GLY B 522 -15.29 -29.46 21.18
CA GLY B 522 -14.01 -28.99 21.75
C GLY B 522 -13.54 -27.69 21.17
N ILE B 523 -14.06 -27.38 19.99
CA ILE B 523 -13.94 -26.05 19.51
C ILE B 523 -15.13 -25.14 19.92
N PHE B 524 -14.80 -23.92 20.29
CA PHE B 524 -15.75 -22.89 20.78
C PHE B 524 -15.55 -21.55 20.07
N ILE B 525 -16.63 -20.78 20.07
CA ILE B 525 -16.56 -19.41 19.59
C ILE B 525 -17.16 -18.47 20.61
N ALA B 526 -16.76 -17.20 20.47
CA ALA B 526 -17.29 -16.16 21.23
C ALA B 526 -16.89 -14.89 20.56
N GLY B 527 -17.50 -13.81 21.00
CA GLY B 527 -17.33 -12.49 20.43
C GLY B 527 -18.66 -11.78 20.27
N ASP B 528 -18.58 -10.48 20.06
CA ASP B 528 -19.79 -9.72 19.82
C ASP B 528 -20.46 -10.14 18.47
N ASP B 529 -19.72 -10.80 17.59
CA ASP B 529 -20.34 -11.38 16.40
C ASP B 529 -21.21 -12.63 16.73
N VAL B 530 -20.87 -13.32 17.81
CA VAL B 530 -21.61 -14.48 18.36
C VAL B 530 -22.83 -13.99 19.11
N SER B 531 -22.70 -12.82 19.73
CA SER B 531 -23.79 -12.24 20.52
C SER B 531 -24.97 -11.74 19.64
N TRP B 532 -26.08 -11.42 20.29
CA TRP B 532 -27.28 -10.86 19.64
C TRP B 532 -27.15 -9.32 19.62
N THR B 533 -26.05 -8.80 20.19
CA THR B 533 -25.88 -7.40 20.26
C THR B 533 -24.54 -6.99 19.78
N PRO B 534 -24.27 -7.15 18.45
CA PRO B 534 -22.99 -6.76 17.94
C PRO B 534 -22.82 -5.25 18.04
N ALA B 535 -21.57 -4.80 18.01
CA ALA B 535 -21.22 -3.44 18.18
C ALA B 535 -21.40 -2.99 19.65
N TRP B 536 -21.50 -3.92 20.60
CA TRP B 536 -21.57 -3.59 22.02
C TRP B 536 -20.73 -4.54 22.81
N VAL B 537 -19.83 -4.02 23.61
CA VAL B 537 -18.85 -4.84 24.31
C VAL B 537 -19.48 -5.91 25.23
N GLU B 538 -20.68 -5.62 25.76
CA GLU B 538 -21.37 -6.59 26.66
C GLU B 538 -21.64 -7.92 25.94
N GLY B 539 -22.00 -7.84 24.66
CA GLY B 539 -22.16 -9.00 23.86
C GLY B 539 -20.93 -9.87 23.78
N ALA B 540 -19.74 -9.28 23.62
CA ALA B 540 -18.45 -10.03 23.65
C ALA B 540 -18.19 -10.65 25.00
N VAL B 541 -18.45 -9.93 26.07
CA VAL B 541 -18.24 -10.51 27.43
C VAL B 541 -19.22 -11.68 27.76
N GLN B 542 -20.52 -11.50 27.41
CA GLN B 542 -21.50 -12.53 27.77
C GLN B 542 -21.24 -13.81 26.99
N THR B 543 -21.05 -13.72 25.68
CA THR B 543 -20.73 -14.93 24.90
C THR B 543 -19.39 -15.55 25.33
N SER B 544 -18.41 -14.74 25.61
CA SER B 544 -17.18 -15.21 26.27
C SER B 544 -17.47 -16.03 27.50
N LEU B 545 -18.37 -15.55 28.37
CA LEU B 545 -18.69 -16.33 29.57
C LEU B 545 -19.48 -17.60 29.30
N ASN B 546 -20.36 -17.57 28.31
CA ASN B 546 -21.00 -18.82 27.85
C ASN B 546 -19.96 -19.86 27.42
N ALA B 547 -19.02 -19.45 26.57
CA ALA B 547 -17.91 -20.31 26.19
C ALA B 547 -17.13 -20.83 27.42
N VAL B 548 -16.85 -19.97 28.40
CA VAL B 548 -16.19 -20.44 29.64
C VAL B 548 -16.96 -21.64 30.24
N TRP B 549 -18.30 -21.55 30.34
CA TRP B 549 -19.10 -22.67 30.84
C TRP B 549 -18.96 -23.92 30.00
N GLY B 550 -19.09 -23.72 28.69
CA GLY B 550 -18.87 -24.80 27.75
C GLY B 550 -17.49 -25.45 27.85
N ILE B 551 -16.42 -24.68 28.00
CA ILE B 551 -15.06 -25.26 28.10
C ILE B 551 -14.83 -26.01 29.44
N MET B 552 -15.30 -25.41 30.51
CA MET B 552 -15.35 -26.06 31.77
C MET B 552 -16.08 -27.37 31.65
N ASN B 553 -17.28 -27.34 31.08
CA ASN B 553 -18.02 -28.56 30.90
C ASN B 553 -17.20 -29.59 30.09
N HIS B 554 -16.46 -29.09 29.09
CA HIS B 554 -15.70 -29.97 28.20
C HIS B 554 -14.59 -30.68 28.96
N PHE B 555 -14.09 -30.05 30.03
CA PHE B 555 -13.01 -30.64 30.81
C PHE B 555 -13.56 -31.48 31.98
N GLY B 556 -14.87 -31.77 31.95
CA GLY B 556 -15.51 -32.61 32.95
C GLY B 556 -15.91 -31.84 34.20
N GLY B 557 -15.91 -30.50 34.11
CA GLY B 557 -16.25 -29.68 35.20
C GLY B 557 -17.74 -29.38 35.30
N LYS B 558 -18.07 -28.61 36.34
CA LYS B 558 -19.43 -28.24 36.56
C LYS B 558 -19.46 -27.06 37.49
N THR B 559 -20.58 -26.33 37.45
CA THR B 559 -20.77 -25.18 38.31
C THR B 559 -21.12 -25.66 39.69
N HIS B 560 -20.98 -24.75 40.62
CA HIS B 560 -21.32 -25.00 42.01
C HIS B 560 -22.84 -24.99 42.06
N ALA B 561 -23.41 -25.83 42.93
CA ALA B 561 -24.86 -25.96 43.04
C ALA B 561 -25.57 -24.63 43.35
N ASP B 562 -24.96 -23.74 44.14
CA ASP B 562 -25.56 -22.42 44.50
C ASP B 562 -25.36 -21.34 43.44
N ASN B 563 -24.53 -21.61 42.41
CA ASN B 563 -24.21 -20.59 41.40
C ASN B 563 -24.22 -21.17 39.95
N PRO B 564 -25.41 -21.61 39.50
CA PRO B 564 -25.57 -22.25 38.16
C PRO B 564 -25.17 -21.28 37.07
N GLY B 565 -24.63 -21.80 35.95
CA GLY B 565 -24.10 -21.00 34.91
C GLY B 565 -24.87 -21.13 33.59
N PRO B 566 -24.37 -20.46 32.52
CA PRO B 566 -25.15 -20.46 31.26
C PRO B 566 -25.73 -21.78 30.81
N GLY B 567 -24.89 -22.79 30.75
CA GLY B 567 -25.31 -24.07 30.15
C GLY B 567 -26.19 -24.92 31.01
N ASP B 568 -26.32 -24.55 32.30
CA ASP B 568 -27.19 -25.21 33.25
C ASP B 568 -28.65 -24.73 33.07
N VAL B 569 -28.86 -23.51 32.50
CA VAL B 569 -30.22 -23.00 32.30
C VAL B 569 -30.58 -22.74 30.84
N PHE B 570 -29.58 -22.90 29.99
CA PHE B 570 -29.75 -22.52 28.58
C PHE B 570 -30.95 -23.19 27.91
N ASP B 571 -31.13 -24.49 28.19
CA ASP B 571 -32.21 -25.25 27.50
C ASP B 571 -33.59 -24.77 27.90
N GLU B 572 -33.71 -24.20 29.08
CA GLU B 572 -35.01 -23.70 29.53
C GLU B 572 -35.26 -22.21 29.18
N ILE B 573 -34.26 -21.33 29.27
CA ILE B 573 -34.51 -19.89 28.97
C ILE B 573 -33.73 -19.31 27.77
N GLY B 574 -32.97 -20.12 27.05
CA GLY B 574 -32.26 -19.62 25.87
C GLY B 574 -33.18 -19.21 24.70
N GLN B 575 -32.57 -18.92 23.57
CA GLN B 575 -33.21 -18.24 22.47
C GLN B 575 -34.04 -19.27 21.84
N ILE B 576 -35.28 -18.90 21.61
CA ILE B 576 -36.20 -19.60 20.74
C ILE B 576 -35.54 -20.01 19.44
N ALA B 577 -35.85 -21.22 18.99
CA ALA B 577 -35.55 -21.69 17.63
C ALA B 577 -36.75 -21.35 16.76
N LEU B 578 -36.52 -20.98 15.51
CA LEU B 578 -37.60 -20.76 14.53
C LEU B 578 -37.67 -21.97 13.64
N ALA B 579 -38.80 -22.10 12.94
CA ALA B 579 -39.07 -23.18 11.97
C ALA B 579 -38.11 -23.21 10.81
N ASP B 580 -37.99 -24.38 10.19
CA ASP B 580 -37.14 -24.58 9.03
C ASP B 580 -37.64 -23.80 7.79
N ASN C 25 20.97 -0.60 -41.99
CA ASN C 25 22.28 -0.27 -41.35
C ASN C 25 22.21 1.03 -40.57
N ARG C 26 22.11 0.95 -39.26
CA ARG C 26 21.95 2.10 -38.42
C ARG C 26 23.28 2.65 -37.90
N HIS C 27 24.39 1.99 -38.23
CA HIS C 27 25.69 2.48 -37.81
C HIS C 27 25.99 3.86 -38.33
N PRO C 28 26.82 4.60 -37.61
CA PRO C 28 27.14 5.94 -38.10
C PRO C 28 27.77 5.85 -39.50
N ALA C 29 27.40 6.78 -40.37
CA ALA C 29 27.88 6.80 -41.73
C ALA C 29 29.27 7.46 -41.79
N ASP C 30 30.23 6.93 -41.05
CA ASP C 30 31.55 7.52 -40.96
C ASP C 30 32.58 6.77 -41.81
N GLY C 31 32.12 5.84 -42.64
CA GLY C 31 33.00 5.06 -43.51
C GLY C 31 33.98 4.12 -42.81
N LYS C 32 33.78 3.85 -41.52
CA LYS C 32 34.62 2.89 -40.80
C LYS C 32 33.92 1.57 -40.57
N LYS C 33 34.70 0.57 -40.24
CA LYS C 33 34.13 -0.64 -39.67
C LYS C 33 33.49 -0.20 -38.33
N PRO C 34 32.23 -0.58 -38.08
CA PRO C 34 31.51 -0.09 -36.94
C PRO C 34 32.00 -0.61 -35.61
N ILE C 35 31.84 0.26 -34.61
CA ILE C 35 31.95 -0.18 -33.22
C ILE C 35 30.75 -1.05 -32.92
N THR C 36 30.97 -2.19 -32.29
CA THR C 36 29.93 -3.03 -31.79
C THR C 36 30.27 -3.50 -30.36
N ILE C 37 29.30 -4.12 -29.69
CA ILE C 37 29.51 -4.63 -28.28
C ILE C 37 30.09 -5.99 -28.45
N PHE C 38 31.40 -5.97 -28.65
CA PHE C 38 32.21 -7.11 -29.03
C PHE C 38 33.20 -7.28 -27.88
N GLY C 39 32.88 -8.18 -26.98
CA GLY C 39 33.62 -8.23 -25.72
C GLY C 39 33.47 -6.90 -24.99
N PRO C 40 34.55 -6.39 -24.39
CA PRO C 40 35.87 -6.96 -24.50
C PRO C 40 36.11 -8.19 -23.62
N ASP C 41 35.22 -8.49 -22.66
CA ASP C 41 35.54 -9.59 -21.76
C ASP C 41 35.44 -10.92 -22.49
N PHE C 42 34.44 -11.05 -23.37
CA PHE C 42 34.25 -12.25 -24.20
C PHE C 42 33.96 -11.89 -25.64
N PRO C 43 35.03 -11.65 -26.43
CA PRO C 43 34.81 -11.03 -27.74
C PRO C 43 34.35 -12.10 -28.71
N PHE C 44 33.15 -12.61 -28.45
CA PHE C 44 32.52 -13.56 -29.35
C PHE C 44 31.59 -12.82 -30.31
N ALA C 45 31.68 -13.16 -31.61
CA ALA C 45 30.80 -12.55 -32.60
C ALA C 45 29.33 -13.05 -32.52
N PHE C 46 28.55 -12.60 -31.53
CA PHE C 46 27.15 -13.08 -31.46
C PHE C 46 26.35 -12.85 -32.73
N ASP C 47 26.50 -11.70 -33.32
CA ASP C 47 25.76 -11.40 -34.53
C ASP C 47 26.07 -12.42 -35.67
N ASP C 48 27.33 -12.70 -35.95
CA ASP C 48 27.74 -13.73 -36.93
C ASP C 48 27.15 -15.11 -36.60
N TRP C 49 27.22 -15.49 -35.33
CA TRP C 49 26.63 -16.75 -34.90
C TRP C 49 25.15 -16.74 -35.31
N LEU C 50 24.47 -15.63 -35.06
CA LEU C 50 23.02 -15.60 -35.23
C LEU C 50 22.63 -15.61 -36.68
N GLU C 51 23.43 -14.96 -37.51
CA GLU C 51 23.10 -14.73 -38.90
C GLU C 51 23.55 -15.87 -39.82
N HIS C 52 24.50 -16.68 -39.35
CA HIS C 52 25.03 -17.78 -40.15
C HIS C 52 23.92 -18.74 -40.61
N PRO C 53 23.92 -19.09 -41.90
CA PRO C 53 22.84 -19.91 -42.43
C PRO C 53 22.74 -21.33 -41.86
N ALA C 54 23.82 -21.87 -41.33
CA ALA C 54 23.77 -23.19 -40.73
C ALA C 54 22.85 -23.26 -39.49
N GLY C 55 22.60 -22.14 -38.78
CA GLY C 55 21.87 -22.16 -37.51
C GLY C 55 22.82 -22.44 -36.32
N LEU C 56 22.26 -22.46 -35.12
CA LEU C 56 23.07 -22.53 -33.88
C LEU C 56 23.44 -23.94 -33.49
N GLY C 57 23.01 -24.90 -34.28
CA GLY C 57 23.45 -26.28 -34.10
C GLY C 57 22.25 -27.18 -34.00
N SER C 58 22.42 -28.30 -33.32
CA SER C 58 21.38 -29.26 -33.23
C SER C 58 21.47 -30.08 -31.97
N ILE C 59 20.36 -30.70 -31.67
CA ILE C 59 20.17 -31.57 -30.55
C ILE C 59 19.71 -32.88 -31.17
N PRO C 60 20.16 -34.01 -30.62
CA PRO C 60 19.77 -35.35 -31.13
C PRO C 60 18.26 -35.53 -31.18
N ALA C 61 17.78 -36.02 -32.31
CA ALA C 61 16.34 -36.14 -32.63
C ALA C 61 15.54 -36.79 -31.50
N ALA C 62 16.17 -37.71 -30.77
CA ALA C 62 15.54 -38.43 -29.69
C ALA C 62 15.12 -37.50 -28.53
N ARG C 63 15.72 -36.31 -28.44
CA ARG C 63 15.37 -35.42 -27.37
C ARG C 63 14.39 -34.35 -27.90
N HIS C 64 14.08 -34.31 -29.21
CA HIS C 64 13.13 -33.32 -29.75
C HIS C 64 11.81 -33.39 -28.99
N GLY C 65 11.24 -32.24 -28.67
CA GLY C 65 9.97 -32.20 -27.97
C GLY C 65 10.11 -32.14 -26.45
N GLU C 66 11.27 -32.43 -25.87
CA GLU C 66 11.40 -32.40 -24.43
C GLU C 66 11.38 -30.97 -23.95
N GLU C 67 11.02 -30.80 -22.68
CA GLU C 67 10.77 -29.46 -22.14
C GLU C 67 12.01 -28.89 -21.43
N VAL C 68 12.15 -27.58 -21.52
CA VAL C 68 13.09 -26.87 -20.70
C VAL C 68 12.34 -25.67 -20.13
N ALA C 69 12.42 -25.52 -18.81
CA ALA C 69 11.76 -24.43 -18.14
C ALA C 69 12.62 -23.19 -18.28
N ILE C 70 11.94 -22.08 -18.46
CA ILE C 70 12.56 -20.76 -18.52
C ILE C 70 11.85 -19.82 -17.52
N VAL C 71 12.53 -19.39 -16.47
CA VAL C 71 11.98 -18.44 -15.55
C VAL C 71 12.16 -16.97 -15.98
N GLY C 72 11.04 -16.34 -16.30
CA GLY C 72 11.07 -14.94 -16.72
C GLY C 72 10.80 -14.78 -18.20
N ALA C 73 9.88 -13.88 -18.56
CA ALA C 73 9.60 -13.59 -19.98
C ALA C 73 10.03 -12.17 -20.36
N GLY C 74 11.23 -11.85 -19.88
CA GLY C 74 11.95 -10.69 -20.32
C GLY C 74 12.73 -11.12 -21.52
N ILE C 75 13.59 -10.24 -22.00
CA ILE C 75 14.34 -10.47 -23.25
C ILE C 75 15.26 -11.69 -23.20
N ALA C 76 15.98 -11.89 -22.09
CA ALA C 76 16.86 -13.07 -21.97
C ALA C 76 16.06 -14.41 -21.95
N GLY C 77 14.95 -14.42 -21.23
CA GLY C 77 14.08 -15.58 -21.25
C GLY C 77 13.50 -15.85 -22.65
N LEU C 78 13.03 -14.82 -23.35
CA LEU C 78 12.30 -15.07 -24.62
C LEU C 78 13.25 -15.38 -25.76
N VAL C 79 14.38 -14.69 -25.81
CA VAL C 79 15.44 -15.08 -26.71
C VAL C 79 15.86 -16.54 -26.49
N ALA C 80 16.18 -16.96 -25.25
CA ALA C 80 16.58 -18.31 -25.01
C ALA C 80 15.47 -19.27 -25.42
N ALA C 81 14.22 -19.02 -25.02
CA ALA C 81 13.05 -19.84 -25.51
C ALA C 81 12.96 -19.92 -27.05
N TYR C 82 13.04 -18.78 -27.73
CA TYR C 82 12.87 -18.75 -29.20
C TYR C 82 13.88 -19.70 -29.92
N GLU C 83 15.14 -19.53 -29.56
CA GLU C 83 16.21 -20.26 -30.18
C GLU C 83 16.17 -21.72 -29.78
N LEU C 84 15.76 -22.03 -28.53
CA LEU C 84 15.67 -23.43 -28.11
C LEU C 84 14.51 -24.16 -28.79
N MET C 85 13.40 -23.45 -28.99
CA MET C 85 12.29 -23.95 -29.82
C MET C 85 12.77 -24.31 -31.23
N LYS C 86 13.50 -23.40 -31.86
CA LYS C 86 14.11 -23.68 -33.17
C LYS C 86 15.02 -24.94 -33.15
N LEU C 87 15.63 -25.25 -32.01
CA LEU C 87 16.49 -26.42 -31.91
C LEU C 87 15.71 -27.69 -31.62
N GLY C 88 14.39 -27.57 -31.53
CA GLY C 88 13.50 -28.75 -31.47
C GLY C 88 13.06 -29.06 -30.05
N LEU C 89 13.40 -28.20 -29.10
CA LEU C 89 12.90 -28.33 -27.73
C LEU C 89 11.54 -27.61 -27.54
N LYS C 90 10.88 -27.89 -26.41
CA LYS C 90 9.63 -27.21 -26.06
C LYS C 90 9.99 -26.35 -24.85
N PRO C 91 10.47 -25.12 -25.08
CA PRO C 91 10.61 -24.29 -23.95
C PRO C 91 9.27 -24.09 -23.27
N VAL C 92 9.31 -23.97 -21.93
CA VAL C 92 8.15 -23.59 -21.12
C VAL C 92 8.58 -22.41 -20.24
N VAL C 93 8.15 -21.25 -20.69
CA VAL C 93 8.38 -19.97 -20.05
C VAL C 93 7.41 -19.73 -18.85
N TYR C 94 7.96 -19.26 -17.74
CA TYR C 94 7.20 -18.82 -16.61
C TYR C 94 7.32 -17.28 -16.51
N GLU C 95 6.25 -16.60 -16.13
CA GLU C 95 6.34 -15.18 -15.89
C GLU C 95 5.42 -14.79 -14.78
N ALA C 96 6.02 -14.32 -13.67
CA ALA C 96 5.30 -13.95 -12.47
C ALA C 96 4.56 -12.61 -12.49
N SER C 97 4.95 -11.70 -13.38
CA SER C 97 4.33 -10.35 -13.43
C SER C 97 3.99 -9.97 -14.87
N LYS C 98 4.78 -9.08 -15.50
CA LYS C 98 4.40 -8.67 -16.89
C LYS C 98 5.37 -9.17 -17.97
N MET C 99 4.76 -9.50 -19.09
CA MET C 99 5.47 -9.77 -20.30
C MET C 99 6.50 -8.71 -20.67
N GLY C 100 7.72 -9.12 -21.03
CA GLY C 100 8.76 -8.17 -21.45
C GLY C 100 9.73 -7.73 -20.37
N GLY C 101 9.37 -7.89 -19.11
CA GLY C 101 10.25 -7.52 -18.00
C GLY C 101 10.68 -6.08 -18.08
N ARG C 102 11.97 -5.82 -18.03
CA ARG C 102 12.43 -4.41 -18.10
C ARG C 102 12.40 -3.72 -19.50
N LEU C 103 11.75 -4.35 -20.48
CA LEU C 103 11.38 -3.69 -21.73
C LEU C 103 9.88 -3.49 -21.73
N ARG C 104 9.45 -2.31 -21.29
CA ARG C 104 8.08 -2.12 -20.93
C ARG C 104 7.59 -0.83 -21.60
N SER C 105 6.48 -0.91 -22.32
CA SER C 105 5.98 0.27 -22.97
C SER C 105 4.56 0.48 -22.57
N GLN C 106 4.26 1.42 -21.70
CA GLN C 106 2.86 1.67 -21.31
C GLN C 106 2.19 2.73 -22.15
N ALA C 107 1.00 2.46 -22.63
CA ALA C 107 0.28 3.35 -23.58
C ALA C 107 -0.51 4.30 -22.74
N PHE C 108 -0.59 5.55 -23.17
CA PHE C 108 -1.35 6.61 -22.45
C PHE C 108 -2.82 6.49 -22.79
N ASN C 109 -3.68 7.02 -21.93
CA ASN C 109 -5.15 6.82 -22.07
C ASN C 109 -5.63 7.14 -23.46
N GLY C 110 -6.32 6.23 -24.11
CA GLY C 110 -7.03 6.56 -25.36
C GLY C 110 -6.23 6.63 -26.65
N THR C 111 -4.94 6.40 -26.55
CA THR C 111 -4.03 6.61 -27.64
C THR C 111 -3.62 5.36 -28.34
N ASP C 112 -3.09 5.53 -29.53
CA ASP C 112 -2.52 4.43 -30.30
C ASP C 112 -1.10 4.84 -30.59
N GLY C 113 -0.14 3.95 -30.36
CA GLY C 113 1.26 4.22 -30.70
C GLY C 113 1.97 5.27 -29.87
N ILE C 114 1.37 5.71 -28.78
CA ILE C 114 1.95 6.76 -27.96
C ILE C 114 2.25 6.16 -26.60
N ILE C 115 3.54 5.92 -26.31
CA ILE C 115 3.91 5.17 -25.12
C ILE C 115 4.92 5.89 -24.31
N ALA C 116 5.13 5.34 -23.09
CA ALA C 116 6.25 5.72 -22.23
C ALA C 116 7.13 4.54 -22.06
N GLU C 117 8.42 4.71 -22.28
CA GLU C 117 9.38 3.66 -21.99
C GLU C 117 9.74 3.62 -20.50
N LEU C 118 9.21 2.64 -19.78
CA LEU C 118 9.47 2.58 -18.32
C LEU C 118 10.77 1.89 -17.97
N GLY C 119 11.28 1.04 -18.86
CA GLY C 119 12.59 0.40 -18.63
C GLY C 119 13.50 0.89 -19.72
N GLY C 120 14.22 -0.02 -20.38
CA GLY C 120 14.98 0.26 -21.63
C GLY C 120 14.28 1.20 -22.54
N MET C 121 14.99 2.24 -22.99
CA MET C 121 14.47 3.24 -23.89
C MET C 121 15.34 3.75 -25.05
N ARG C 122 16.66 3.66 -24.89
CA ARG C 122 17.57 4.23 -25.90
C ARG C 122 18.62 3.17 -26.16
N PHE C 123 18.59 2.64 -27.38
CA PHE C 123 19.32 1.44 -27.69
C PHE C 123 20.47 1.71 -28.61
N PRO C 124 21.71 1.58 -28.07
CA PRO C 124 22.88 1.85 -28.88
C PRO C 124 22.97 0.90 -30.06
N VAL C 125 23.21 1.45 -31.24
CA VAL C 125 23.32 0.66 -32.47
C VAL C 125 24.51 -0.26 -32.47
N SER C 126 25.44 -0.08 -31.54
CA SER C 126 26.46 -1.08 -31.29
C SER C 126 25.92 -2.40 -30.75
N SER C 127 24.64 -2.44 -30.41
CA SER C 127 24.01 -3.64 -29.82
C SER C 127 23.55 -4.61 -30.95
N THR C 128 24.51 -5.23 -31.63
CA THR C 128 24.16 -5.95 -32.87
C THR C 128 23.31 -7.23 -32.59
N ALA C 129 23.47 -7.90 -31.45
CA ALA C 129 22.66 -9.09 -31.21
C ALA C 129 21.19 -8.70 -30.94
N PHE C 130 20.95 -7.70 -30.08
CA PHE C 130 19.62 -7.08 -29.90
C PHE C 130 18.99 -6.64 -31.22
N TYR C 131 19.73 -5.91 -32.03
CA TYR C 131 19.18 -5.42 -33.32
C TYR C 131 18.97 -6.54 -34.36
N HIS C 132 19.64 -7.67 -34.22
CA HIS C 132 19.23 -8.89 -35.01
C HIS C 132 17.72 -9.24 -34.80
N TYR C 133 17.24 -9.12 -33.55
CA TYR C 133 15.86 -9.43 -33.27
C TYR C 133 14.91 -8.30 -33.68
N VAL C 134 15.36 -7.06 -33.49
CA VAL C 134 14.57 -5.92 -33.88
C VAL C 134 14.26 -6.03 -35.37
N ASP C 135 15.30 -6.32 -36.17
CA ASP C 135 15.13 -6.42 -37.63
C ASP C 135 14.44 -7.69 -38.06
N LYS C 136 14.59 -8.78 -37.30
CA LYS C 136 13.87 -10.02 -37.62
C LYS C 136 12.36 -9.71 -37.55
N LEU C 137 11.95 -8.83 -36.63
CA LEU C 137 10.54 -8.51 -36.46
C LEU C 137 10.08 -7.36 -37.36
N GLY C 138 11.03 -6.75 -38.07
CA GLY C 138 10.69 -5.64 -38.97
C GLY C 138 10.30 -4.34 -38.29
N LEU C 139 10.75 -4.13 -37.06
CA LEU C 139 10.34 -2.96 -36.31
C LEU C 139 11.11 -1.74 -36.78
N GLU C 140 10.51 -0.57 -36.59
CA GLU C 140 11.10 0.68 -37.02
C GLU C 140 11.75 1.37 -35.81
N THR C 141 12.91 1.99 -36.04
CA THR C 141 13.60 2.73 -34.95
C THR C 141 13.90 4.16 -35.43
N LYS C 142 14.15 5.07 -34.51
CA LYS C 142 14.67 6.41 -34.87
C LYS C 142 15.66 6.91 -33.83
N PRO C 143 16.56 7.84 -34.22
CA PRO C 143 17.53 8.35 -33.28
C PRO C 143 16.85 8.88 -32.03
N PHE C 144 17.43 8.56 -30.89
CA PHE C 144 16.92 9.03 -29.62
C PHE C 144 17.33 10.48 -29.43
N PRO C 145 16.45 11.31 -28.82
CA PRO C 145 16.79 12.74 -28.59
C PRO C 145 17.70 13.03 -27.36
N ASN C 146 18.97 12.59 -27.43
CA ASN C 146 19.94 12.93 -26.38
C ASN C 146 20.45 14.35 -26.60
N PRO C 147 20.96 14.97 -25.53
CA PRO C 147 21.42 16.36 -25.64
C PRO C 147 22.45 16.58 -26.75
N LEU C 148 22.26 17.65 -27.53
CA LEU C 148 23.26 18.07 -28.53
C LEU C 148 23.52 17.02 -29.59
N THR C 149 22.47 16.39 -30.06
CA THR C 149 22.52 15.45 -31.13
C THR C 149 21.60 16.04 -32.19
N PRO C 150 21.70 15.58 -33.46
CA PRO C 150 20.71 15.99 -34.50
C PRO C 150 19.26 15.70 -34.07
N ALA C 151 19.05 14.65 -33.27
CA ALA C 151 17.71 14.29 -32.81
C ALA C 151 17.11 15.27 -31.79
N SER C 152 17.92 16.21 -31.26
CA SER C 152 17.45 17.15 -30.26
C SER C 152 17.78 18.56 -30.71
N ARG C 153 16.82 19.46 -30.58
CA ARG C 153 16.99 20.78 -31.15
C ARG C 153 17.83 21.67 -30.23
N SER C 154 17.64 21.51 -28.92
CA SER C 154 18.38 22.29 -27.95
C SER C 154 18.41 21.60 -26.62
N THR C 155 19.36 22.07 -25.81
CA THR C 155 19.67 21.51 -24.49
C THR C 155 19.75 22.67 -23.53
N VAL C 156 19.21 22.51 -22.32
CA VAL C 156 19.36 23.52 -21.28
C VAL C 156 20.04 22.84 -20.14
N ILE C 157 21.13 23.44 -19.65
CA ILE C 157 21.84 22.98 -18.48
C ILE C 157 21.55 23.96 -17.34
N ASP C 158 21.08 23.43 -16.25
CA ASP C 158 20.76 24.28 -15.12
C ASP C 158 21.44 23.82 -13.84
N LEU C 159 22.42 24.59 -13.35
CA LEU C 159 23.27 24.21 -12.25
C LEU C 159 23.44 25.38 -11.31
N GLU C 160 23.10 25.13 -10.05
CA GLU C 160 23.19 26.15 -8.96
C GLU C 160 22.52 27.43 -9.34
N GLY C 161 21.38 27.31 -10.03
CA GLY C 161 20.62 28.49 -10.40
C GLY C 161 21.16 29.23 -11.61
N GLN C 162 22.15 28.71 -12.30
CA GLN C 162 22.69 29.36 -13.49
C GLN C 162 22.22 28.47 -14.64
N THR C 163 21.57 29.10 -15.60
CA THR C 163 20.97 28.41 -16.73
C THR C 163 21.71 28.70 -18.03
N TYR C 164 22.07 27.67 -18.77
CA TYR C 164 22.73 27.83 -20.06
C TYR C 164 21.91 27.15 -21.13
N TYR C 165 21.70 27.81 -22.26
CA TYR C 165 20.94 27.29 -23.40
C TYR C 165 21.88 27.10 -24.56
N ALA C 166 21.71 26.05 -25.34
CA ALA C 166 22.66 25.67 -26.40
C ALA C 166 21.97 24.86 -27.49
N GLU C 167 22.15 25.24 -28.74
CA GLU C 167 21.73 24.40 -29.88
C GLU C 167 22.90 23.61 -30.48
N LYS C 168 24.12 24.00 -30.19
CA LYS C 168 25.31 23.18 -30.48
C LYS C 168 26.26 23.33 -29.30
N ALA C 169 27.20 22.39 -29.20
CA ALA C 169 28.08 22.33 -28.04
C ALA C 169 28.83 23.64 -27.86
N ALA C 170 29.18 24.27 -28.98
CA ALA C 170 29.89 25.57 -28.93
C ALA C 170 29.11 26.73 -28.26
N ASP C 171 27.80 26.64 -28.13
CA ASP C 171 27.09 27.70 -27.42
C ASP C 171 27.35 27.66 -25.89
N LEU C 172 28.00 26.63 -25.38
CA LEU C 172 28.15 26.52 -23.93
C LEU C 172 29.38 27.25 -23.49
N PRO C 173 29.40 27.75 -22.25
CA PRO C 173 30.60 28.35 -21.69
C PRO C 173 31.76 27.38 -21.71
N ALA C 174 32.96 27.94 -21.58
CA ALA C 174 34.24 27.25 -21.77
C ALA C 174 34.38 26.01 -20.87
N LEU C 175 34.04 26.18 -19.59
CA LEU C 175 34.15 25.08 -18.63
C LEU C 175 33.61 23.73 -19.15
N PHE C 176 32.46 23.73 -19.82
CA PHE C 176 31.91 22.50 -20.35
C PHE C 176 32.79 21.82 -21.41
N GLN C 177 33.43 22.61 -22.28
CA GLN C 177 34.38 22.05 -23.22
C GLN C 177 35.65 21.57 -22.50
N GLU C 178 36.11 22.27 -21.46
CA GLU C 178 37.28 21.78 -20.67
C GLU C 178 37.00 20.44 -20.05
N VAL C 179 35.75 20.25 -19.62
CA VAL C 179 35.31 19.00 -19.05
C VAL C 179 35.31 17.88 -20.08
N THR C 180 34.72 18.12 -21.25
CA THR C 180 34.72 17.08 -22.27
C THR C 180 36.13 16.72 -22.67
N ASP C 181 37.01 17.72 -22.82
CA ASP C 181 38.39 17.48 -23.23
C ASP C 181 39.09 16.64 -22.18
N ALA C 182 38.87 16.98 -20.92
CA ALA C 182 39.59 16.24 -19.86
C ALA C 182 39.10 14.78 -19.83
N TRP C 183 37.80 14.58 -20.10
CA TRP C 183 37.22 13.23 -20.02
C TRP C 183 37.79 12.40 -21.15
N ALA C 184 37.76 12.93 -22.36
CA ALA C 184 38.37 12.22 -23.51
C ALA C 184 39.86 11.95 -23.29
N ASP C 185 40.60 12.93 -22.75
CA ASP C 185 42.04 12.69 -22.44
C ASP C 185 42.24 11.64 -21.31
N ALA C 186 41.35 11.60 -20.33
CA ALA C 186 41.55 10.61 -19.29
C ALA C 186 41.33 9.21 -19.81
N LEU C 187 40.36 9.06 -20.67
CA LEU C 187 40.15 7.76 -21.31
C LEU C 187 41.34 7.34 -22.24
N GLU C 188 41.90 8.27 -23.01
CA GLU C 188 43.03 8.00 -23.93
C GLU C 188 44.29 7.67 -23.15
N SER C 189 44.67 8.53 -22.21
CA SER C 189 45.89 8.33 -21.36
C SER C 189 45.78 7.13 -20.46
N GLY C 190 44.57 6.92 -19.97
CA GLY C 190 44.33 6.02 -18.86
C GLY C 190 43.86 4.66 -19.28
N ALA C 191 43.27 4.54 -20.47
CA ALA C 191 42.63 3.29 -20.78
C ALA C 191 42.92 2.81 -22.15
N ARG C 192 43.76 3.53 -22.87
CA ARG C 192 44.10 3.27 -24.27
C ARG C 192 42.85 3.21 -25.11
N PHE C 193 41.94 4.15 -24.85
CA PHE C 193 40.64 4.19 -25.53
C PHE C 193 40.72 3.98 -27.07
N GLY C 194 41.60 4.74 -27.74
CA GLY C 194 41.72 4.71 -29.20
C GLY C 194 42.04 3.33 -29.69
N ASP C 195 43.06 2.73 -29.07
CA ASP C 195 43.59 1.45 -29.49
C ASP C 195 42.55 0.33 -29.27
N ILE C 196 41.85 0.41 -28.16
CA ILE C 196 40.82 -0.60 -27.87
C ILE C 196 39.70 -0.45 -28.91
N GLN C 197 39.21 0.75 -29.15
CA GLN C 197 38.14 0.94 -30.15
C GLN C 197 38.57 0.39 -31.54
N GLN C 198 39.81 0.65 -31.95
CA GLN C 198 40.26 0.14 -33.25
C GLN C 198 40.24 -1.38 -33.29
N ALA C 199 40.58 -2.00 -32.18
CA ALA C 199 40.63 -3.48 -32.11
C ALA C 199 39.25 -4.06 -32.11
N ILE C 200 38.30 -3.29 -31.56
CA ILE C 200 36.92 -3.67 -31.58
C ILE C 200 36.43 -3.59 -33.04
N ARG C 201 36.79 -2.52 -33.72
CA ARG C 201 36.36 -2.29 -35.09
C ARG C 201 36.82 -3.44 -35.99
N ASP C 202 38.06 -3.88 -35.75
CA ASP C 202 38.72 -4.85 -36.62
C ASP C 202 38.43 -6.24 -36.15
N ARG C 203 37.78 -6.32 -35.00
CA ARG C 203 37.56 -7.61 -34.39
C ARG C 203 38.85 -8.41 -34.26
N ASP C 204 39.91 -7.70 -33.89
CA ASP C 204 41.22 -8.27 -33.62
C ASP C 204 41.22 -8.79 -32.18
N VAL C 205 40.91 -10.07 -32.03
CA VAL C 205 40.70 -10.66 -30.72
C VAL C 205 41.95 -10.69 -29.86
N PRO C 206 43.07 -11.24 -30.38
CA PRO C 206 44.30 -11.23 -29.55
C PRO C 206 44.67 -9.84 -29.01
N ARG C 207 44.61 -8.85 -29.90
CA ARG C 207 44.97 -7.50 -29.55
C ARG C 207 44.00 -6.91 -28.49
N LEU C 208 42.70 -7.02 -28.76
CA LEU C 208 41.71 -6.51 -27.86
C LEU C 208 41.89 -7.11 -26.46
N LYS C 209 42.11 -8.43 -26.37
CA LYS C 209 42.25 -9.09 -25.10
C LYS C 209 43.51 -8.66 -24.37
N GLU C 210 44.63 -8.50 -25.10
CA GLU C 210 45.88 -7.97 -24.53
C GLU C 210 45.60 -6.60 -23.90
N LEU C 211 44.98 -5.73 -24.69
CA LEU C 211 44.74 -4.35 -24.26
C LEU C 211 43.75 -4.25 -23.11
N TRP C 212 42.75 -5.11 -23.10
CA TRP C 212 41.74 -5.16 -22.02
C TRP C 212 42.28 -5.89 -20.79
N ASN C 213 42.96 -7.01 -21.00
CA ASN C 213 43.35 -7.81 -19.86
C ASN C 213 44.28 -7.05 -18.94
N THR C 214 45.06 -6.14 -19.51
CA THR C 214 45.88 -5.22 -18.72
C THR C 214 45.08 -4.33 -17.73
N LEU C 215 43.96 -3.83 -18.20
CA LEU C 215 43.06 -3.02 -17.42
C LEU C 215 42.32 -3.77 -16.28
N VAL C 216 41.99 -5.03 -16.50
CA VAL C 216 41.15 -5.75 -15.55
C VAL C 216 41.74 -5.68 -14.14
N PRO C 217 43.00 -6.12 -13.93
CA PRO C 217 43.47 -6.09 -12.52
C PRO C 217 43.73 -4.72 -11.98
N LEU C 218 43.87 -3.74 -12.85
CA LEU C 218 44.19 -2.38 -12.46
C LEU C 218 42.91 -1.61 -12.06
N TRP C 219 41.75 -1.97 -12.61
CA TRP C 219 40.55 -1.17 -12.32
C TRP C 219 39.35 -1.88 -11.67
N ASP C 220 39.37 -3.21 -11.61
CA ASP C 220 38.37 -3.90 -10.81
C ASP C 220 38.11 -3.18 -9.49
N ASP C 221 39.18 -2.85 -8.76
CA ASP C 221 39.07 -2.40 -7.36
C ASP C 221 39.00 -0.86 -7.17
N ARG C 222 38.80 -0.15 -8.26
CA ARG C 222 38.78 1.30 -8.22
C ARG C 222 37.48 1.81 -8.85
N THR C 223 37.01 2.94 -8.41
CA THR C 223 35.73 3.47 -8.85
C THR C 223 35.89 4.40 -10.06
N PHE C 224 34.81 4.58 -10.79
CA PHE C 224 34.64 5.67 -11.80
C PHE C 224 35.13 7.03 -11.30
N TYR C 225 34.66 7.42 -10.12
CA TYR C 225 35.12 8.64 -9.51
C TYR C 225 36.65 8.68 -9.34
N ASP C 226 37.22 7.63 -8.81
CA ASP C 226 38.67 7.60 -8.62
C ASP C 226 39.35 7.72 -9.97
N PHE C 227 38.86 6.96 -10.95
CA PHE C 227 39.41 7.15 -12.34
C PHE C 227 39.43 8.62 -12.73
N VAL C 228 38.34 9.33 -12.46
CA VAL C 228 38.23 10.73 -12.88
C VAL C 228 39.11 11.69 -12.08
N ALA C 229 39.02 11.59 -10.78
CA ALA C 229 39.77 12.48 -9.91
C ALA C 229 41.28 12.32 -9.97
N THR C 230 41.79 11.11 -10.11
CA THR C 230 43.22 10.89 -10.21
C THR C 230 43.77 10.93 -11.62
N SER C 231 42.93 11.14 -12.63
CA SER C 231 43.46 11.26 -14.00
C SER C 231 44.19 12.58 -14.07
N LYS C 232 45.24 12.64 -14.85
CA LYS C 232 46.01 13.88 -15.04
C LYS C 232 45.18 15.13 -15.42
N ALA C 233 44.28 14.92 -16.37
CA ALA C 233 43.41 15.97 -16.87
C ALA C 233 42.49 16.61 -15.81
N PHE C 234 41.80 15.79 -15.03
CA PHE C 234 40.92 16.31 -13.97
C PHE C 234 41.67 16.77 -12.70
N ALA C 235 42.82 16.17 -12.43
CA ALA C 235 43.56 16.49 -11.15
C ALA C 235 44.13 17.91 -11.15
N LYS C 236 44.43 18.43 -12.33
CA LYS C 236 44.82 19.82 -12.50
C LYS C 236 43.63 20.78 -12.70
N LEU C 237 42.42 20.27 -12.77
CA LEU C 237 41.24 21.12 -12.82
C LEU C 237 40.59 21.26 -11.43
N SER C 238 39.67 22.20 -11.30
CA SER C 238 39.00 22.43 -10.02
C SER C 238 38.10 21.27 -9.69
N PHE C 239 37.81 21.09 -8.39
CA PHE C 239 36.78 20.16 -7.95
C PHE C 239 35.50 20.36 -8.77
N GLN C 240 35.12 21.59 -8.90
CA GLN C 240 33.94 21.96 -9.61
C GLN C 240 33.90 21.34 -10.99
N HIS C 241 35.01 21.25 -11.71
CA HIS C 241 34.98 20.57 -13.00
C HIS C 241 34.50 19.11 -12.98
N ARG C 242 34.95 18.32 -12.01
CA ARG C 242 34.52 16.89 -11.94
C ARG C 242 33.14 16.83 -11.31
N GLU C 243 32.81 17.83 -10.51
CA GLU C 243 31.44 17.96 -10.01
C GLU C 243 30.41 18.21 -11.14
N VAL C 244 30.71 19.18 -11.97
CA VAL C 244 29.91 19.44 -13.17
C VAL C 244 29.90 18.19 -14.04
N PHE C 245 31.03 17.51 -14.19
CA PHE C 245 31.07 16.25 -14.97
C PHE C 245 30.07 15.23 -14.40
N GLY C 246 30.03 15.11 -13.08
CA GLY C 246 28.94 14.30 -12.52
C GLY C 246 27.49 14.71 -12.83
N GLN C 247 27.20 16.00 -12.78
CA GLN C 247 25.83 16.48 -12.98
C GLN C 247 25.37 16.50 -14.44
N VAL C 248 26.27 16.74 -15.39
CA VAL C 248 25.87 16.96 -16.77
C VAL C 248 26.28 15.83 -17.71
N GLY C 249 27.40 15.16 -17.46
CA GLY C 249 27.74 13.99 -18.19
C GLY C 249 28.47 14.22 -19.50
N PHE C 250 28.35 13.23 -20.38
CA PHE C 250 29.20 13.09 -21.60
C PHE C 250 28.33 12.62 -22.80
N GLY C 251 27.06 13.06 -22.81
CA GLY C 251 26.13 12.73 -23.89
C GLY C 251 24.80 12.12 -23.46
N THR C 252 24.74 11.49 -22.27
CA THR C 252 23.51 10.78 -21.88
C THR C 252 23.05 11.12 -20.46
N GLY C 253 23.36 12.34 -20.04
CA GLY C 253 22.90 12.86 -18.76
C GLY C 253 24.00 12.70 -17.76
N GLY C 254 23.78 13.16 -16.54
CA GLY C 254 24.80 13.10 -15.51
C GLY C 254 24.88 11.73 -14.89
N TRP C 255 26.08 11.18 -14.81
CA TRP C 255 26.24 9.87 -14.23
C TRP C 255 26.91 9.94 -12.87
N ASP C 256 26.71 11.00 -12.09
CA ASP C 256 27.23 10.97 -10.71
C ASP C 256 26.76 9.76 -9.95
N SER C 257 25.54 9.29 -10.28
CA SER C 257 24.97 8.03 -9.70
C SER C 257 25.88 6.81 -9.74
N ASP C 258 26.71 6.74 -10.79
CA ASP C 258 27.68 5.68 -11.03
C ASP C 258 29.12 5.96 -10.63
N PHE C 259 29.44 7.18 -10.18
CA PHE C 259 30.75 7.46 -9.57
C PHE C 259 31.27 6.31 -8.66
N PRO C 260 30.38 5.67 -7.91
CA PRO C 260 30.83 4.54 -7.06
C PRO C 260 31.10 3.22 -7.71
N ASN C 261 30.74 3.07 -8.98
CA ASN C 261 30.82 1.77 -9.63
C ASN C 261 32.21 1.51 -10.07
N SER C 262 32.55 0.23 -10.19
CA SER C 262 33.87 -0.15 -10.68
C SER C 262 34.14 0.47 -12.01
N MET C 263 35.37 0.99 -12.24
CA MET C 263 35.64 1.65 -13.50
C MET C 263 35.55 0.73 -14.73
N LEU C 264 35.79 -0.56 -14.57
CA LEU C 264 35.67 -1.52 -15.65
C LEU C 264 34.29 -1.48 -16.30
N GLU C 265 33.26 -1.27 -15.49
CA GLU C 265 31.91 -1.13 -15.99
C GLU C 265 31.77 0.07 -16.93
N ILE C 266 32.31 1.22 -16.53
CA ILE C 266 32.27 2.40 -17.36
C ILE C 266 33.09 2.24 -18.61
N PHE C 267 34.28 1.62 -18.47
CA PHE C 267 35.18 1.40 -19.61
C PHE C 267 34.39 0.66 -20.72
N ARG C 268 33.66 -0.39 -20.30
CA ARG C 268 32.83 -1.18 -21.18
C ARG C 268 31.74 -0.35 -21.88
N VAL C 269 31.06 0.50 -21.13
CA VAL C 269 30.10 1.48 -21.77
C VAL C 269 30.71 2.30 -22.90
N VAL C 270 31.82 2.99 -22.61
CA VAL C 270 32.37 3.92 -23.56
C VAL C 270 33.07 3.24 -24.73
N MET C 271 33.84 2.20 -24.43
CA MET C 271 34.66 1.54 -25.46
C MET C 271 33.74 0.87 -26.51
N THR C 272 32.54 0.45 -26.08
CA THR C 272 31.61 -0.14 -27.05
C THR C 272 30.48 0.79 -27.59
N ASN C 273 30.65 2.10 -27.37
CA ASN C 273 29.69 3.13 -27.80
C ASN C 273 28.26 2.89 -27.26
N CYS C 274 28.13 2.36 -26.05
CA CYS C 274 26.82 2.12 -25.53
C CYS C 274 26.18 3.46 -25.34
N ASP C 275 27.02 4.46 -25.06
CA ASP C 275 26.58 5.81 -24.70
C ASP C 275 26.46 6.70 -25.90
N ASP C 276 26.31 6.16 -27.09
CA ASP C 276 26.26 7.05 -28.28
C ASP C 276 25.42 6.36 -29.33
N HIS C 277 24.95 7.14 -30.30
CA HIS C 277 24.23 6.58 -31.46
C HIS C 277 23.14 5.61 -31.01
N GLN C 278 22.24 6.14 -30.19
CA GLN C 278 21.18 5.36 -29.58
C GLN C 278 19.90 5.63 -30.37
N HIS C 279 19.07 4.61 -30.53
CA HIS C 279 17.74 4.75 -31.14
C HIS C 279 16.68 4.28 -30.18
N LEU C 280 15.47 4.84 -30.31
CA LEU C 280 14.26 4.33 -29.63
C LEU C 280 13.50 3.45 -30.65
N VAL C 281 12.69 2.51 -30.16
CA VAL C 281 11.86 1.70 -31.01
C VAL C 281 10.52 2.41 -31.23
N VAL C 282 10.14 2.66 -32.48
CA VAL C 282 8.89 3.38 -32.74
C VAL C 282 7.71 2.51 -32.33
N GLY C 283 6.80 3.07 -31.53
CA GLY C 283 5.69 2.27 -30.99
C GLY C 283 6.04 1.58 -29.67
N GLY C 284 7.29 1.64 -29.22
CA GLY C 284 7.67 0.93 -28.01
C GLY C 284 8.50 -0.34 -28.15
N VAL C 285 9.59 -0.38 -27.35
CA VAL C 285 10.51 -1.50 -27.32
C VAL C 285 9.83 -2.75 -26.80
N GLU C 286 8.75 -2.62 -26.07
CA GLU C 286 8.01 -3.83 -25.65
C GLU C 286 7.55 -4.66 -26.85
N GLN C 287 7.42 -4.06 -28.03
CA GLN C 287 7.15 -4.84 -29.23
C GLN C 287 8.22 -5.91 -29.50
N VAL C 288 9.44 -5.77 -28.97
CA VAL C 288 10.46 -6.79 -29.21
C VAL C 288 10.09 -8.11 -28.48
N PRO C 289 10.03 -8.13 -27.13
CA PRO C 289 9.63 -9.38 -26.49
C PRO C 289 8.22 -9.92 -26.93
N GLN C 290 7.27 -9.03 -27.22
CA GLN C 290 5.90 -9.44 -27.60
C GLN C 290 5.93 -10.05 -29.01
N GLY C 291 6.76 -9.46 -29.87
CA GLY C 291 6.97 -9.99 -31.23
C GLY C 291 7.71 -11.33 -31.29
N ILE C 292 8.73 -11.53 -30.44
CA ILE C 292 9.43 -12.82 -30.33
C ILE C 292 8.49 -13.96 -29.86
N TRP C 293 7.64 -13.61 -28.91
CA TRP C 293 6.62 -14.50 -28.43
C TRP C 293 5.79 -15.04 -29.59
N ARG C 294 5.45 -14.17 -30.53
CA ARG C 294 4.50 -14.51 -31.56
C ARG C 294 5.17 -14.91 -32.87
N HIS C 295 6.49 -14.77 -32.95
CA HIS C 295 7.14 -14.94 -34.23
C HIS C 295 7.25 -16.42 -34.67
N VAL C 296 6.88 -16.66 -35.92
CA VAL C 296 6.87 -17.99 -36.51
C VAL C 296 8.06 -18.12 -37.42
N PRO C 297 9.09 -18.88 -37.03
CA PRO C 297 10.20 -18.98 -37.96
C PRO C 297 9.79 -19.86 -39.17
N GLU C 298 10.45 -19.70 -40.29
CA GLU C 298 10.26 -20.57 -41.46
C GLU C 298 10.60 -22.03 -41.13
N ARG C 299 11.80 -22.25 -40.57
CA ARG C 299 12.27 -23.59 -40.17
C ARG C 299 12.58 -23.72 -38.67
N CYS C 300 11.82 -24.59 -38.01
CA CYS C 300 12.20 -25.18 -36.73
C CYS C 300 12.50 -26.63 -36.96
N ALA C 301 13.43 -27.17 -36.17
CA ALA C 301 13.51 -28.60 -35.95
C ALA C 301 12.23 -29.10 -35.23
N HIS C 302 11.82 -30.32 -35.57
CA HIS C 302 10.73 -31.04 -34.89
C HIS C 302 9.32 -30.48 -35.11
N TRP C 303 9.15 -29.17 -34.84
CA TRP C 303 7.85 -28.56 -34.76
C TRP C 303 7.21 -28.35 -36.13
N PRO C 304 5.89 -28.48 -36.22
CA PRO C 304 5.24 -28.22 -37.49
C PRO C 304 5.27 -26.75 -37.89
N GLU C 305 5.14 -26.54 -39.18
CA GLU C 305 4.98 -25.20 -39.75
C GLU C 305 3.95 -24.43 -38.96
N GLY C 306 4.16 -23.14 -38.77
CA GLY C 306 3.22 -22.32 -38.03
C GLY C 306 3.49 -22.31 -36.53
N THR C 307 4.52 -23.02 -36.08
CA THR C 307 4.75 -23.08 -34.61
C THR C 307 5.38 -21.76 -34.14
N SER C 308 4.84 -21.20 -33.05
CA SER C 308 5.44 -20.07 -32.34
C SER C 308 5.59 -20.47 -30.88
N LEU C 309 6.28 -19.62 -30.11
CA LEU C 309 6.34 -19.80 -28.67
C LEU C 309 4.92 -19.70 -28.12
N SER C 310 4.17 -18.71 -28.60
CA SER C 310 2.75 -18.53 -28.23
C SER C 310 1.97 -19.79 -28.51
N SER C 311 2.07 -20.35 -29.73
CA SER C 311 1.24 -21.54 -30.04
C SER C 311 1.63 -22.72 -29.15
N LEU C 312 2.93 -22.92 -28.96
CA LEU C 312 3.47 -23.88 -28.00
C LEU C 312 3.03 -23.71 -26.53
N HIS C 313 2.66 -22.52 -26.12
CA HIS C 313 2.16 -22.30 -24.75
C HIS C 313 0.63 -22.26 -24.64
N GLY C 314 -0.08 -22.33 -25.74
CA GLY C 314 -1.47 -21.93 -25.70
C GLY C 314 -1.75 -20.42 -25.60
N GLY C 315 -0.74 -19.58 -25.79
CA GLY C 315 -0.94 -18.16 -25.69
C GLY C 315 -0.17 -17.39 -24.64
N ALA C 316 -0.04 -17.97 -23.46
CA ALA C 316 0.61 -17.30 -22.33
C ALA C 316 1.69 -18.10 -21.61
N PRO C 317 2.71 -17.35 -21.12
CA PRO C 317 3.65 -18.06 -20.26
C PRO C 317 2.91 -18.60 -19.08
N ARG C 318 3.49 -19.59 -18.42
CA ARG C 318 2.94 -20.06 -17.13
C ARG C 318 3.08 -18.99 -16.09
N THR C 319 2.36 -19.13 -15.00
CA THR C 319 2.43 -18.09 -13.95
C THR C 319 3.77 -18.12 -13.21
N GLY C 320 3.91 -17.36 -12.15
CA GLY C 320 5.20 -17.25 -11.45
C GLY C 320 5.74 -18.49 -10.78
N VAL C 321 7.07 -18.59 -10.65
CA VAL C 321 7.71 -19.75 -10.05
C VAL C 321 7.91 -19.51 -8.55
N LYS C 322 7.62 -20.52 -7.74
CA LYS C 322 7.75 -20.37 -6.29
C LYS C 322 8.91 -21.21 -5.73
N ARG C 323 9.20 -22.32 -6.40
CA ARG C 323 10.22 -23.20 -5.93
C ARG C 323 10.96 -23.89 -7.07
N ILE C 324 12.27 -24.09 -6.89
CA ILE C 324 13.09 -24.96 -7.77
C ILE C 324 13.90 -25.92 -6.88
N ALA C 325 13.73 -27.21 -7.13
CA ALA C 325 14.45 -28.23 -6.37
C ALA C 325 14.88 -29.38 -7.29
N ARG C 326 15.84 -30.15 -6.79
CA ARG C 326 16.29 -31.38 -7.41
C ARG C 326 15.34 -32.49 -6.98
N ALA C 327 14.65 -33.10 -7.93
CA ALA C 327 13.67 -34.15 -7.64
C ALA C 327 14.45 -35.46 -7.41
N SER C 328 13.80 -36.45 -6.84
CA SER C 328 14.56 -37.66 -6.49
C SER C 328 14.92 -38.47 -7.73
N ASP C 329 14.26 -38.21 -8.86
CA ASP C 329 14.63 -38.81 -10.15
C ASP C 329 15.74 -38.09 -10.91
N GLY C 330 16.36 -37.06 -10.30
CA GLY C 330 17.46 -36.26 -10.92
C GLY C 330 17.06 -35.02 -11.70
N ARG C 331 15.78 -34.91 -11.99
CA ARG C 331 15.28 -33.78 -12.80
C ARG C 331 15.08 -32.61 -11.85
N LEU C 332 14.76 -31.48 -12.44
CA LEU C 332 14.55 -30.29 -11.65
C LEU C 332 13.08 -30.09 -11.52
N ALA C 333 12.66 -29.93 -10.29
CA ALA C 333 11.21 -29.72 -10.02
C ALA C 333 10.94 -28.25 -9.78
N VAL C 334 10.03 -27.71 -10.60
CA VAL C 334 9.59 -26.31 -10.64
C VAL C 334 8.10 -26.26 -10.26
N THR C 335 7.81 -25.58 -9.15
CA THR C 335 6.49 -25.40 -8.60
C THR C 335 6.08 -23.96 -8.73
N ASP C 336 4.94 -23.76 -9.37
CA ASP C 336 4.41 -22.44 -9.60
C ASP C 336 3.62 -21.92 -8.37
N ASN C 337 3.14 -20.68 -8.48
CA ASN C 337 2.31 -19.96 -7.47
C ASN C 337 1.17 -20.80 -7.01
N TRP C 338 0.62 -21.61 -7.89
CA TRP C 338 -0.58 -22.36 -7.51
C TRP C 338 -0.28 -23.80 -7.12
N GLY C 339 1.01 -24.08 -6.85
CA GLY C 339 1.39 -25.39 -6.35
C GLY C 339 1.58 -26.47 -7.42
N ASP C 340 1.34 -26.14 -8.69
CA ASP C 340 1.57 -27.06 -9.79
C ASP C 340 3.07 -27.35 -9.96
N CYS C 341 3.43 -28.63 -9.93
CA CYS C 341 4.85 -29.00 -9.92
C CYS C 341 5.16 -29.78 -11.18
N ARG C 342 6.20 -29.39 -11.89
CA ARG C 342 6.52 -29.97 -13.19
C ARG C 342 8.00 -30.21 -13.23
N HIS C 343 8.40 -31.28 -13.90
CA HIS C 343 9.79 -31.74 -13.94
C HIS C 343 10.53 -31.47 -15.26
N TYR C 344 11.82 -31.13 -15.19
CA TYR C 344 12.56 -30.67 -16.40
C TYR C 344 13.97 -31.18 -16.32
N ALA C 345 14.57 -31.48 -17.47
CA ALA C 345 15.99 -31.85 -17.50
C ALA C 345 16.90 -30.64 -17.33
N ALA C 346 16.37 -29.46 -17.69
CA ALA C 346 17.09 -28.23 -17.53
C ALA C 346 16.14 -27.10 -17.26
N VAL C 347 16.69 -26.08 -16.59
CA VAL C 347 16.00 -24.85 -16.20
C VAL C 347 16.94 -23.63 -16.42
N LEU C 348 16.46 -22.64 -17.17
CA LEU C 348 17.11 -21.34 -17.23
C LEU C 348 16.38 -20.35 -16.39
N THR C 349 17.09 -19.66 -15.52
CA THR C 349 16.46 -18.58 -14.71
C THR C 349 16.97 -17.23 -15.20
N THR C 350 16.08 -16.27 -15.45
CA THR C 350 16.55 -14.98 -15.88
C THR C 350 16.11 -13.84 -15.00
N CYS C 351 15.38 -14.12 -13.93
CA CYS C 351 15.10 -13.05 -12.97
C CYS C 351 16.39 -12.47 -12.40
N GLN C 352 16.36 -11.21 -11.94
CA GLN C 352 17.53 -10.65 -11.27
C GLN C 352 17.91 -11.49 -10.05
N SER C 353 19.20 -11.45 -9.75
CA SER C 353 19.85 -12.54 -8.98
C SER C 353 19.35 -12.76 -7.56
N TRP C 354 18.87 -11.66 -6.94
CA TRP C 354 18.35 -11.73 -5.60
C TRP C 354 17.15 -12.63 -5.51
N LEU C 355 16.40 -12.75 -6.61
CA LEU C 355 15.09 -13.37 -6.59
C LEU C 355 15.11 -14.91 -6.40
N LEU C 356 16.31 -15.47 -6.63
CA LEU C 356 16.56 -16.86 -6.32
C LEU C 356 16.58 -17.12 -4.83
N THR C 357 16.53 -16.05 -4.03
CA THR C 357 16.40 -16.17 -2.57
C THR C 357 15.07 -15.52 -2.12
N THR C 358 14.75 -14.31 -2.61
CA THR C 358 13.55 -13.57 -2.13
C THR C 358 12.21 -14.01 -2.65
N GLN C 359 12.20 -14.51 -3.86
CA GLN C 359 10.96 -14.69 -4.59
C GLN C 359 10.78 -16.17 -4.93
N ILE C 360 11.88 -16.91 -5.10
CA ILE C 360 11.86 -18.34 -5.32
C ILE C 360 12.62 -19.05 -4.20
N ASP C 361 12.07 -20.16 -3.72
CA ASP C 361 12.82 -21.09 -2.90
C ASP C 361 13.63 -22.03 -3.82
N CYS C 362 14.84 -21.61 -4.15
CA CYS C 362 15.79 -22.34 -5.00
C CYS C 362 16.71 -23.19 -4.11
N GLU C 363 16.57 -24.50 -4.18
CA GLU C 363 17.37 -25.39 -3.36
C GLU C 363 18.90 -25.04 -3.38
N GLU C 364 19.45 -24.93 -2.18
CA GLU C 364 20.79 -24.40 -2.07
C GLU C 364 21.88 -25.25 -2.78
N SER C 365 21.75 -26.56 -2.74
CA SER C 365 22.70 -27.45 -3.39
C SER C 365 22.67 -27.31 -4.90
N LEU C 366 21.74 -26.57 -5.47
CA LEU C 366 21.74 -26.40 -6.92
C LEU C 366 22.80 -25.41 -7.41
N PHE C 367 23.30 -24.55 -6.56
CA PHE C 367 24.49 -23.72 -6.92
C PHE C 367 25.67 -23.94 -5.96
N SER C 368 26.89 -23.83 -6.45
CA SER C 368 28.05 -23.89 -5.56
C SER C 368 27.98 -22.78 -4.54
N GLN C 369 28.73 -22.92 -3.47
CA GLN C 369 28.79 -21.85 -2.47
C GLN C 369 29.46 -20.55 -3.00
N LYS C 370 30.40 -20.68 -3.95
CA LYS C 370 31.02 -19.53 -4.57
C LYS C 370 30.01 -18.79 -5.47
N MET C 371 29.18 -19.57 -6.18
CA MET C 371 28.10 -19.01 -7.01
C MET C 371 27.06 -18.28 -6.12
N TRP C 372 26.58 -18.90 -5.04
CA TRP C 372 25.59 -18.20 -4.22
C TRP C 372 26.18 -16.82 -3.87
N MET C 373 27.49 -16.75 -3.56
CA MET C 373 28.09 -15.49 -3.14
C MET C 373 28.06 -14.47 -4.25
N ALA C 374 28.38 -14.89 -5.47
CA ALA C 374 28.21 -13.99 -6.59
C ALA C 374 26.78 -13.49 -6.68
N LEU C 375 25.83 -14.42 -6.62
CA LEU C 375 24.40 -14.13 -6.80
C LEU C 375 23.87 -13.19 -5.70
N ASP C 376 24.28 -13.46 -4.49
CA ASP C 376 23.84 -12.70 -3.30
C ASP C 376 24.56 -11.41 -2.98
N ARG C 377 25.80 -11.23 -3.47
CA ARG C 377 26.55 -9.97 -3.26
C ARG C 377 26.40 -8.95 -4.36
N THR C 378 25.89 -9.35 -5.50
CA THR C 378 25.64 -8.43 -6.60
C THR C 378 24.76 -7.26 -6.13
N ARG C 379 25.14 -6.01 -6.47
CA ARG C 379 24.37 -4.76 -6.10
C ARG C 379 23.43 -4.34 -7.22
N TYR C 380 22.18 -4.00 -6.88
CA TYR C 380 21.25 -3.49 -7.88
C TYR C 380 21.02 -2.01 -7.67
N MET C 381 21.01 -1.30 -8.77
CA MET C 381 20.86 0.14 -8.76
C MET C 381 19.39 0.55 -8.77
N GLN C 382 19.11 1.78 -8.34
CA GLN C 382 17.76 2.32 -8.36
C GLN C 382 17.49 3.27 -9.54
N SER C 383 16.24 3.28 -9.97
CA SER C 383 15.85 4.16 -11.06
C SER C 383 14.35 4.50 -11.03
N SER C 384 14.10 5.79 -11.27
CA SER C 384 12.82 6.44 -11.36
C SER C 384 12.59 7.10 -12.69
N LYS C 385 11.38 7.00 -13.18
CA LYS C 385 11.01 7.79 -14.34
C LYS C 385 9.60 8.24 -14.15
N THR C 386 9.37 9.53 -14.43
CA THR C 386 8.01 10.13 -14.49
C THR C 386 7.73 10.77 -15.87
N PHE C 387 6.60 10.40 -16.45
CA PHE C 387 6.31 10.73 -17.86
C PHE C 387 4.96 11.42 -17.89
N VAL C 388 4.82 12.46 -18.72
CA VAL C 388 3.48 12.94 -19.13
C VAL C 388 3.39 13.04 -20.67
N MET C 389 2.18 13.10 -21.14
CA MET C 389 1.85 13.30 -22.56
C MET C 389 1.42 14.77 -22.71
N VAL C 390 1.60 15.35 -23.91
CA VAL C 390 1.20 16.74 -24.16
C VAL C 390 0.48 16.79 -25.50
N ASP C 391 -0.37 17.80 -25.67
CA ASP C 391 -1.22 17.84 -26.84
C ASP C 391 -0.48 18.02 -28.14
N ARG C 392 0.70 18.64 -28.06
CA ARG C 392 1.58 18.85 -29.21
C ARG C 392 3.00 19.18 -28.74
N PRO C 393 3.99 19.03 -29.63
CA PRO C 393 5.40 19.31 -29.21
C PRO C 393 5.67 20.81 -29.14
N PHE C 394 4.92 21.49 -28.26
CA PHE C 394 4.92 22.94 -28.10
C PHE C 394 6.34 23.49 -27.80
N TRP C 395 7.23 22.62 -27.35
CA TRP C 395 8.61 23.00 -27.05
C TRP C 395 9.36 23.56 -28.24
N LYS C 396 9.02 23.09 -29.44
CA LYS C 396 9.56 23.57 -30.70
C LYS C 396 9.24 25.05 -30.99
N ASP C 397 8.18 25.60 -30.42
CA ASP C 397 7.85 27.03 -30.57
C ASP C 397 8.96 27.88 -30.01
N LYS C 398 9.11 29.07 -30.57
CA LYS C 398 10.18 30.01 -30.22
C LYS C 398 9.68 31.09 -29.32
N ASP C 399 10.41 31.40 -28.26
CA ASP C 399 10.17 32.64 -27.52
C ASP C 399 10.66 33.81 -28.44
N PRO C 400 9.75 34.70 -28.87
CA PRO C 400 10.13 35.72 -29.85
C PRO C 400 11.27 36.66 -29.41
N GLU C 401 11.27 37.03 -28.12
CA GLU C 401 12.30 37.89 -27.52
C GLU C 401 13.68 37.27 -27.58
N THR C 402 13.79 36.01 -27.16
CA THR C 402 15.08 35.35 -26.98
C THR C 402 15.55 34.52 -28.15
N GLY C 403 14.61 34.06 -29.00
CA GLY C 403 14.92 33.09 -30.04
C GLY C 403 15.10 31.67 -29.55
N ARG C 404 14.90 31.39 -28.26
CA ARG C 404 15.03 30.03 -27.73
C ARG C 404 13.77 29.21 -27.93
N ASP C 405 13.94 27.89 -28.02
CA ASP C 405 12.82 26.92 -27.87
C ASP C 405 12.12 27.22 -26.57
N LEU C 406 10.80 27.04 -26.53
CA LEU C 406 10.07 27.13 -25.25
C LEU C 406 10.56 26.12 -24.18
N MET C 407 11.06 24.97 -24.60
CA MET C 407 11.61 23.99 -23.66
C MET C 407 12.66 23.19 -24.40
N SER C 408 13.59 22.65 -23.63
CA SER C 408 14.69 21.84 -24.15
C SER C 408 14.92 20.54 -23.35
N MET C 409 15.78 19.68 -23.90
CA MET C 409 16.30 18.53 -23.19
C MET C 409 16.96 19.18 -22.03
N THR C 410 16.63 18.79 -20.80
CA THR C 410 17.08 19.56 -19.62
C THR C 410 18.00 18.74 -18.74
N LEU C 411 19.22 19.27 -18.46
CA LEU C 411 20.13 18.71 -17.48
C LEU C 411 20.34 19.68 -16.31
N THR C 412 20.21 19.14 -15.10
CA THR C 412 20.05 19.94 -13.96
C THR C 412 20.49 19.20 -12.71
N ASP C 413 20.81 20.01 -11.74
CA ASP C 413 21.06 19.55 -10.40
C ASP C 413 19.80 19.60 -9.54
N ARG C 414 18.72 20.15 -10.08
CA ARG C 414 17.41 19.96 -9.47
C ARG C 414 16.94 18.47 -9.56
N LEU C 415 15.91 18.14 -8.78
CA LEU C 415 15.44 16.78 -8.53
C LEU C 415 15.04 16.05 -9.74
N THR C 416 14.64 16.74 -10.80
CA THR C 416 14.32 16.03 -12.07
C THR C 416 15.51 15.37 -12.73
N ARG C 417 16.68 16.02 -12.63
CA ARG C 417 17.97 15.57 -13.20
C ARG C 417 18.01 15.59 -14.72
N GLY C 418 17.29 14.68 -15.33
CA GLY C 418 17.20 14.64 -16.78
C GLY C 418 15.78 14.70 -17.26
N THR C 419 15.51 15.61 -18.20
CA THR C 419 14.23 15.71 -18.83
C THR C 419 14.35 15.55 -20.35
N TYR C 420 13.53 14.69 -20.94
CA TYR C 420 13.64 14.25 -22.33
C TYR C 420 12.36 14.53 -23.06
N LEU C 421 12.46 14.95 -24.33
CA LEU C 421 11.32 15.42 -25.12
C LEU C 421 11.12 14.51 -26.30
N PHE C 422 9.90 14.00 -26.47
CA PHE C 422 9.65 13.04 -27.55
C PHE C 422 8.65 13.66 -28.55
N ASP C 423 9.15 13.86 -29.76
CA ASP C 423 8.35 14.47 -30.85
C ASP C 423 7.78 13.31 -31.71
N ASN C 424 6.47 13.25 -31.87
CA ASN C 424 5.86 12.21 -32.66
C ASN C 424 5.31 12.79 -33.97
N GLY C 425 5.76 13.98 -34.34
CA GLY C 425 5.17 14.72 -35.46
C GLY C 425 4.32 15.88 -34.94
N ASP C 426 4.31 16.99 -35.70
CA ASP C 426 3.55 18.21 -35.33
C ASP C 426 2.04 18.00 -35.14
N ASP C 427 1.51 17.00 -35.83
CA ASP C 427 0.08 16.69 -35.78
C ASP C 427 -0.27 15.59 -34.78
N LYS C 428 0.66 15.22 -33.91
CA LYS C 428 0.39 14.18 -32.92
C LYS C 428 0.82 14.69 -31.57
N PRO C 429 0.39 14.02 -30.49
CA PRO C 429 0.78 14.45 -29.14
C PRO C 429 2.28 14.17 -28.88
N GLY C 430 2.85 14.91 -27.93
CA GLY C 430 4.25 14.77 -27.57
C GLY C 430 4.33 14.00 -26.31
N VAL C 431 5.50 13.48 -26.02
CA VAL C 431 5.72 12.80 -24.77
C VAL C 431 6.90 13.44 -24.12
N ILE C 432 6.78 13.69 -22.82
CA ILE C 432 7.88 14.24 -22.05
C ILE C 432 8.19 13.29 -20.89
N CYS C 433 9.43 12.82 -20.78
CA CYS C 433 9.93 12.21 -19.54
C CYS C 433 10.37 13.38 -18.68
N LEU C 434 9.54 13.73 -17.71
CA LEU C 434 9.76 14.86 -16.84
C LEU C 434 11.00 14.64 -15.98
N SER C 435 11.26 13.41 -15.60
CA SER C 435 12.44 13.08 -14.84
C SER C 435 12.84 11.66 -15.09
N TYR C 436 14.12 11.44 -15.40
CA TYR C 436 14.74 10.13 -15.38
C TYR C 436 15.87 10.22 -14.37
N ALA C 437 15.72 9.55 -13.24
CA ALA C 437 16.66 9.64 -12.12
C ALA C 437 17.29 8.30 -11.83
N TRP C 438 18.54 8.34 -11.34
CA TRP C 438 19.29 7.19 -10.80
C TRP C 438 19.72 7.38 -9.36
N MET C 439 19.81 6.25 -8.66
CA MET C 439 20.33 6.17 -7.32
C MET C 439 19.67 7.18 -6.38
N SER C 440 20.41 8.11 -5.83
CA SER C 440 19.90 8.96 -4.74
C SER C 440 18.70 9.74 -5.24
N ASP C 441 18.82 10.28 -6.45
CA ASP C 441 17.69 11.03 -7.00
C ASP C 441 16.48 10.12 -7.26
N ALA C 442 16.69 8.84 -7.51
CA ALA C 442 15.60 7.95 -7.55
C ALA C 442 14.99 7.74 -6.20
N LEU C 443 15.84 7.50 -5.20
CA LEU C 443 15.38 7.25 -3.83
C LEU C 443 14.50 8.34 -3.22
N LYS C 444 14.76 9.59 -3.63
CA LYS C 444 13.90 10.76 -3.29
C LYS C 444 12.42 10.56 -3.59
N MET C 445 12.15 9.93 -4.74
CA MET C 445 10.78 9.69 -5.18
C MET C 445 10.15 8.41 -4.62
N LEU C 446 10.94 7.49 -4.06
CA LEU C 446 10.48 6.10 -3.81
C LEU C 446 9.03 6.02 -3.25
N PRO C 447 8.76 6.58 -2.05
CA PRO C 447 7.43 6.40 -1.44
C PRO C 447 6.34 7.34 -1.96
N HIS C 448 6.62 8.21 -2.91
CA HIS C 448 5.65 9.23 -3.29
C HIS C 448 4.79 8.75 -4.42
N PRO C 449 3.50 9.04 -4.34
CA PRO C 449 2.60 8.69 -5.45
C PRO C 449 2.88 9.49 -6.68
N VAL C 450 2.31 9.05 -7.80
CA VAL C 450 2.60 9.63 -9.09
C VAL C 450 2.31 11.12 -9.06
N GLU C 451 1.27 11.54 -8.34
CA GLU C 451 0.79 12.91 -8.42
C GLU C 451 1.80 13.80 -7.81
N LYS C 452 2.44 13.32 -6.76
CA LYS C 452 3.45 14.09 -6.06
C LYS C 452 4.72 14.21 -6.90
N ARG C 453 5.11 13.12 -7.52
CA ARG C 453 6.26 13.08 -8.39
C ARG C 453 6.05 14.10 -9.51
N VAL C 454 4.85 14.12 -10.12
CA VAL C 454 4.59 15.05 -11.23
C VAL C 454 4.71 16.50 -10.78
N GLN C 455 4.07 16.84 -9.66
CA GLN C 455 4.10 18.19 -9.09
C GLN C 455 5.52 18.65 -8.76
N LEU C 456 6.32 17.77 -8.18
CA LEU C 456 7.69 18.13 -7.83
C LEU C 456 8.51 18.43 -9.09
N ALA C 457 8.29 17.63 -10.11
CA ALA C 457 8.99 17.76 -11.37
C ALA C 457 8.59 19.05 -12.06
N LEU C 458 7.29 19.30 -12.13
CA LEU C 458 6.77 20.55 -12.72
C LEU C 458 7.20 21.78 -11.95
N ASP C 459 7.28 21.73 -10.60
CA ASP C 459 7.77 22.90 -9.82
C ASP C 459 9.26 23.15 -10.03
N ALA C 460 10.06 22.08 -10.11
CA ALA C 460 11.47 22.17 -10.51
C ALA C 460 11.62 22.77 -11.95
N LEU C 461 10.84 22.25 -12.89
CA LEU C 461 10.91 22.79 -14.26
C LEU C 461 10.42 24.25 -14.34
N LYS C 462 9.44 24.64 -13.52
CA LYS C 462 8.98 26.04 -13.50
C LYS C 462 10.10 27.04 -13.18
N LYS C 463 11.00 26.59 -12.27
CA LYS C 463 12.15 27.38 -11.86
C LYS C 463 13.09 27.57 -13.03
N ILE C 464 13.34 26.50 -13.79
CA ILE C 464 14.21 26.54 -14.96
C ILE C 464 13.57 27.26 -16.12
N TYR C 465 12.25 27.11 -16.25
CA TYR C 465 11.46 27.72 -17.35
C TYR C 465 10.27 28.52 -16.77
N PRO C 466 10.51 29.75 -16.27
CA PRO C 466 9.42 30.46 -15.57
C PRO C 466 8.32 30.93 -16.49
N LYS C 467 8.63 31.00 -17.79
CA LYS C 467 7.67 31.50 -18.78
C LYS C 467 6.95 30.40 -19.54
N THR C 468 7.36 29.15 -19.38
CA THR C 468 6.77 28.07 -20.12
C THR C 468 5.67 27.42 -19.27
N ASP C 469 4.45 27.38 -19.82
CA ASP C 469 3.32 26.70 -19.22
C ASP C 469 3.21 25.24 -19.72
N ILE C 470 3.96 24.36 -19.07
CA ILE C 470 4.00 22.96 -19.44
C ILE C 470 2.65 22.32 -19.05
N ALA C 471 2.21 22.57 -17.81
CA ALA C 471 0.98 22.01 -17.28
C ALA C 471 -0.19 22.20 -18.24
N GLY C 472 -0.29 23.39 -18.81
CA GLY C 472 -1.33 23.70 -19.80
C GLY C 472 -1.37 22.87 -21.07
N HIS C 473 -0.27 22.21 -21.40
CA HIS C 473 -0.21 21.29 -22.54
C HIS C 473 -0.44 19.84 -22.21
N ILE C 474 -0.33 19.51 -20.92
CA ILE C 474 -0.44 18.12 -20.47
C ILE C 474 -1.84 17.56 -20.64
N ILE C 475 -1.92 16.35 -21.13
CA ILE C 475 -3.18 15.66 -21.25
C ILE C 475 -2.91 14.21 -20.95
N GLY C 476 -3.97 13.38 -20.88
CA GLY C 476 -3.82 11.95 -20.66
C GLY C 476 -3.44 11.76 -19.20
N ASP C 477 -2.91 10.59 -18.88
CA ASP C 477 -2.66 10.18 -17.47
C ASP C 477 -1.18 10.27 -17.24
N PRO C 478 -0.73 10.48 -15.98
CA PRO C 478 0.71 10.47 -15.73
C PRO C 478 1.22 9.03 -15.53
N ILE C 479 2.50 8.76 -15.78
CA ILE C 479 3.04 7.40 -15.66
C ILE C 479 4.34 7.46 -14.90
N THR C 480 4.45 6.71 -13.83
CA THR C 480 5.70 6.64 -13.09
C THR C 480 6.11 5.16 -12.86
N ILE C 481 7.40 4.95 -12.56
CA ILE C 481 7.87 3.68 -12.05
C ILE C 481 9.04 3.89 -11.07
N SER C 482 9.16 2.98 -10.13
CA SER C 482 10.34 2.78 -9.33
C SER C 482 10.69 1.27 -9.31
N TRP C 483 11.73 0.91 -10.04
CA TRP C 483 12.10 -0.52 -10.17
C TRP C 483 12.52 -1.22 -8.86
N GLU C 484 13.27 -0.53 -8.04
CA GLU C 484 13.52 -0.93 -6.64
C GLU C 484 12.34 -1.50 -5.87
N ALA C 485 11.13 -0.99 -6.16
CA ALA C 485 9.98 -1.25 -5.27
C ALA C 485 9.28 -2.53 -5.63
N ASP C 486 9.55 -3.00 -6.84
CA ASP C 486 8.79 -4.08 -7.39
C ASP C 486 9.47 -5.40 -6.98
N PRO C 487 8.72 -6.30 -6.29
CA PRO C 487 9.38 -7.53 -5.76
C PRO C 487 9.85 -8.50 -6.82
N HIS C 488 9.43 -8.31 -8.07
CA HIS C 488 9.95 -9.10 -9.23
C HIS C 488 11.22 -8.61 -9.94
N PHE C 489 11.83 -7.59 -9.39
CA PHE C 489 13.05 -7.02 -9.93
C PHE C 489 14.02 -6.67 -8.80
N LEU C 490 13.60 -5.87 -7.80
CA LEU C 490 14.44 -5.33 -6.72
C LEU C 490 15.60 -4.53 -7.22
N GLY C 491 15.33 -3.71 -8.22
CA GLY C 491 16.29 -2.84 -8.82
C GLY C 491 16.13 -2.77 -10.32
N ALA C 492 16.70 -1.71 -10.86
CA ALA C 492 16.63 -1.38 -12.25
C ALA C 492 17.61 -2.25 -13.07
N PHE C 493 18.77 -2.47 -12.47
CA PHE C 493 19.84 -3.20 -13.12
C PHE C 493 20.97 -3.29 -12.14
N LYS C 494 21.83 -4.28 -12.37
CA LYS C 494 23.00 -4.44 -11.58
C LYS C 494 23.90 -3.24 -11.79
N GLY C 495 24.67 -2.90 -10.76
CA GLY C 495 25.87 -2.05 -10.92
C GLY C 495 27.02 -2.62 -10.14
N ALA C 496 28.07 -2.98 -10.87
CA ALA C 496 29.28 -3.60 -10.32
C ALA C 496 29.99 -2.61 -9.45
N LEU C 497 30.21 -2.97 -8.19
CA LEU C 497 31.00 -2.17 -7.26
C LEU C 497 32.42 -2.66 -7.45
N PRO C 498 33.39 -1.84 -6.99
CA PRO C 498 34.77 -2.28 -7.03
C PRO C 498 34.95 -3.62 -6.33
N GLY C 499 35.70 -4.52 -6.96
CA GLY C 499 36.00 -5.84 -6.42
C GLY C 499 34.98 -6.91 -6.81
N HIS C 500 34.02 -6.54 -7.62
CA HIS C 500 33.00 -7.46 -8.03
C HIS C 500 33.36 -8.20 -9.29
N TYR C 501 34.52 -7.90 -9.93
CA TYR C 501 34.92 -8.62 -11.11
C TYR C 501 34.81 -10.11 -10.94
N ARG C 502 35.28 -10.63 -9.79
CA ARG C 502 35.30 -12.05 -9.53
C ARG C 502 33.89 -12.67 -9.46
N TYR C 503 32.90 -11.97 -8.92
CA TYR C 503 31.56 -12.51 -8.87
C TYR C 503 31.00 -12.53 -10.30
N ASN C 504 31.25 -11.48 -11.07
CA ASN C 504 30.73 -11.47 -12.45
C ASN C 504 31.31 -12.62 -13.29
N GLN C 505 32.61 -12.87 -13.06
CA GLN C 505 33.33 -13.92 -13.77
C GLN C 505 32.70 -15.28 -13.43
N ARG C 506 32.42 -15.53 -12.15
CA ARG C 506 31.71 -16.76 -11.78
C ARG C 506 30.36 -16.84 -12.52
N MET C 507 29.51 -15.84 -12.40
CA MET C 507 28.18 -15.84 -13.05
C MET C 507 28.25 -15.96 -14.58
N TYR C 508 29.17 -15.23 -15.19
CA TYR C 508 29.29 -15.23 -16.63
C TYR C 508 29.63 -16.61 -17.20
N ALA C 509 30.41 -17.37 -16.44
CA ALA C 509 30.93 -18.64 -16.89
C ALA C 509 30.10 -19.86 -16.46
N HIS C 510 29.02 -19.63 -15.72
CA HIS C 510 28.22 -20.73 -15.15
C HIS C 510 27.54 -21.66 -16.18
N PHE C 511 27.33 -21.15 -17.38
CA PHE C 511 26.82 -21.97 -18.49
C PHE C 511 27.79 -23.02 -19.04
N MET C 512 29.06 -22.96 -18.59
CA MET C 512 30.10 -23.96 -18.91
C MET C 512 30.16 -24.92 -17.75
N GLN C 513 29.57 -26.10 -17.94
CA GLN C 513 29.30 -26.99 -16.83
C GLN C 513 30.16 -28.29 -16.84
N ALA C 514 31.04 -28.44 -17.80
CA ALA C 514 31.81 -29.67 -17.90
C ALA C 514 32.62 -30.02 -16.66
N GLN C 515 32.94 -29.09 -15.81
CA GLN C 515 33.65 -29.48 -14.57
C GLN C 515 32.82 -29.33 -13.34
N MET C 516 31.52 -29.07 -13.45
CA MET C 516 30.68 -28.94 -12.23
C MET C 516 30.30 -30.28 -11.68
N PRO C 517 30.05 -30.34 -10.39
CA PRO C 517 29.42 -31.58 -9.92
C PRO C 517 28.03 -31.78 -10.52
N VAL C 518 27.61 -33.04 -10.61
CA VAL C 518 26.34 -33.44 -11.19
C VAL C 518 25.17 -32.71 -10.53
N GLU C 519 25.27 -32.49 -9.21
CA GLU C 519 24.19 -31.87 -8.50
C GLU C 519 23.93 -30.42 -8.90
N GLN C 520 24.91 -29.78 -9.55
CA GLN C 520 24.85 -28.38 -10.00
C GLN C 520 24.57 -28.21 -11.48
N ARG C 521 24.56 -29.30 -12.24
CA ARG C 521 24.38 -29.21 -13.69
C ARG C 521 22.91 -29.22 -14.06
N GLY C 522 22.56 -28.50 -15.13
CA GLY C 522 21.21 -28.54 -15.63
C GLY C 522 20.43 -27.29 -15.28
N ILE C 523 20.86 -26.55 -14.28
CA ILE C 523 20.38 -25.21 -14.11
C ILE C 523 21.31 -24.16 -14.75
N PHE C 524 20.70 -23.15 -15.38
CA PHE C 524 21.39 -22.04 -16.02
C PHE C 524 20.87 -20.68 -15.63
N ILE C 525 21.70 -19.68 -15.77
CA ILE C 525 21.31 -18.31 -15.59
C ILE C 525 21.62 -17.47 -16.77
N ALA C 526 20.91 -16.35 -16.87
CA ALA C 526 21.14 -15.37 -17.93
C ALA C 526 20.46 -14.10 -17.49
N GLY C 527 20.86 -13.00 -18.12
CA GLY C 527 20.30 -11.71 -17.86
C GLY C 527 21.38 -10.64 -17.97
N ASP C 528 20.95 -9.39 -18.06
CA ASP C 528 21.94 -8.33 -17.97
C ASP C 528 22.66 -8.34 -16.59
N ASP C 529 22.13 -8.99 -15.57
CA ASP C 529 22.89 -9.13 -14.29
C ASP C 529 24.04 -10.15 -14.39
N VAL C 530 23.85 -11.13 -15.31
CA VAL C 530 24.90 -12.11 -15.61
C VAL C 530 26.01 -11.46 -16.49
N SER C 531 25.59 -10.50 -17.29
CA SER C 531 26.49 -9.85 -18.26
C SER C 531 27.42 -8.91 -17.57
N TRP C 532 28.47 -8.49 -18.30
CA TRP C 532 29.45 -7.56 -17.80
C TRP C 532 28.92 -6.13 -17.94
N THR C 533 27.79 -5.97 -18.61
CA THR C 533 27.28 -4.70 -19.06
C THR C 533 25.82 -4.56 -18.61
N PRO C 534 25.61 -4.51 -17.29
CA PRO C 534 24.25 -4.32 -16.84
C PRO C 534 23.67 -2.99 -17.25
N ALA C 535 22.37 -2.93 -17.38
CA ALA C 535 21.70 -1.74 -17.77
C ALA C 535 21.79 -1.59 -19.23
N TRP C 536 22.24 -2.64 -19.93
CA TRP C 536 22.25 -2.56 -21.39
C TRP C 536 21.63 -3.82 -21.95
N VAL C 537 20.63 -3.67 -22.82
CA VAL C 537 19.88 -4.85 -23.34
C VAL C 537 20.76 -5.89 -24.05
N GLU C 538 21.82 -5.44 -24.73
CA GLU C 538 22.77 -6.39 -25.36
C GLU C 538 23.38 -7.38 -24.36
N GLY C 539 23.54 -6.96 -23.08
CA GLY C 539 24.04 -7.90 -22.07
C GLY C 539 23.09 -9.06 -21.78
N ALA C 540 21.79 -8.78 -21.68
CA ALA C 540 20.80 -9.83 -21.53
C ALA C 540 20.80 -10.79 -22.73
N VAL C 541 20.75 -10.24 -23.95
CA VAL C 541 20.78 -11.08 -25.18
C VAL C 541 22.00 -12.01 -25.29
N GLN C 542 23.22 -11.47 -25.11
CA GLN C 542 24.45 -12.25 -25.24
C GLN C 542 24.53 -13.34 -24.23
N THR C 543 24.22 -13.05 -22.96
CA THR C 543 24.20 -14.08 -21.91
C THR C 543 23.10 -15.15 -22.18
N SER C 544 21.96 -14.65 -22.64
CA SER C 544 20.93 -15.50 -23.09
C SER C 544 21.40 -16.46 -24.20
N LEU C 545 22.19 -15.97 -25.13
CA LEU C 545 22.75 -16.86 -26.17
C LEU C 545 23.84 -17.80 -25.67
N ASN C 546 24.63 -17.39 -24.68
CA ASN C 546 25.52 -18.35 -24.04
C ASN C 546 24.71 -19.45 -23.37
N ALA C 547 23.69 -19.09 -22.60
CA ALA C 547 22.81 -20.09 -22.03
C ALA C 547 22.20 -21.01 -23.12
N VAL C 548 21.83 -20.47 -24.27
CA VAL C 548 21.35 -21.30 -25.33
C VAL C 548 22.35 -22.41 -25.66
N TRP C 549 23.64 -22.07 -25.78
CA TRP C 549 24.66 -23.07 -26.11
C TRP C 549 24.78 -24.10 -25.00
N GLY C 550 24.79 -23.60 -23.77
CA GLY C 550 24.89 -24.46 -22.62
C GLY C 550 23.78 -25.48 -22.47
N ILE C 551 22.54 -25.03 -22.71
CA ILE C 551 21.42 -25.91 -22.70
C ILE C 551 21.49 -26.89 -23.88
N MET C 552 21.84 -26.41 -25.05
CA MET C 552 21.98 -27.33 -26.20
C MET C 552 22.97 -28.41 -25.82
N ASN C 553 24.09 -27.99 -25.29
CA ASN C 553 25.11 -28.92 -24.85
C ASN C 553 24.59 -29.90 -23.79
N HIS C 554 23.75 -29.41 -22.89
CA HIS C 554 23.22 -30.25 -21.83
C HIS C 554 22.34 -31.38 -22.37
N PHE C 555 21.65 -31.13 -23.49
CA PHE C 555 20.81 -32.14 -24.15
C PHE C 555 21.60 -33.01 -25.16
N GLY C 556 22.92 -32.94 -25.11
CA GLY C 556 23.83 -33.76 -25.95
C GLY C 556 23.98 -33.21 -27.38
N GLY C 557 23.66 -31.95 -27.55
CA GLY C 557 23.77 -31.33 -28.86
C GLY C 557 25.11 -30.66 -29.04
N LYS C 558 25.26 -30.00 -30.17
CA LYS C 558 26.51 -29.36 -30.53
C LYS C 558 26.22 -28.44 -31.68
N THR C 559 27.09 -27.46 -31.87
CA THR C 559 27.05 -26.55 -32.96
C THR C 559 27.56 -27.21 -34.22
N HIS C 560 27.23 -26.57 -35.33
CA HIS C 560 27.63 -26.97 -36.64
C HIS C 560 29.09 -26.59 -36.73
N ALA C 561 29.86 -27.41 -37.45
CA ALA C 561 31.29 -27.20 -37.60
C ALA C 561 31.67 -25.86 -38.21
N ASP C 562 30.84 -25.33 -39.14
CA ASP C 562 31.08 -24.03 -39.77
C ASP C 562 30.56 -22.84 -38.97
N ASN C 563 29.88 -23.09 -37.84
CA ASN C 563 29.28 -22.01 -37.01
C ASN C 563 29.44 -22.29 -35.50
N PRO C 564 30.67 -22.34 -35.04
CA PRO C 564 30.97 -22.61 -33.60
C PRO C 564 30.36 -21.55 -32.69
N GLY C 565 30.00 -21.91 -31.47
CA GLY C 565 29.24 -21.03 -30.62
C GLY C 565 29.95 -20.72 -29.35
N PRO C 566 29.28 -20.02 -28.39
CA PRO C 566 29.96 -19.58 -27.22
C PRO C 566 30.85 -20.59 -26.53
N GLY C 567 30.28 -21.74 -26.15
CA GLY C 567 31.03 -22.67 -25.31
C GLY C 567 32.14 -23.41 -26.07
N ASP C 568 32.17 -23.31 -27.41
CA ASP C 568 33.23 -23.90 -28.24
C ASP C 568 34.52 -23.08 -28.18
N VAL C 569 34.42 -21.78 -27.88
CA VAL C 569 35.64 -20.90 -27.84
C VAL C 569 35.85 -20.22 -26.44
N PHE C 570 34.87 -20.41 -25.56
CA PHE C 570 34.93 -19.76 -24.29
C PHE C 570 36.22 -20.05 -23.54
N ASP C 571 36.68 -21.29 -23.46
CA ASP C 571 37.91 -21.60 -22.69
C ASP C 571 39.13 -20.87 -23.24
N GLU C 572 39.14 -20.54 -24.53
CA GLU C 572 40.28 -19.86 -25.08
C GLU C 572 40.14 -18.34 -25.00
N ILE C 573 38.97 -17.74 -25.31
CA ILE C 573 38.89 -16.26 -25.35
C ILE C 573 37.98 -15.64 -24.26
N GLY C 574 37.46 -16.44 -23.35
CA GLY C 574 36.59 -15.92 -22.28
C GLY C 574 37.35 -15.00 -21.31
N GLN C 575 36.67 -14.61 -20.22
CA GLN C 575 37.13 -13.60 -19.30
C GLN C 575 38.21 -14.23 -18.53
N ILE C 576 39.27 -13.49 -18.35
CA ILE C 576 40.36 -13.81 -17.44
C ILE C 576 39.82 -14.07 -16.05
N ALA C 577 40.41 -15.06 -15.38
CA ALA C 577 40.23 -15.33 -13.97
C ALA C 577 41.25 -14.52 -13.18
N LEU C 578 40.83 -14.02 -12.02
CA LEU C 578 41.78 -13.35 -11.12
C LEU C 578 42.23 -14.30 -9.99
N ALA C 579 43.39 -14.01 -9.40
CA ALA C 579 43.93 -14.78 -8.25
C ALA C 579 43.00 -14.77 -7.05
N ASP C 580 43.19 -15.75 -6.19
CA ASP C 580 42.41 -15.90 -4.95
C ASP C 580 42.62 -14.75 -3.95
N ASN D 25 -29.90 -8.59 -35.21
CA ASN D 25 -31.00 -8.72 -34.22
C ASN D 25 -30.71 -9.81 -33.20
N ARG D 26 -30.30 -9.42 -32.00
CA ARG D 26 -29.95 -10.38 -30.97
C ARG D 26 -31.13 -10.76 -30.07
N HIS D 27 -32.30 -10.17 -30.29
CA HIS D 27 -33.46 -10.51 -29.48
C HIS D 27 -33.81 -11.96 -29.58
N PRO D 28 -34.44 -12.49 -28.53
CA PRO D 28 -34.85 -13.89 -28.63
C PRO D 28 -35.80 -14.07 -29.84
N ALA D 29 -35.65 -15.20 -30.51
CA ALA D 29 -36.37 -15.53 -31.71
C ALA D 29 -37.71 -16.13 -31.33
N ASP D 30 -38.50 -15.43 -30.52
CA ASP D 30 -39.74 -15.98 -30.00
C ASP D 30 -40.96 -15.43 -30.73
N GLY D 31 -40.73 -14.72 -31.83
CA GLY D 31 -41.82 -14.16 -32.62
C GLY D 31 -42.62 -13.05 -31.96
N LYS D 32 -42.15 -12.51 -30.85
CA LYS D 32 -42.79 -11.37 -30.20
C LYS D 32 -42.09 -10.07 -30.43
N LYS D 33 -42.82 -8.99 -30.19
CA LYS D 33 -42.17 -7.71 -30.05
C LYS D 33 -41.23 -7.84 -28.81
N PRO D 34 -39.95 -7.45 -28.96
CA PRO D 34 -38.99 -7.69 -27.92
C PRO D 34 -39.20 -6.85 -26.68
N ILE D 35 -38.76 -7.44 -25.57
CA ILE D 35 -38.56 -6.70 -24.34
C ILE D 35 -37.34 -5.82 -24.51
N THR D 36 -37.44 -4.57 -24.08
CA THR D 36 -36.36 -3.63 -24.10
C THR D 36 -36.39 -2.80 -22.80
N ILE D 37 -35.31 -2.05 -22.54
CA ILE D 37 -35.23 -1.28 -21.29
C ILE D 37 -35.90 0.03 -21.60
N PHE D 38 -37.21 -0.02 -21.50
CA PHE D 38 -38.11 1.02 -21.93
C PHE D 38 -38.82 1.50 -20.66
N GLY D 39 -38.30 2.56 -20.08
CA GLY D 39 -38.75 2.91 -18.74
C GLY D 39 -38.42 1.78 -17.77
N PRO D 40 -39.33 1.46 -16.84
CA PRO D 40 -40.66 2.02 -16.80
C PRO D 40 -40.71 3.42 -16.22
N ASP D 41 -39.64 3.90 -15.56
CA ASP D 41 -39.78 5.19 -14.89
C ASP D 41 -39.86 6.30 -15.90
N PHE D 42 -39.08 6.20 -16.97
CA PHE D 42 -39.11 7.16 -18.11
C PHE D 42 -39.18 6.49 -19.46
N PRO D 43 -40.37 6.10 -19.88
CA PRO D 43 -40.46 5.21 -21.05
C PRO D 43 -40.25 6.02 -22.31
N PHE D 44 -39.05 6.53 -22.46
CA PHE D 44 -38.65 7.24 -23.69
C PHE D 44 -37.92 6.28 -24.62
N ALA D 45 -38.30 6.28 -25.90
CA ALA D 45 -37.66 5.43 -26.90
C ALA D 45 -36.22 5.89 -27.29
N PHE D 46 -35.23 5.70 -26.42
CA PHE D 46 -33.86 6.17 -26.76
C PHE D 46 -33.37 5.64 -28.09
N ASP D 47 -33.60 4.35 -28.35
CA ASP D 47 -33.16 3.76 -29.59
C ASP D 47 -33.72 4.47 -30.86
N ASP D 48 -35.04 4.71 -30.89
CA ASP D 48 -35.68 5.51 -31.96
C ASP D 48 -35.09 6.92 -32.07
N TRP D 49 -34.88 7.58 -30.95
CA TRP D 49 -34.25 8.89 -30.97
C TRP D 49 -32.90 8.81 -31.67
N LEU D 50 -32.12 7.77 -31.34
CA LEU D 50 -30.75 7.63 -31.84
C LEU D 50 -30.71 7.27 -33.31
N GLU D 51 -31.68 6.47 -33.74
CA GLU D 51 -31.65 5.92 -35.09
C GLU D 51 -32.30 6.84 -36.11
N HIS D 52 -33.16 7.74 -35.65
CA HIS D 52 -33.89 8.65 -36.51
C HIS D 52 -32.96 9.48 -37.41
N PRO D 53 -33.22 9.47 -38.73
CA PRO D 53 -32.31 10.15 -39.66
C PRO D 53 -32.18 11.66 -39.50
N ALA D 54 -33.13 12.30 -38.84
CA ALA D 54 -32.97 13.72 -38.58
C ALA D 54 -31.83 14.08 -37.62
N GLY D 55 -31.35 13.16 -36.78
CA GLY D 55 -30.36 13.49 -35.75
C GLY D 55 -31.00 14.04 -34.49
N LEU D 56 -30.18 14.32 -33.47
CA LEU D 56 -30.67 14.66 -32.13
C LEU D 56 -30.98 16.11 -32.00
N GLY D 57 -30.69 16.87 -33.05
CA GLY D 57 -31.13 18.25 -33.09
C GLY D 57 -30.00 19.15 -33.51
N SER D 58 -30.07 20.40 -33.08
CA SER D 58 -29.09 21.33 -33.47
C SER D 58 -28.91 22.41 -32.48
N ILE D 59 -27.75 23.06 -32.60
CA ILE D 59 -27.36 24.14 -31.76
C ILE D 59 -27.09 25.28 -32.73
N PRO D 60 -27.46 26.50 -32.36
CA PRO D 60 -27.22 27.67 -33.22
C PRO D 60 -25.77 27.76 -33.67
N ALA D 61 -25.58 27.97 -34.98
CA ALA D 61 -24.26 27.99 -35.60
C ALA D 61 -23.25 28.89 -34.87
N ALA D 62 -23.72 29.99 -34.29
CA ALA D 62 -22.85 30.89 -33.57
C ALA D 62 -22.16 30.26 -32.34
N ARG D 63 -22.70 29.15 -31.84
CA ARG D 63 -22.11 28.51 -30.70
C ARG D 63 -21.24 27.33 -31.14
N HIS D 64 -21.22 26.99 -32.44
CA HIS D 64 -20.39 25.86 -32.94
C HIS D 64 -18.95 26.09 -32.54
N GLY D 65 -18.28 25.02 -32.10
CA GLY D 65 -16.87 25.12 -31.73
C GLY D 65 -16.66 25.45 -30.26
N GLU D 66 -17.68 25.83 -29.50
CA GLU D 66 -17.46 26.13 -28.10
C GLU D 66 -17.28 24.86 -27.33
N GLU D 67 -16.66 24.98 -26.16
CA GLU D 67 -16.27 23.80 -25.39
C GLU D 67 -17.29 23.42 -24.32
N VAL D 68 -17.41 22.12 -24.07
CA VAL D 68 -18.13 21.66 -22.92
C VAL D 68 -17.25 20.63 -22.26
N ALA D 69 -17.03 20.80 -20.96
CA ALA D 69 -16.20 19.89 -20.22
C ALA D 69 -17.02 18.67 -19.88
N ILE D 70 -16.37 17.50 -19.96
CA ILE D 70 -16.96 16.22 -19.56
C ILE D 70 -16.00 15.52 -18.59
N VAL D 71 -16.42 15.38 -17.34
CA VAL D 71 -15.62 14.67 -16.37
C VAL D 71 -15.87 13.14 -16.38
N GLY D 72 -14.87 12.40 -16.79
CA GLY D 72 -14.96 10.96 -16.88
C GLY D 72 -15.02 10.44 -18.29
N ALA D 73 -14.16 9.45 -18.59
CA ALA D 73 -14.15 8.79 -19.92
C ALA D 73 -14.62 7.34 -19.88
N GLY D 74 -15.69 7.17 -19.11
CA GLY D 74 -16.48 5.96 -19.08
C GLY D 74 -17.52 6.17 -20.12
N ILE D 75 -18.47 5.25 -20.16
CA ILE D 75 -19.45 5.20 -21.23
C ILE D 75 -20.39 6.40 -21.27
N ALA D 76 -20.85 6.85 -20.09
CA ALA D 76 -21.73 8.02 -20.06
C ALA D 76 -20.99 9.31 -20.56
N GLY D 77 -19.75 9.48 -20.14
CA GLY D 77 -18.96 10.58 -20.60
C GLY D 77 -18.70 10.52 -22.12
N LEU D 78 -18.38 9.35 -22.65
CA LEU D 78 -17.95 9.27 -24.06
C LEU D 78 -19.16 9.35 -24.97
N VAL D 79 -20.25 8.70 -24.61
CA VAL D 79 -21.49 8.89 -25.32
C VAL D 79 -21.85 10.41 -25.35
N ALA D 80 -21.86 11.09 -24.21
CA ALA D 80 -22.29 12.47 -24.20
C ALA D 80 -21.37 13.28 -25.08
N ALA D 81 -20.03 13.12 -24.90
CA ALA D 81 -19.01 13.75 -25.85
C ALA D 81 -19.30 13.44 -27.34
N TYR D 82 -19.48 12.18 -27.68
CA TYR D 82 -19.63 11.82 -29.10
C TYR D 82 -20.79 12.61 -29.79
N GLU D 83 -21.95 12.55 -29.14
CA GLU D 83 -23.15 13.18 -29.67
C GLU D 83 -23.06 14.70 -29.63
N LEU D 84 -22.42 15.27 -28.59
CA LEU D 84 -22.29 16.72 -28.53
C LEU D 84 -21.29 17.22 -29.60
N MET D 85 -20.26 16.42 -29.90
CA MET D 85 -19.36 16.68 -31.04
C MET D 85 -20.16 16.73 -32.35
N LYS D 86 -21.01 15.73 -32.58
CA LYS D 86 -21.87 15.71 -33.75
C LYS D 86 -22.80 16.94 -33.80
N LEU D 87 -23.15 17.50 -32.66
CA LEU D 87 -23.97 18.71 -32.66
C LEU D 87 -23.18 20.00 -32.89
N GLY D 88 -21.88 19.89 -33.08
CA GLY D 88 -21.04 21.04 -33.47
C GLY D 88 -20.30 21.66 -32.30
N LEU D 89 -20.34 21.00 -31.12
CA LEU D 89 -19.55 21.44 -29.98
C LEU D 89 -18.16 20.76 -29.92
N LYS D 90 -17.30 21.24 -29.02
CA LYS D 90 -15.98 20.66 -28.80
C LYS D 90 -16.03 20.12 -27.38
N PRO D 91 -16.46 18.87 -27.22
CA PRO D 91 -16.36 18.34 -25.92
C PRO D 91 -14.92 18.25 -25.49
N VAL D 92 -14.67 18.45 -24.19
CA VAL D 92 -13.33 18.27 -23.61
C VAL D 92 -13.52 17.34 -22.42
N VAL D 93 -13.15 16.09 -22.65
CA VAL D 93 -13.19 15.00 -21.74
C VAL D 93 -11.96 15.03 -20.77
N TYR D 94 -12.24 14.81 -19.50
CA TYR D 94 -11.25 14.64 -18.47
C TYR D 94 -11.31 13.17 -17.98
N GLU D 95 -10.16 12.56 -17.71
CA GLU D 95 -10.15 11.24 -17.15
C GLU D 95 -9.02 11.10 -16.19
N ALA D 96 -9.36 10.95 -14.92
CA ALA D 96 -8.39 10.81 -13.84
C ALA D 96 -7.63 9.48 -13.72
N SER D 97 -8.15 8.40 -14.29
CA SER D 97 -7.52 7.06 -14.13
C SER D 97 -7.51 6.35 -15.47
N LYS D 98 -8.38 5.36 -15.70
CA LYS D 98 -8.28 4.64 -17.01
C LYS D 98 -9.48 4.87 -17.95
N MET D 99 -9.15 4.90 -19.23
CA MET D 99 -10.14 4.90 -20.28
C MET D 99 -11.21 3.81 -20.14
N GLY D 100 -12.48 4.17 -20.33
CA GLY D 100 -13.57 3.18 -20.29
C GLY D 100 -14.28 3.04 -18.96
N GLY D 101 -13.66 3.47 -17.86
CA GLY D 101 -14.27 3.44 -16.54
C GLY D 101 -14.63 2.03 -16.18
N ARG D 102 -15.86 1.81 -15.80
CA ARG D 102 -16.27 0.45 -15.41
C ARG D 102 -16.52 -0.55 -16.56
N LEU D 103 -16.12 -0.20 -17.79
CA LEU D 103 -16.03 -1.15 -18.89
C LEU D 103 -14.55 -1.34 -19.14
N ARG D 104 -14.01 -2.41 -18.55
CA ARG D 104 -12.61 -2.58 -18.50
C ARG D 104 -12.27 -3.99 -18.99
N SER D 105 -11.34 -4.11 -19.91
CA SER D 105 -10.97 -5.42 -20.36
C SER D 105 -9.48 -5.57 -20.27
N GLN D 106 -8.97 -6.29 -19.26
CA GLN D 106 -7.51 -6.48 -19.14
C GLN D 106 -7.00 -7.75 -19.84
N ALA D 107 -5.96 -7.62 -20.61
CA ALA D 107 -5.44 -8.72 -21.46
C ALA D 107 -4.45 -9.48 -20.64
N PHE D 108 -4.45 -10.78 -20.79
CA PHE D 108 -3.52 -11.65 -20.04
C PHE D 108 -2.18 -11.61 -20.72
N ASN D 109 -1.12 -11.94 -19.99
CA ASN D 109 0.27 -11.85 -20.51
C ASN D 109 0.44 -12.52 -21.81
N GLY D 110 0.88 -11.82 -22.84
CA GLY D 110 1.33 -12.45 -24.08
C GLY D 110 0.26 -12.75 -25.13
N THR D 111 -0.98 -12.49 -24.78
CA THR D 111 -2.10 -12.93 -25.56
C THR D 111 -2.71 -11.86 -26.42
N ASP D 112 -3.46 -12.28 -27.41
CA ASP D 112 -4.24 -11.37 -28.23
C ASP D 112 -5.71 -11.80 -28.07
N GLY D 113 -6.57 -10.85 -27.76
CA GLY D 113 -8.01 -11.13 -27.75
C GLY D 113 -8.46 -11.98 -26.59
N ILE D 114 -7.61 -12.18 -25.59
CA ILE D 114 -7.99 -12.99 -24.48
C ILE D 114 -8.03 -12.11 -23.25
N ILE D 115 -9.23 -11.78 -22.76
CA ILE D 115 -9.33 -10.76 -21.73
C ILE D 115 -10.08 -11.25 -20.54
N ALA D 116 -10.00 -10.44 -19.47
CA ALA D 116 -10.90 -10.56 -18.33
C ALA D 116 -11.75 -9.35 -18.21
N GLU D 117 -13.05 -9.52 -18.10
CA GLU D 117 -13.95 -8.41 -17.86
C GLU D 117 -13.99 -8.00 -16.40
N LEU D 118 -13.35 -6.89 -16.05
CA LEU D 118 -13.30 -6.50 -14.62
C LEU D 118 -14.49 -5.73 -14.17
N GLY D 119 -15.23 -5.10 -15.10
CA GLY D 119 -16.48 -4.39 -14.75
C GLY D 119 -17.58 -5.08 -15.48
N GLY D 120 -18.44 -4.32 -16.14
CA GLY D 120 -19.46 -4.88 -17.12
C GLY D 120 -18.92 -6.02 -17.93
N MET D 121 -19.66 -7.12 -17.94
CA MET D 121 -19.31 -8.32 -18.67
C MET D 121 -20.44 -9.07 -19.42
N ARG D 122 -21.68 -8.95 -18.98
CA ARG D 122 -22.81 -9.66 -19.62
C ARG D 122 -23.91 -8.66 -19.89
N PHE D 123 -24.22 -8.45 -21.17
CA PHE D 123 -25.02 -7.30 -21.55
C PHE D 123 -26.34 -7.77 -22.11
N PRO D 124 -27.43 -7.50 -21.33
CA PRO D 124 -28.75 -7.92 -21.76
C PRO D 124 -29.14 -7.26 -23.06
N VAL D 125 -29.61 -8.03 -24.01
CA VAL D 125 -29.97 -7.55 -25.35
C VAL D 125 -31.15 -6.65 -25.31
N SER D 126 -31.85 -6.58 -24.18
CA SER D 126 -32.82 -5.52 -23.97
C SER D 126 -32.23 -4.12 -23.88
N SER D 127 -30.90 -4.04 -23.86
CA SER D 127 -30.18 -2.76 -23.72
C SER D 127 -30.01 -2.09 -25.11
N THR D 128 -31.12 -1.62 -25.68
CA THR D 128 -31.07 -1.20 -27.09
C THR D 128 -30.24 0.09 -27.29
N ALA D 129 -30.17 1.01 -26.32
CA ALA D 129 -29.35 2.20 -26.55
C ALA D 129 -27.83 1.88 -26.57
N PHE D 130 -27.37 1.10 -25.57
CA PHE D 130 -26.02 0.47 -25.58
C PHE D 130 -25.70 -0.30 -26.87
N TYR D 131 -26.57 -1.21 -27.25
CA TYR D 131 -26.33 -1.96 -28.49
C TYR D 131 -26.38 -1.13 -29.79
N HIS D 132 -27.05 0.01 -29.80
CA HIS D 132 -26.83 1.03 -30.89
C HIS D 132 -25.32 1.35 -31.14
N TYR D 133 -24.56 1.53 -30.05
CA TYR D 133 -23.18 1.88 -30.17
C TYR D 133 -22.29 0.68 -30.49
N VAL D 134 -22.65 -0.48 -29.91
CA VAL D 134 -21.96 -1.71 -30.20
C VAL D 134 -22.00 -1.96 -31.70
N ASP D 135 -23.20 -1.86 -32.28
CA ASP D 135 -23.36 -2.10 -33.71
C ASP D 135 -22.79 -0.98 -34.58
N LYS D 136 -22.78 0.27 -34.08
CA LYS D 136 -22.19 1.38 -34.83
C LYS D 136 -20.71 1.07 -35.04
N LEU D 137 -20.08 0.44 -34.04
CA LEU D 137 -18.66 0.09 -34.12
C LEU D 137 -18.40 -1.25 -34.82
N GLY D 138 -19.49 -1.98 -35.16
CA GLY D 138 -19.37 -3.29 -35.84
C GLY D 138 -18.76 -4.41 -34.99
N LEU D 139 -18.90 -4.29 -33.68
CA LEU D 139 -18.29 -5.28 -32.78
C LEU D 139 -19.11 -6.57 -32.77
N GLU D 140 -18.46 -7.67 -32.44
CA GLU D 140 -19.11 -8.97 -32.42
C GLU D 140 -19.43 -9.34 -30.97
N THR D 141 -20.58 -9.98 -30.77
CA THR D 141 -21.00 -10.43 -29.43
C THR D 141 -21.41 -11.90 -29.51
N LYS D 142 -21.38 -12.58 -28.36
CA LYS D 142 -21.95 -13.93 -28.29
C LYS D 142 -22.65 -14.14 -26.96
N PRO D 143 -23.52 -15.16 -26.89
CA PRO D 143 -24.27 -15.38 -25.68
C PRO D 143 -23.34 -15.61 -24.51
N PHE D 144 -23.67 -15.01 -23.38
CA PHE D 144 -22.88 -15.19 -22.20
C PHE D 144 -23.21 -16.55 -21.58
N PRO D 145 -22.20 -17.25 -20.97
CA PRO D 145 -22.43 -18.56 -20.35
C PRO D 145 -23.02 -18.51 -18.91
N ASN D 146 -24.27 -18.04 -18.79
CA ASN D 146 -25.00 -18.11 -17.52
C ASN D 146 -25.50 -19.55 -17.30
N PRO D 147 -25.81 -19.91 -16.04
CA PRO D 147 -26.20 -21.27 -15.71
C PRO D 147 -27.43 -21.73 -16.46
N LEU D 148 -27.38 -22.95 -17.00
CA LEU D 148 -28.55 -23.58 -17.63
C LEU D 148 -29.07 -22.81 -18.82
N THR D 149 -28.17 -22.31 -19.64
CA THR D 149 -28.49 -21.63 -20.87
C THR D 149 -27.82 -22.46 -21.93
N PRO D 150 -28.25 -22.31 -23.22
CA PRO D 150 -27.50 -22.97 -24.32
C PRO D 150 -26.00 -22.62 -24.35
N ALA D 151 -25.63 -21.46 -23.84
CA ALA D 151 -24.23 -21.05 -23.81
C ALA D 151 -23.41 -21.80 -22.77
N SER D 152 -24.04 -22.52 -21.85
CA SER D 152 -23.33 -23.22 -20.78
C SER D 152 -23.68 -24.70 -20.83
N ARG D 153 -22.71 -25.56 -20.70
CA ARG D 153 -22.97 -26.96 -20.86
C ARG D 153 -23.53 -27.57 -19.58
N SER D 154 -23.06 -27.08 -18.44
CA SER D 154 -23.55 -27.63 -17.18
C SER D 154 -23.30 -26.67 -16.09
N THR D 155 -24.01 -26.93 -15.00
CA THR D 155 -24.04 -26.09 -13.81
C THR D 155 -23.90 -27.00 -12.62
N VAL D 156 -23.17 -26.56 -11.61
CA VAL D 156 -23.04 -27.32 -10.36
C VAL D 156 -23.46 -26.39 -9.28
N ILE D 157 -24.34 -26.86 -8.40
CA ILE D 157 -24.78 -26.08 -7.24
C ILE D 157 -24.23 -26.81 -6.02
N ASP D 158 -23.54 -26.05 -5.19
CA ASP D 158 -22.98 -26.60 -4.00
C ASP D 158 -23.36 -25.84 -2.72
N LEU D 159 -24.20 -26.45 -1.88
CA LEU D 159 -24.78 -25.79 -0.75
C LEU D 159 -24.74 -26.71 0.47
N GLU D 160 -24.12 -26.19 1.52
CA GLU D 160 -23.91 -26.93 2.79
C GLU D 160 -23.34 -28.31 2.57
N GLY D 161 -22.39 -28.38 1.64
CA GLY D 161 -21.69 -29.61 1.38
C GLY D 161 -22.44 -30.59 0.50
N GLN D 162 -23.60 -30.21 -0.03
CA GLN D 162 -24.36 -31.08 -0.90
C GLN D 162 -24.21 -30.53 -2.32
N THR D 163 -23.72 -31.37 -3.22
CA THR D 163 -23.40 -30.97 -4.58
C THR D 163 -24.41 -31.52 -5.58
N TYR D 164 -24.95 -30.69 -6.44
CA TYR D 164 -25.88 -31.14 -7.47
C TYR D 164 -25.33 -30.76 -8.81
N TYR D 165 -25.37 -31.68 -9.76
CA TYR D 165 -24.91 -31.43 -11.12
C TYR D 165 -26.14 -31.45 -12.04
N ALA D 166 -26.15 -30.61 -13.08
CA ALA D 166 -27.33 -30.46 -13.97
C ALA D 166 -26.89 -29.96 -15.32
N GLU D 167 -27.36 -30.61 -16.38
CA GLU D 167 -27.21 -30.08 -17.76
C GLU D 167 -28.48 -29.42 -18.27
N LYS D 168 -29.61 -29.69 -17.62
CA LYS D 168 -30.86 -28.93 -17.79
C LYS D 168 -31.49 -28.78 -16.42
N ALA D 169 -32.39 -27.81 -16.33
CA ALA D 169 -33.02 -27.48 -15.06
C ALA D 169 -33.69 -28.71 -14.41
N ALA D 170 -34.27 -29.58 -15.24
CA ALA D 170 -34.94 -30.79 -14.73
C ALA D 170 -34.00 -31.78 -14.02
N ASP D 171 -32.70 -31.72 -14.24
CA ASP D 171 -31.81 -32.59 -13.48
C ASP D 171 -31.74 -32.21 -11.98
N LEU D 172 -32.25 -31.05 -11.59
CA LEU D 172 -32.08 -30.59 -10.21
C LEU D 172 -33.19 -31.15 -9.38
N PRO D 173 -32.93 -31.38 -8.07
CA PRO D 173 -33.95 -31.78 -7.14
C PRO D 173 -35.10 -30.79 -7.09
N ALA D 174 -36.22 -31.30 -6.57
CA ALA D 174 -37.52 -30.65 -6.60
C ALA D 174 -37.47 -29.24 -6.01
N LEU D 175 -36.79 -29.10 -4.88
CA LEU D 175 -36.75 -27.83 -4.18
C LEU D 175 -36.42 -26.64 -5.12
N PHE D 176 -35.46 -26.82 -6.02
CA PHE D 176 -35.07 -25.76 -6.93
C PHE D 176 -36.16 -25.32 -7.93
N GLN D 177 -36.96 -26.29 -8.41
CA GLN D 177 -38.13 -25.94 -9.21
C GLN D 177 -39.22 -25.28 -8.35
N GLU D 178 -39.40 -25.70 -7.10
CA GLU D 178 -40.38 -25.01 -6.21
C GLU D 178 -40.00 -23.57 -5.98
N VAL D 179 -38.69 -23.32 -5.90
CA VAL D 179 -38.15 -21.98 -5.76
C VAL D 179 -38.40 -21.12 -6.98
N THR D 180 -38.09 -21.63 -8.16
CA THR D 180 -38.36 -20.86 -9.38
C THR D 180 -39.82 -20.55 -9.48
N ASP D 181 -40.68 -21.54 -9.19
CA ASP D 181 -42.13 -21.38 -9.31
C ASP D 181 -42.61 -20.31 -8.35
N ALA D 182 -42.09 -20.34 -7.14
CA ALA D 182 -42.56 -19.35 -6.17
C ALA D 182 -42.09 -17.95 -6.58
N TRP D 183 -40.90 -17.86 -7.22
CA TRP D 183 -40.38 -16.55 -7.60
C TRP D 183 -41.23 -15.98 -8.75
N ALA D 184 -41.47 -16.79 -9.76
CA ALA D 184 -42.33 -16.35 -10.86
C ALA D 184 -43.76 -15.97 -10.37
N ASP D 185 -44.34 -16.77 -9.47
CA ASP D 185 -45.66 -16.44 -8.90
C ASP D 185 -45.63 -15.16 -8.02
N ALA D 186 -44.55 -14.91 -7.29
CA ALA D 186 -44.55 -13.71 -6.49
C ALA D 186 -44.53 -12.49 -7.37
N LEU D 187 -43.77 -12.55 -8.45
CA LEU D 187 -43.71 -11.44 -9.38
C LEU D 187 -45.07 -11.20 -10.12
N GLU D 188 -45.77 -12.28 -10.49
CA GLU D 188 -47.08 -12.18 -11.17
C GLU D 188 -48.15 -11.66 -10.23
N SER D 189 -48.27 -12.25 -9.04
CA SER D 189 -49.28 -11.83 -8.01
C SER D 189 -49.03 -10.47 -7.45
N GLY D 190 -47.74 -10.18 -7.31
CA GLY D 190 -47.30 -9.06 -6.52
C GLY D 190 -46.92 -7.84 -7.32
N ALA D 191 -46.62 -8.01 -8.61
CA ALA D 191 -46.11 -6.89 -9.34
C ALA D 191 -46.71 -6.73 -10.71
N ARG D 192 -47.67 -7.58 -11.02
CA ARG D 192 -48.31 -7.65 -12.33
C ARG D 192 -47.28 -7.82 -13.42
N PHE D 193 -46.34 -8.72 -13.18
CA PHE D 193 -45.22 -8.93 -14.10
C PHE D 193 -45.65 -9.10 -15.57
N GLY D 194 -46.64 -9.95 -15.83
CA GLY D 194 -47.08 -10.27 -17.22
C GLY D 194 -47.57 -9.04 -17.94
N ASP D 195 -48.42 -8.30 -17.25
CA ASP D 195 -49.04 -7.11 -17.80
C ASP D 195 -48.02 -6.02 -18.09
N ILE D 196 -47.08 -5.86 -17.18
CA ILE D 196 -46.03 -4.87 -17.38
C ILE D 196 -45.15 -5.22 -18.58
N GLN D 197 -44.71 -6.47 -18.66
CA GLN D 197 -43.90 -6.92 -19.81
C GLN D 197 -44.66 -6.72 -21.14
N GLN D 198 -45.94 -7.03 -21.20
CA GLN D 198 -46.71 -6.80 -22.44
C GLN D 198 -46.77 -5.31 -22.82
N ALA D 199 -46.86 -4.44 -21.83
CA ALA D 199 -46.90 -3.00 -22.09
C ALA D 199 -45.52 -2.48 -22.59
N ILE D 200 -44.48 -3.12 -22.11
CA ILE D 200 -43.13 -2.79 -22.52
C ILE D 200 -42.96 -3.22 -23.99
N ARG D 201 -43.42 -4.42 -24.29
CA ARG D 201 -43.34 -4.99 -25.63
C ARG D 201 -44.05 -4.11 -26.63
N ASP D 202 -45.22 -3.60 -26.23
CA ASP D 202 -46.08 -2.80 -27.14
C ASP D 202 -45.74 -1.34 -27.09
N ARG D 203 -44.88 -0.99 -26.15
CA ARG D 203 -44.54 0.40 -25.93
C ARG D 203 -45.77 1.25 -25.69
N ASP D 204 -46.73 0.67 -24.96
CA ASP D 204 -47.93 1.37 -24.55
C ASP D 204 -47.60 2.18 -23.32
N VAL D 205 -47.28 3.46 -23.53
CA VAL D 205 -46.84 4.33 -22.46
C VAL D 205 -47.87 4.60 -21.37
N PRO D 206 -49.09 5.01 -21.75
CA PRO D 206 -50.11 5.22 -20.70
C PRO D 206 -50.29 4.00 -19.79
N ARG D 207 -50.39 2.82 -20.41
CA ARG D 207 -50.63 1.58 -19.68
C ARG D 207 -49.45 1.25 -18.77
N LEU D 208 -48.24 1.27 -19.31
CA LEU D 208 -47.06 0.93 -18.57
C LEU D 208 -46.90 1.87 -17.35
N LYS D 209 -47.18 3.16 -17.52
CA LYS D 209 -47.04 4.12 -16.43
C LYS D 209 -48.08 3.91 -15.36
N GLU D 210 -49.32 3.59 -15.77
CA GLU D 210 -50.41 3.24 -14.84
C GLU D 210 -49.96 2.04 -13.98
N LEU D 211 -49.48 1.01 -14.65
CA LEU D 211 -49.12 -0.22 -13.98
C LEU D 211 -47.91 -0.04 -13.07
N TRP D 212 -46.95 0.75 -13.51
CA TRP D 212 -45.74 1.03 -12.73
C TRP D 212 -45.99 2.05 -11.62
N ASN D 213 -46.74 3.09 -11.93
CA ASN D 213 -46.90 4.14 -10.93
C ASN D 213 -47.58 3.61 -9.67
N THR D 214 -48.44 2.59 -9.84
CA THR D 214 -49.05 1.92 -8.71
C THR D 214 -48.03 1.28 -7.74
N LEU D 215 -47.03 0.66 -8.31
CA LEU D 215 -45.96 0.00 -7.57
C LEU D 215 -45.00 0.97 -6.81
N VAL D 216 -44.78 2.16 -7.36
CA VAL D 216 -43.76 3.07 -6.85
C VAL D 216 -43.99 3.35 -5.36
N PRO D 217 -45.17 3.88 -4.99
CA PRO D 217 -45.31 4.17 -3.55
C PRO D 217 -45.46 2.96 -2.70
N LEU D 218 -45.75 1.81 -3.27
CA LEU D 218 -45.93 0.60 -2.49
C LEU D 218 -44.58 -0.09 -2.21
N TRP D 219 -43.56 0.12 -3.05
CA TRP D 219 -42.30 -0.63 -2.87
C TRP D 219 -40.99 0.18 -2.67
N ASP D 220 -41.04 1.49 -2.90
CA ASP D 220 -39.89 2.31 -2.58
C ASP D 220 -39.30 1.87 -1.24
N ASP D 221 -40.16 1.82 -0.21
CA ASP D 221 -39.72 1.68 1.21
C ASP D 221 -39.63 0.21 1.73
N ARG D 222 -39.65 -0.76 0.82
CA ARG D 222 -39.61 -2.18 1.19
C ARG D 222 -38.47 -2.87 0.44
N THR D 223 -37.86 -3.85 1.02
CA THR D 223 -36.71 -4.52 0.42
C THR D 223 -37.12 -5.69 -0.47
N PHE D 224 -36.22 -6.07 -1.35
CA PHE D 224 -36.26 -7.36 -2.09
C PHE D 224 -36.59 -8.55 -1.19
N TYR D 225 -35.87 -8.65 -0.08
CA TYR D 225 -36.14 -9.70 0.88
C TYR D 225 -37.58 -9.66 1.41
N ASP D 226 -38.05 -8.49 1.73
CA ASP D 226 -39.43 -8.36 2.23
C ASP D 226 -40.41 -8.77 1.15
N PHE D 227 -40.15 -8.32 -0.08
CA PHE D 227 -41.01 -8.80 -1.19
C PHE D 227 -41.08 -10.35 -1.23
N VAL D 228 -39.94 -11.00 -1.05
CA VAL D 228 -39.87 -12.47 -1.16
C VAL D 228 -40.55 -13.16 0.02
N ALA D 229 -40.16 -12.75 1.21
CA ALA D 229 -40.65 -13.42 2.42
C ALA D 229 -42.14 -13.24 2.69
N THR D 230 -42.68 -12.06 2.42
CA THR D 230 -44.09 -11.81 2.58
C THR D 230 -44.95 -12.17 1.35
N SER D 231 -44.36 -12.62 0.24
CA SER D 231 -45.18 -13.05 -0.91
C SER D 231 -45.89 -14.34 -0.48
N LYS D 232 -47.09 -14.54 -0.98
CA LYS D 232 -47.82 -15.78 -0.72
C LYS D 232 -47.04 -17.06 -0.96
N ALA D 233 -46.43 -17.14 -2.14
CA ALA D 233 -45.66 -18.29 -2.58
C ALA D 233 -44.50 -18.70 -1.62
N PHE D 234 -43.70 -17.73 -1.19
CA PHE D 234 -42.59 -18.01 -0.27
C PHE D 234 -42.97 -18.15 1.20
N ALA D 235 -44.02 -17.43 1.61
CA ALA D 235 -44.47 -17.48 3.02
C ALA D 235 -44.99 -18.86 3.46
N LYS D 236 -45.54 -19.62 2.51
CA LYS D 236 -45.93 -21.01 2.79
C LYS D 236 -44.79 -22.03 2.58
N LEU D 237 -43.63 -21.57 2.12
CA LEU D 237 -42.48 -22.45 1.99
C LEU D 237 -41.55 -22.28 3.18
N SER D 238 -40.59 -23.19 3.31
CA SER D 238 -39.63 -23.11 4.42
C SER D 238 -38.71 -21.92 4.24
N PHE D 239 -38.12 -21.47 5.36
CA PHE D 239 -37.07 -20.48 5.34
C PHE D 239 -36.02 -20.89 4.33
N GLN D 240 -35.63 -22.15 4.44
CA GLN D 240 -34.63 -22.70 3.59
C GLN D 240 -34.88 -22.41 2.11
N HIS D 241 -36.14 -22.45 1.65
CA HIS D 241 -36.43 -22.09 0.27
C HIS D 241 -36.02 -20.66 -0.15
N ARG D 242 -36.28 -19.66 0.67
CA ARG D 242 -35.87 -18.26 0.33
C ARG D 242 -34.39 -18.09 0.60
N GLU D 243 -33.85 -18.88 1.53
CA GLU D 243 -32.38 -18.94 1.72
C GLU D 243 -31.62 -19.50 0.48
N VAL D 244 -32.07 -20.63 -0.03
CA VAL D 244 -31.55 -21.19 -1.26
C VAL D 244 -31.78 -20.20 -2.40
N PHE D 245 -32.93 -19.53 -2.43
CA PHE D 245 -33.18 -18.47 -3.45
C PHE D 245 -32.11 -17.40 -3.37
N GLY D 246 -31.75 -16.97 -2.17
CA GLY D 246 -30.62 -16.07 -2.05
C GLY D 246 -29.28 -16.57 -2.60
N GLN D 247 -28.95 -17.84 -2.36
CA GLN D 247 -27.64 -18.36 -2.70
C GLN D 247 -27.50 -18.71 -4.18
N VAL D 248 -28.60 -19.15 -4.81
CA VAL D 248 -28.51 -19.70 -6.15
C VAL D 248 -29.14 -18.82 -7.21
N GLY D 249 -30.17 -18.08 -6.87
CA GLY D 249 -30.72 -17.09 -7.77
C GLY D 249 -31.72 -17.59 -8.77
N PHE D 250 -31.83 -16.85 -9.86
CA PHE D 250 -32.94 -16.98 -10.86
C PHE D 250 -32.40 -16.84 -12.32
N GLY D 251 -31.15 -17.25 -12.52
CA GLY D 251 -30.51 -17.20 -13.83
C GLY D 251 -29.11 -16.61 -13.87
N THR D 252 -28.78 -15.73 -12.92
CA THR D 252 -27.51 -14.99 -12.99
C THR D 252 -26.74 -14.95 -11.67
N GLY D 253 -26.90 -16.01 -10.90
CA GLY D 253 -26.13 -16.19 -9.67
C GLY D 253 -27.00 -15.83 -8.51
N GLY D 254 -26.50 -16.00 -7.29
CA GLY D 254 -27.31 -15.68 -6.11
C GLY D 254 -27.27 -14.22 -5.76
N TRP D 255 -28.43 -13.64 -5.54
CA TRP D 255 -28.50 -12.20 -5.29
C TRP D 255 -28.86 -11.93 -3.85
N ASP D 256 -28.44 -12.78 -2.92
CA ASP D 256 -28.62 -12.43 -1.50
C ASP D 256 -27.98 -11.08 -1.14
N SER D 257 -26.93 -10.71 -1.88
CA SER D 257 -26.28 -9.36 -1.76
C SER D 257 -27.21 -8.14 -1.89
N ASP D 258 -28.25 -8.32 -2.72
CA ASP D 258 -29.29 -7.33 -2.96
C ASP D 258 -30.60 -7.51 -2.18
N PHE D 259 -30.76 -8.59 -1.41
CA PHE D 259 -31.92 -8.68 -0.47
C PHE D 259 -32.23 -7.31 0.22
N PRO D 260 -31.20 -6.52 0.57
CA PRO D 260 -31.50 -5.22 1.23
C PRO D 260 -31.98 -4.10 0.37
N ASN D 261 -31.85 -4.25 -0.94
CA ASN D 261 -32.14 -3.15 -1.83
C ASN D 261 -33.62 -2.96 -1.99
N SER D 262 -34.02 -1.74 -2.31
CA SER D 262 -35.43 -1.45 -2.56
C SER D 262 -35.94 -2.36 -3.62
N MET D 263 -37.16 -2.90 -3.44
CA MET D 263 -37.69 -3.82 -4.43
C MET D 263 -37.95 -3.22 -5.84
N LEU D 264 -38.19 -1.93 -5.92
CA LEU D 264 -38.33 -1.22 -7.17
C LEU D 264 -37.12 -1.45 -8.08
N GLU D 265 -35.94 -1.55 -7.49
CA GLU D 265 -34.71 -1.81 -8.26
C GLU D 265 -34.77 -3.19 -8.93
N ILE D 266 -35.19 -4.18 -8.16
CA ILE D 266 -35.28 -5.54 -8.67
C ILE D 266 -36.39 -5.65 -9.70
N PHE D 267 -37.51 -4.97 -9.45
CA PHE D 267 -38.64 -4.99 -10.38
C PHE D 267 -38.11 -4.58 -11.78
N ARG D 268 -37.33 -3.47 -11.79
CA ARG D 268 -36.76 -2.91 -12.99
C ARG D 268 -35.85 -3.90 -13.72
N VAL D 269 -35.01 -4.60 -12.96
CA VAL D 269 -34.17 -5.70 -13.54
C VAL D 269 -35.00 -6.76 -14.28
N VAL D 270 -35.98 -7.34 -13.60
CA VAL D 270 -36.69 -8.45 -14.16
C VAL D 270 -37.68 -8.01 -15.26
N MET D 271 -38.38 -6.90 -15.04
CA MET D 271 -39.41 -6.48 -15.97
C MET D 271 -38.80 -6.12 -17.33
N THR D 272 -37.55 -5.65 -17.32
CA THR D 272 -36.90 -5.30 -18.60
C THR D 272 -35.89 -6.35 -19.15
N ASN D 273 -35.96 -7.57 -18.60
CA ASN D 273 -35.11 -8.68 -18.97
C ASN D 273 -33.61 -8.43 -18.81
N CYS D 274 -33.21 -7.60 -17.84
CA CYS D 274 -31.82 -7.29 -17.70
C CYS D 274 -31.12 -8.56 -17.36
N ASP D 275 -31.86 -9.42 -16.66
CA ASP D 275 -31.32 -10.66 -16.09
C ASP D 275 -31.44 -11.83 -17.02
N ASP D 276 -31.55 -11.61 -18.32
CA ASP D 276 -31.75 -12.73 -19.26
C ASP D 276 -31.16 -12.34 -20.62
N HIS D 277 -30.92 -13.33 -21.47
CA HIS D 277 -30.50 -13.07 -22.84
C HIS D 277 -29.36 -12.02 -22.90
N GLN D 278 -28.29 -12.38 -22.19
CA GLN D 278 -27.14 -11.54 -22.03
C GLN D 278 -26.05 -11.99 -23.00
N HIS D 279 -25.31 -11.04 -23.59
CA HIS D 279 -24.13 -11.36 -24.41
C HIS D 279 -22.90 -10.70 -23.84
N LEU D 280 -21.73 -11.32 -24.08
CA LEU D 280 -20.40 -10.72 -23.88
C LEU D 280 -19.91 -10.12 -25.23
N VAL D 281 -19.03 -9.12 -25.16
CA VAL D 281 -18.46 -8.54 -26.34
C VAL D 281 -17.17 -9.29 -26.66
N VAL D 282 -17.07 -9.84 -27.86
CA VAL D 282 -15.90 -10.64 -28.22
C VAL D 282 -14.67 -9.73 -28.32
N GLY D 283 -13.60 -10.10 -27.61
CA GLY D 283 -12.40 -9.25 -27.52
C GLY D 283 -12.51 -8.24 -26.36
N GLY D 284 -13.62 -8.21 -25.63
CA GLY D 284 -13.76 -7.25 -24.56
C GLY D 284 -14.62 -6.04 -24.83
N VAL D 285 -15.52 -5.76 -23.87
CA VAL D 285 -16.42 -4.64 -23.89
C VAL D 285 -15.71 -3.30 -23.85
N GLU D 286 -14.47 -3.26 -23.35
CA GLU D 286 -13.68 -2.01 -23.40
C GLU D 286 -13.49 -1.49 -24.82
N GLN D 287 -13.62 -2.35 -25.83
CA GLN D 287 -13.67 -1.88 -27.21
C GLN D 287 -14.80 -0.87 -27.50
N VAL D 288 -15.85 -0.82 -26.68
CA VAL D 288 -16.94 0.16 -26.91
C VAL D 288 -16.48 1.60 -26.58
N PRO D 289 -16.08 1.89 -25.32
CA PRO D 289 -15.59 3.24 -25.09
C PRO D 289 -14.34 3.62 -25.98
N GLN D 290 -13.45 2.68 -26.26
CA GLN D 290 -12.23 2.95 -27.02
C GLN D 290 -12.61 3.21 -28.48
N GLY D 291 -13.57 2.44 -28.98
CA GLY D 291 -14.10 2.68 -30.35
C GLY D 291 -14.90 3.98 -30.55
N ILE D 292 -15.67 4.39 -29.55
CA ILE D 292 -16.37 5.70 -29.60
C ILE D 292 -15.39 6.89 -29.64
N TRP D 293 -14.31 6.74 -28.88
CA TRP D 293 -13.24 7.68 -28.81
C TRP D 293 -12.66 7.93 -30.18
N ARG D 294 -12.54 6.86 -30.96
CA ARG D 294 -11.85 6.92 -32.21
C ARG D 294 -12.82 6.97 -33.37
N HIS D 295 -14.11 6.90 -33.13
CA HIS D 295 -15.07 6.78 -34.25
C HIS D 295 -15.31 8.12 -34.99
N VAL D 296 -15.24 8.05 -36.32
CA VAL D 296 -15.38 9.22 -37.19
C VAL D 296 -16.75 9.19 -37.84
N PRO D 297 -17.68 10.05 -37.40
CA PRO D 297 -18.98 9.97 -38.06
C PRO D 297 -18.87 10.54 -39.51
N GLU D 298 -19.74 10.10 -40.39
CA GLU D 298 -19.83 10.66 -41.76
C GLU D 298 -20.10 12.18 -41.71
N ARG D 299 -21.12 12.58 -40.93
CA ARG D 299 -21.50 13.99 -40.79
C ARG D 299 -21.50 14.44 -39.33
N CYS D 300 -20.66 15.43 -39.05
CA CYS D 300 -20.81 16.30 -37.89
C CYS D 300 -21.21 17.65 -38.39
N ALA D 301 -21.96 18.39 -37.57
CA ALA D 301 -22.06 19.84 -37.67
C ALA D 301 -20.69 20.47 -37.37
N HIS D 302 -20.37 21.54 -38.10
CA HIS D 302 -19.17 22.36 -37.86
C HIS D 302 -17.84 21.74 -38.26
N TRP D 303 -17.56 20.55 -37.72
CA TRP D 303 -16.24 19.94 -37.80
C TRP D 303 -15.92 19.42 -39.19
N PRO D 304 -14.65 19.50 -39.60
CA PRO D 304 -14.28 18.94 -40.91
C PRO D 304 -14.39 17.41 -40.92
N GLU D 305 -14.55 16.87 -42.13
CA GLU D 305 -14.52 15.45 -42.36
C GLU D 305 -13.31 14.86 -41.66
N GLY D 306 -13.43 13.65 -41.16
CA GLY D 306 -12.32 12.98 -40.48
C GLY D 306 -12.23 13.31 -39.00
N THR D 307 -13.17 14.10 -38.47
CA THR D 307 -13.06 14.51 -37.07
C THR D 307 -13.57 13.40 -36.16
N SER D 308 -12.75 13.06 -35.14
CA SER D 308 -13.13 12.14 -34.07
C SER D 308 -12.94 12.86 -32.73
N LEU D 309 -13.42 12.25 -31.66
CA LEU D 309 -13.17 12.77 -30.31
C LEU D 309 -11.67 12.78 -30.13
N SER D 310 -10.99 11.70 -30.55
CA SER D 310 -9.51 11.59 -30.45
C SER D 310 -8.84 12.75 -31.15
N SER D 311 -9.21 13.03 -32.41
CA SER D 311 -8.51 14.06 -33.17
C SER D 311 -8.71 15.41 -32.53
N LEU D 312 -9.95 15.67 -32.07
CA LEU D 312 -10.30 16.84 -31.27
C LEU D 312 -9.49 16.99 -29.94
N HIS D 313 -9.06 15.88 -29.36
CA HIS D 313 -8.25 15.97 -28.13
C HIS D 313 -6.75 15.93 -28.36
N GLY D 314 -6.31 15.70 -29.58
CA GLY D 314 -4.92 15.30 -29.77
C GLY D 314 -4.57 13.85 -29.42
N GLY D 315 -5.59 13.02 -29.18
CA GLY D 315 -5.35 11.65 -28.79
C GLY D 315 -5.83 11.17 -27.44
N ALA D 316 -5.72 12.00 -26.42
CA ALA D 316 -6.09 11.64 -25.08
C ALA D 316 -7.00 12.62 -24.36
N PRO D 317 -7.84 12.07 -23.45
CA PRO D 317 -8.58 13.01 -22.57
C PRO D 317 -7.64 13.76 -21.76
N ARG D 318 -8.07 14.88 -21.21
CA ARG D 318 -7.25 15.59 -20.24
C ARG D 318 -7.09 14.79 -18.97
N THR D 319 -6.12 15.14 -18.14
CA THR D 319 -5.95 14.39 -16.87
C THR D 319 -7.10 14.64 -15.90
N GLY D 320 -7.01 14.15 -14.66
CA GLY D 320 -8.12 14.24 -13.72
C GLY D 320 -8.52 15.61 -13.26
N VAL D 321 -9.79 15.76 -12.82
CA VAL D 321 -10.31 17.07 -12.38
C VAL D 321 -10.15 17.18 -10.89
N LYS D 322 -9.73 18.33 -10.41
CA LYS D 322 -9.52 18.52 -8.94
C LYS D 322 -10.52 19.55 -8.37
N ARG D 323 -10.96 20.45 -9.21
CA ARG D 323 -11.91 21.46 -8.72
C ARG D 323 -12.91 21.88 -9.78
N ILE D 324 -14.16 22.13 -9.35
CA ILE D 324 -15.18 22.80 -10.18
C ILE D 324 -15.81 23.96 -9.40
N ALA D 325 -15.73 25.16 -9.97
CA ALA D 325 -16.27 26.36 -9.32
C ALA D 325 -16.92 27.27 -10.36
N ARG D 326 -17.76 28.16 -9.86
CA ARG D 326 -18.37 29.22 -10.64
C ARG D 326 -17.39 30.36 -10.70
N ALA D 327 -16.95 30.71 -11.90
CA ALA D 327 -15.98 31.81 -12.09
C ALA D 327 -16.72 33.13 -12.01
N SER D 328 -16.00 34.22 -11.79
CA SER D 328 -16.70 35.50 -11.58
C SER D 328 -17.35 35.98 -12.89
N ASP D 329 -16.91 35.46 -14.04
CA ASP D 329 -17.59 35.75 -15.34
C ASP D 329 -18.82 34.90 -15.63
N GLY D 330 -19.23 34.05 -14.69
CA GLY D 330 -20.45 33.20 -14.82
C GLY D 330 -20.21 31.80 -15.40
N ARG D 331 -19.00 31.59 -15.93
CA ARG D 331 -18.69 30.29 -16.52
C ARG D 331 -18.26 29.35 -15.37
N LEU D 332 -18.04 28.12 -15.74
CA LEU D 332 -17.63 27.14 -14.77
C LEU D 332 -16.15 26.95 -14.97
N ALA D 333 -15.45 27.00 -13.85
CA ALA D 333 -13.98 26.85 -13.87
C ALA D 333 -13.59 25.47 -13.37
N VAL D 334 -12.85 24.74 -14.23
CA VAL D 334 -12.43 23.37 -14.05
C VAL D 334 -10.91 23.35 -14.03
N THR D 335 -10.36 22.98 -12.86
CA THR D 335 -8.92 22.91 -12.60
C THR D 335 -8.51 21.47 -12.53
N ASP D 336 -7.53 21.09 -13.36
CA ASP D 336 -7.07 19.73 -13.35
C ASP D 336 -6.03 19.49 -12.20
N ASN D 337 -5.56 18.24 -12.09
CA ASN D 337 -4.47 17.75 -11.17
C ASN D 337 -3.28 18.65 -11.20
N TRP D 338 -2.98 19.19 -12.35
CA TRP D 338 -1.74 19.98 -12.44
C TRP D 338 -1.99 21.49 -12.28
N GLY D 339 -3.20 21.84 -11.83
CA GLY D 339 -3.49 23.27 -11.60
C GLY D 339 -3.90 24.09 -12.82
N ASP D 340 -3.95 23.48 -13.99
CA ASP D 340 -4.47 24.10 -15.20
C ASP D 340 -5.97 24.36 -15.12
N CYS D 341 -6.36 25.63 -15.29
CA CYS D 341 -7.76 26.06 -15.04
C CYS D 341 -8.36 26.53 -16.34
N ARG D 342 -9.52 26.00 -16.70
CA ARG D 342 -10.14 26.22 -18.02
C ARG D 342 -11.60 26.48 -17.79
N HIS D 343 -12.17 27.42 -18.53
CA HIS D 343 -13.55 27.90 -18.35
C HIS D 343 -14.56 27.36 -19.39
N TYR D 344 -15.79 27.06 -18.95
CA TYR D 344 -16.76 26.39 -19.81
C TYR D 344 -18.15 26.93 -19.58
N ALA D 345 -18.97 26.97 -20.62
CA ALA D 345 -20.38 27.34 -20.38
C ALA D 345 -21.20 26.19 -19.73
N ALA D 346 -20.73 24.96 -19.94
CA ALA D 346 -21.36 23.80 -19.32
C ALA D 346 -20.36 22.74 -19.03
N VAL D 347 -20.69 21.97 -18.00
CA VAL D 347 -19.90 20.83 -17.52
C VAL D 347 -20.84 19.61 -17.25
N LEU D 348 -20.48 18.45 -17.79
CA LEU D 348 -21.11 17.21 -17.43
C LEU D 348 -20.17 16.40 -16.59
N THR D 349 -20.64 15.98 -15.41
CA THR D 349 -19.85 15.08 -14.54
C THR D 349 -20.41 13.65 -14.57
N THR D 350 -19.58 12.68 -14.82
CA THR D 350 -20.08 11.31 -14.85
C THR D 350 -19.43 10.40 -13.87
N CYS D 351 -18.53 10.91 -13.04
CA CYS D 351 -17.99 10.08 -11.96
C CYS D 351 -19.12 9.66 -10.99
N GLN D 352 -18.92 8.55 -10.27
CA GLN D 352 -19.89 8.19 -9.24
C GLN D 352 -20.03 9.31 -8.20
N SER D 353 -21.22 9.38 -7.62
CA SER D 353 -21.68 10.63 -7.01
C SER D 353 -20.87 11.14 -5.80
N TRP D 354 -20.25 10.20 -5.08
CA TRP D 354 -19.46 10.58 -3.91
C TRP D 354 -18.27 11.46 -4.29
N LEU D 355 -17.79 11.25 -5.53
CA LEU D 355 -16.51 11.84 -5.96
C LEU D 355 -16.55 13.38 -6.12
N LEU D 356 -17.80 13.90 -6.19
CA LEU D 356 -18.03 15.34 -6.19
C LEU D 356 -17.70 15.96 -4.86
N THR D 357 -17.42 15.13 -3.85
CA THR D 357 -17.00 15.58 -2.53
C THR D 357 -15.57 15.02 -2.23
N THR D 358 -15.33 13.71 -2.46
CA THR D 358 -14.03 13.08 -2.12
C THR D 358 -12.87 13.36 -3.05
N GLN D 359 -13.15 13.56 -4.32
CA GLN D 359 -12.11 13.52 -5.32
C GLN D 359 -12.06 14.84 -6.06
N ILE D 360 -13.18 15.59 -6.09
CA ILE D 360 -13.24 16.92 -6.66
C ILE D 360 -13.75 17.89 -5.61
N ASP D 361 -13.15 19.06 -5.52
CA ASP D 361 -13.70 20.15 -4.76
C ASP D 361 -14.74 20.89 -5.64
N CYS D 362 -15.99 20.43 -5.57
CA CYS D 362 -17.12 20.96 -6.36
C CYS D 362 -17.85 22.00 -5.53
N GLU D 363 -17.76 23.25 -5.94
CA GLU D 363 -18.38 24.33 -5.18
C GLU D 363 -19.86 24.01 -4.77
N GLU D 364 -20.11 24.21 -3.50
CA GLU D 364 -21.38 23.79 -2.96
C GLU D 364 -22.63 24.48 -3.62
N SER D 365 -22.54 25.76 -3.90
CA SER D 365 -23.63 26.50 -4.52
C SER D 365 -23.94 26.03 -5.90
N LEU D 366 -23.14 25.16 -6.50
CA LEU D 366 -23.47 24.62 -7.84
C LEU D 366 -24.59 23.57 -7.83
N PHE D 367 -24.85 22.95 -6.70
CA PHE D 367 -26.07 22.10 -6.57
C PHE D 367 -27.00 22.56 -5.46
N SER D 368 -28.32 22.38 -5.64
CA SER D 368 -29.25 22.68 -4.53
C SER D 368 -28.93 21.82 -3.35
N GLN D 369 -29.43 22.23 -2.21
CA GLN D 369 -29.24 21.42 -0.99
C GLN D 369 -29.93 20.03 -1.04
N LYS D 370 -31.06 19.97 -1.76
CA LYS D 370 -31.78 18.73 -1.94
C LYS D 370 -30.98 17.76 -2.85
N MET D 371 -30.35 18.34 -3.88
CA MET D 371 -29.44 17.57 -4.76
C MET D 371 -28.19 17.04 -3.99
N TRP D 372 -27.52 17.89 -3.22
CA TRP D 372 -26.38 17.38 -2.48
C TRP D 372 -26.85 16.15 -1.70
N MET D 373 -28.05 16.20 -1.08
CA MET D 373 -28.51 15.11 -0.26
C MET D 373 -28.69 13.83 -1.07
N ALA D 374 -29.26 13.94 -2.27
CA ALA D 374 -29.34 12.81 -3.15
C ALA D 374 -27.97 12.26 -3.47
N LEU D 375 -27.05 13.16 -3.85
CA LEU D 375 -25.68 12.78 -4.27
C LEU D 375 -24.93 12.13 -3.12
N ASP D 376 -25.06 12.70 -1.96
CA ASP D 376 -24.33 12.23 -0.74
C ASP D 376 -24.92 11.04 0.00
N ARG D 377 -26.24 10.79 -0.12
CA ARG D 377 -26.89 9.64 0.54
C ARG D 377 -26.97 8.38 -0.31
N THR D 378 -26.69 8.49 -1.58
CA THR D 378 -26.70 7.34 -2.48
C THR D 378 -25.71 6.29 -1.95
N ARG D 379 -26.11 5.01 -1.93
CA ARG D 379 -25.25 3.86 -1.44
C ARG D 379 -24.57 3.17 -2.62
N TYR D 380 -23.28 2.87 -2.49
CA TYR D 380 -22.59 2.12 -3.52
C TYR D 380 -22.28 0.75 -3.03
N MET D 381 -22.46 -0.19 -3.90
CA MET D 381 -22.27 -1.63 -3.60
C MET D 381 -20.83 -2.07 -3.89
N GLN D 382 -20.42 -3.17 -3.25
CA GLN D 382 -19.09 -3.72 -3.42
C GLN D 382 -19.11 -4.93 -4.35
N SER D 383 -17.98 -5.09 -5.03
CA SER D 383 -17.83 -6.22 -5.92
C SER D 383 -16.36 -6.56 -6.16
N SER D 384 -16.14 -7.88 -6.18
CA SER D 384 -14.86 -8.55 -6.38
C SER D 384 -14.91 -9.48 -7.56
N LYS D 385 -13.83 -9.57 -8.30
CA LYS D 385 -13.71 -10.60 -9.29
C LYS D 385 -12.30 -11.06 -9.35
N THR D 386 -12.12 -12.38 -9.39
CA THR D 386 -10.80 -13.01 -9.62
C THR D 386 -10.80 -13.93 -10.83
N PHE D 387 -9.85 -13.74 -11.70
CA PHE D 387 -9.88 -14.43 -13.02
C PHE D 387 -8.56 -15.13 -13.21
N VAL D 388 -8.56 -16.32 -13.81
CA VAL D 388 -7.33 -16.92 -14.34
C VAL D 388 -7.55 -17.38 -15.80
N MET D 389 -6.47 -17.59 -16.49
CA MET D 389 -6.47 -18.12 -17.85
C MET D 389 -6.04 -19.59 -17.78
N VAL D 390 -6.49 -20.42 -18.73
CA VAL D 390 -6.13 -21.84 -18.75
C VAL D 390 -5.71 -22.24 -20.15
N ASP D 391 -4.89 -23.27 -20.26
CA ASP D 391 -4.31 -23.61 -21.56
C ASP D 391 -5.34 -24.09 -22.58
N ARG D 392 -6.47 -24.60 -22.08
CA ARG D 392 -7.57 -25.06 -22.93
C ARG D 392 -8.84 -25.24 -22.08
N PRO D 393 -10.01 -25.25 -22.74
CA PRO D 393 -11.28 -25.42 -21.98
C PRO D 393 -11.50 -26.88 -21.50
N PHE D 394 -10.57 -27.35 -20.65
CA PHE D 394 -10.49 -28.71 -20.17
C PHE D 394 -11.80 -29.12 -19.46
N TRP D 395 -12.57 -28.15 -19.02
CA TRP D 395 -13.84 -28.40 -18.35
C TRP D 395 -14.81 -29.19 -19.16
N LYS D 396 -14.75 -29.02 -20.50
CA LYS D 396 -15.57 -29.75 -21.45
C LYS D 396 -15.29 -31.26 -21.45
N ASP D 397 -14.10 -31.71 -21.02
CA ASP D 397 -13.77 -33.14 -20.93
C ASP D 397 -14.71 -33.79 -19.93
N LYS D 398 -14.95 -35.08 -20.15
CA LYS D 398 -15.90 -35.90 -19.37
C LYS D 398 -15.19 -36.77 -18.38
N ASP D 399 -15.65 -36.79 -17.15
CA ASP D 399 -15.23 -37.85 -16.21
C ASP D 399 -15.88 -39.18 -16.69
N PRO D 400 -15.07 -40.17 -17.12
CA PRO D 400 -15.63 -41.38 -17.71
C PRO D 400 -16.59 -42.14 -16.81
N GLU D 401 -16.29 -42.21 -15.52
CA GLU D 401 -17.13 -42.89 -14.53
C GLU D 401 -18.51 -42.26 -14.41
N THR D 402 -18.54 -40.94 -14.25
CA THR D 402 -19.77 -40.23 -13.95
C THR D 402 -20.51 -39.68 -15.15
N GLY D 403 -19.82 -39.48 -16.28
CA GLY D 403 -20.42 -38.77 -17.42
C GLY D 403 -20.50 -37.24 -17.21
N ARG D 404 -19.99 -36.69 -16.12
CA ARG D 404 -20.04 -35.24 -15.92
C ARG D 404 -18.88 -34.52 -16.60
N ASP D 405 -19.10 -33.25 -16.92
CA ASP D 405 -18.01 -32.32 -17.27
C ASP D 405 -17.03 -32.31 -16.13
N LEU D 406 -15.74 -32.12 -16.44
CA LEU D 406 -14.74 -31.94 -15.35
C LEU D 406 -14.99 -30.70 -14.47
N MET D 407 -15.62 -29.68 -15.03
CA MET D 407 -15.95 -28.50 -14.26
C MET D 407 -17.17 -27.86 -14.92
N SER D 408 -17.92 -27.14 -14.11
CA SER D 408 -19.13 -26.44 -14.53
C SER D 408 -19.19 -25.02 -14.01
N MET D 409 -20.18 -24.28 -14.53
CA MET D 409 -20.59 -23.00 -13.99
C MET D 409 -20.96 -23.34 -12.59
N THR D 410 -20.36 -22.68 -11.61
CA THR D 410 -20.52 -23.12 -10.20
C THR D 410 -21.25 -22.09 -9.34
N LEU D 411 -22.36 -22.51 -8.71
CA LEU D 411 -23.04 -21.73 -7.69
C LEU D 411 -22.95 -22.40 -6.32
N THR D 412 -22.49 -21.62 -5.36
CA THR D 412 -22.10 -22.13 -4.11
C THR D 412 -22.28 -21.10 -3.01
N ASP D 413 -22.39 -21.63 -1.81
CA ASP D 413 -22.33 -20.84 -0.60
C ASP D 413 -20.91 -20.75 -0.04
N ARG D 414 -19.96 -21.45 -0.66
CA ARG D 414 -18.55 -21.15 -0.44
C ARG D 414 -18.15 -19.72 -0.99
N LEU D 415 -16.99 -19.25 -0.56
CA LEU D 415 -16.51 -17.87 -0.77
C LEU D 415 -16.42 -17.45 -2.19
N THR D 416 -16.25 -18.41 -3.10
CA THR D 416 -16.24 -18.03 -4.55
C THR D 416 -17.56 -17.47 -5.04
N ARG D 417 -18.66 -18.04 -4.53
CA ARG D 417 -20.05 -17.71 -4.88
C ARG D 417 -20.42 -18.10 -6.32
N GLY D 418 -19.90 -17.37 -7.27
CA GLY D 418 -20.16 -17.67 -8.68
C GLY D 418 -18.87 -17.90 -9.39
N THR D 419 -18.78 -19.01 -10.12
CA THR D 419 -17.67 -19.28 -11.02
C THR D 419 -18.15 -19.45 -12.47
N TYR D 420 -17.47 -18.80 -13.40
CA TYR D 420 -17.90 -18.65 -14.80
C TYR D 420 -16.82 -19.13 -15.73
N LEU D 421 -17.18 -19.85 -16.79
CA LEU D 421 -16.22 -20.51 -17.68
C LEU D 421 -16.35 -19.91 -19.04
N PHE D 422 -15.22 -19.53 -19.64
CA PHE D 422 -15.23 -18.86 -20.93
C PHE D 422 -14.47 -19.70 -21.95
N ASP D 423 -15.22 -20.17 -22.94
CA ASP D 423 -14.67 -21.03 -24.01
C ASP D 423 -14.35 -20.13 -25.21
N ASN D 424 -13.09 -20.12 -25.65
CA ASN D 424 -12.70 -19.32 -26.78
C ASN D 424 -12.47 -20.18 -28.00
N GLY D 425 -12.95 -21.41 -27.97
CA GLY D 425 -12.62 -22.40 -29.00
C GLY D 425 -11.63 -23.44 -28.46
N ASP D 426 -11.76 -24.69 -28.91
CA ASP D 426 -10.89 -25.82 -28.47
C ASP D 426 -9.39 -25.61 -28.67
N ASP D 427 -9.04 -24.79 -29.67
CA ASP D 427 -7.65 -24.52 -30.02
C ASP D 427 -7.11 -23.23 -29.39
N LYS D 428 -7.82 -22.65 -28.44
CA LYS D 428 -7.37 -21.40 -27.80
C LYS D 428 -7.49 -21.58 -26.31
N PRO D 429 -6.82 -20.69 -25.54
CA PRO D 429 -6.93 -20.78 -24.10
C PRO D 429 -8.34 -20.41 -23.59
N GLY D 430 -8.66 -20.92 -22.39
CA GLY D 430 -9.91 -20.64 -21.74
C GLY D 430 -9.71 -19.57 -20.71
N VAL D 431 -10.83 -18.98 -20.28
CA VAL D 431 -10.78 -18.02 -19.22
C VAL D 431 -11.75 -18.50 -18.20
N ILE D 432 -11.34 -18.44 -16.94
CA ILE D 432 -12.24 -18.76 -15.84
C ILE D 432 -12.33 -17.56 -14.87
N CYS D 433 -13.54 -17.06 -14.59
CA CYS D 433 -13.73 -16.17 -13.46
C CYS D 433 -13.89 -17.09 -12.25
N LEU D 434 -12.84 -17.22 -11.46
CA LEU D 434 -12.85 -18.11 -10.30
C LEU D 434 -13.89 -17.66 -9.27
N SER D 435 -14.09 -16.37 -9.15
CA SER D 435 -15.07 -15.83 -8.25
C SER D 435 -15.56 -14.48 -8.71
N TYR D 436 -16.89 -14.33 -8.78
CA TYR D 436 -17.52 -13.03 -8.91
C TYR D 436 -18.38 -12.87 -7.67
N ALA D 437 -18.02 -11.93 -6.81
CA ALA D 437 -18.67 -11.79 -5.51
C ALA D 437 -19.26 -10.41 -5.40
N TRP D 438 -20.33 -10.29 -4.59
CA TRP D 438 -21.00 -9.01 -4.24
C TRP D 438 -21.09 -8.85 -2.73
N MET D 439 -21.04 -7.59 -2.32
CA MET D 439 -21.27 -7.19 -0.96
C MET D 439 -20.37 -7.95 0.03
N SER D 440 -20.95 -8.70 0.94
CA SER D 440 -20.24 -9.30 2.06
C SER D 440 -19.13 -10.20 1.50
N ASP D 441 -19.48 -10.98 0.47
CA ASP D 441 -18.51 -11.87 -0.16
C ASP D 441 -17.39 -11.12 -0.91
N ALA D 442 -17.68 -9.90 -1.37
CA ALA D 442 -16.65 -9.06 -1.84
C ALA D 442 -15.74 -8.55 -0.74
N LEU D 443 -16.35 -8.06 0.33
CA LEU D 443 -15.62 -7.51 1.49
C LEU D 443 -14.61 -8.48 2.14
N LYS D 444 -14.94 -9.78 2.10
CA LYS D 444 -14.02 -10.87 2.51
C LYS D 444 -12.64 -10.77 1.86
N MET D 445 -12.64 -10.48 0.55
CA MET D 445 -11.40 -10.37 -0.23
C MET D 445 -10.71 -8.99 -0.14
N LEU D 446 -11.37 -7.94 0.36
CA LEU D 446 -10.88 -6.54 0.15
C LEU D 446 -9.34 -6.39 0.33
N PRO D 447 -8.79 -6.64 1.54
CA PRO D 447 -7.38 -6.38 1.78
C PRO D 447 -6.44 -7.46 1.30
N HIS D 448 -6.91 -8.53 0.68
CA HIS D 448 -6.00 -9.62 0.31
C HIS D 448 -5.45 -9.42 -1.05
N PRO D 449 -4.16 -9.74 -1.23
CA PRO D 449 -3.53 -9.70 -2.56
C PRO D 449 -3.99 -10.75 -3.48
N VAL D 450 -3.71 -10.58 -4.76
CA VAL D 450 -4.30 -11.39 -5.81
C VAL D 450 -3.99 -12.86 -5.53
N GLU D 451 -2.81 -13.13 -4.95
CA GLU D 451 -2.33 -14.48 -4.81
C GLU D 451 -3.13 -15.20 -3.79
N LYS D 452 -3.54 -14.46 -2.77
CA LYS D 452 -4.34 -15.01 -1.70
C LYS D 452 -5.78 -15.29 -2.15
N ARG D 453 -6.31 -14.36 -2.91
CA ARG D 453 -7.65 -14.51 -3.49
C ARG D 453 -7.67 -15.77 -4.37
N VAL D 454 -6.64 -15.96 -5.20
CA VAL D 454 -6.60 -17.11 -6.12
C VAL D 454 -6.54 -18.43 -5.33
N GLN D 455 -5.68 -18.49 -4.33
CA GLN D 455 -5.53 -19.67 -3.49
C GLN D 455 -6.83 -20.04 -2.73
N LEU D 456 -7.53 -19.03 -2.22
CA LEU D 456 -8.78 -19.27 -1.49
C LEU D 456 -9.86 -19.82 -2.45
N ALA D 457 -9.88 -19.27 -3.65
CA ALA D 457 -10.86 -19.67 -4.64
C ALA D 457 -10.61 -21.12 -5.05
N LEU D 458 -9.36 -21.43 -5.35
CA LEU D 458 -8.95 -22.77 -5.74
C LEU D 458 -9.15 -23.76 -4.66
N ASP D 459 -8.91 -23.40 -3.38
CA ASP D 459 -9.17 -24.34 -2.27
C ASP D 459 -10.66 -24.59 -2.07
N ALA D 460 -11.49 -23.55 -2.21
CA ALA D 460 -12.94 -23.71 -2.24
C ALA D 460 -13.39 -24.62 -3.42
N LEU D 461 -12.85 -24.38 -4.61
CA LEU D 461 -13.22 -25.20 -5.79
C LEU D 461 -12.71 -26.64 -5.64
N LYS D 462 -11.58 -26.85 -4.95
CA LYS D 462 -11.08 -28.22 -4.70
C LYS D 462 -12.07 -29.09 -3.93
N LYS D 463 -12.76 -28.44 -2.98
CA LYS D 463 -13.78 -29.07 -2.18
C LYS D 463 -14.95 -29.50 -3.03
N ILE D 464 -15.40 -28.61 -3.93
CA ILE D 464 -16.51 -28.91 -4.83
C ILE D 464 -16.11 -29.90 -5.90
N TYR D 465 -14.87 -29.80 -6.37
CA TYR D 465 -14.32 -30.67 -7.43
C TYR D 465 -13.00 -31.34 -6.97
N PRO D 466 -13.09 -32.39 -6.14
CA PRO D 466 -11.84 -32.96 -5.56
C PRO D 466 -11.01 -33.67 -6.58
N LYS D 467 -11.62 -34.05 -7.71
CA LYS D 467 -10.89 -34.79 -8.76
C LYS D 467 -10.37 -33.92 -9.90
N THR D 468 -10.73 -32.64 -9.92
CA THR D 468 -10.36 -31.81 -11.02
C THR D 468 -9.11 -31.02 -10.63
N ASP D 469 -8.05 -31.13 -11.44
CA ASP D 469 -6.82 -30.35 -11.27
C ASP D 469 -6.92 -29.04 -12.11
N ILE D 470 -7.51 -28.02 -11.52
CA ILE D 470 -7.66 -26.75 -12.16
C ILE D 470 -6.27 -26.12 -12.27
N ALA D 471 -5.54 -26.07 -11.16
CA ALA D 471 -4.25 -25.40 -11.05
C ALA D 471 -3.33 -25.83 -12.17
N GLY D 472 -3.30 -27.12 -12.45
CA GLY D 472 -2.48 -27.65 -13.54
C GLY D 472 -2.76 -27.15 -14.96
N HIS D 473 -3.94 -26.57 -15.18
CA HIS D 473 -4.30 -25.93 -16.44
C HIS D 473 -4.01 -24.42 -16.52
N ILE D 474 -3.83 -23.79 -15.36
CA ILE D 474 -3.65 -22.36 -15.25
C ILE D 474 -2.33 -21.91 -15.85
N ILE D 475 -2.41 -20.84 -16.63
CA ILE D 475 -1.23 -20.23 -17.21
C ILE D 475 -1.48 -18.72 -17.19
N GLY D 476 -0.48 -17.92 -17.59
CA GLY D 476 -0.61 -16.51 -17.61
C GLY D 476 -0.60 -15.98 -16.18
N ASP D 477 -1.05 -14.74 -16.03
CA ASP D 477 -1.02 -14.03 -14.74
C ASP D 477 -2.41 -14.02 -14.20
N PRO D 478 -2.58 -13.97 -12.86
CA PRO D 478 -3.93 -13.84 -12.32
C PRO D 478 -4.42 -12.37 -12.35
N ILE D 479 -5.74 -12.15 -12.36
CA ILE D 479 -6.26 -10.76 -12.41
C ILE D 479 -7.37 -10.60 -11.41
N THR D 480 -7.28 -9.61 -10.57
CA THR D 480 -8.35 -9.35 -9.62
C THR D 480 -8.74 -7.87 -9.63
N ILE D 481 -9.92 -7.57 -9.05
CA ILE D 481 -10.30 -6.22 -8.77
C ILE D 481 -11.20 -6.15 -7.51
N SER D 482 -11.11 -5.02 -6.84
CA SER D 482 -12.13 -4.63 -5.89
C SER D 482 -12.46 -3.16 -6.15
N TRP D 483 -13.66 -2.95 -6.69
CA TRP D 483 -14.07 -1.60 -7.05
C TRP D 483 -14.22 -0.58 -5.88
N GLU D 484 -14.70 -1.06 -4.75
CA GLU D 484 -14.68 -0.30 -3.47
C GLU D 484 -13.39 0.40 -3.14
N ALA D 485 -12.26 -0.17 -3.56
CA ALA D 485 -10.96 0.26 -3.05
C ALA D 485 -10.41 1.43 -3.84
N ASP D 486 -10.94 1.58 -5.04
CA ASP D 486 -10.37 2.49 -5.97
C ASP D 486 -10.96 3.90 -5.72
N PRO D 487 -10.11 4.92 -5.42
CA PRO D 487 -10.64 6.25 -5.11
C PRO D 487 -11.38 6.95 -6.25
N HIS D 488 -11.24 6.47 -7.47
CA HIS D 488 -12.02 6.97 -8.63
C HIS D 488 -13.40 6.36 -8.88
N PHE D 489 -13.84 5.52 -7.98
CA PHE D 489 -15.11 4.86 -8.10
C PHE D 489 -15.82 4.80 -6.74
N LEU D 490 -15.15 4.26 -5.71
CA LEU D 490 -15.70 4.03 -4.38
C LEU D 490 -16.90 3.13 -4.38
N GLY D 491 -16.83 2.07 -5.19
CA GLY D 491 -17.91 1.13 -5.36
C GLY D 491 -18.07 0.68 -6.80
N ALA D 492 -18.73 -0.44 -6.94
CA ALA D 492 -18.97 -1.09 -8.20
C ALA D 492 -20.13 -0.40 -8.95
N PHE D 493 -21.15 -0.03 -8.18
CA PHE D 493 -22.33 0.57 -8.73
C PHE D 493 -23.21 0.98 -7.59
N LYS D 494 -24.15 1.89 -7.86
CA LYS D 494 -25.14 2.23 -6.87
C LYS D 494 -26.03 1.04 -6.57
N GLY D 495 -26.53 0.97 -5.34
CA GLY D 495 -27.71 0.15 -5.03
C GLY D 495 -28.69 0.93 -4.16
N ALA D 496 -29.89 1.13 -4.70
CA ALA D 496 -30.96 1.89 -4.05
C ALA D 496 -31.45 1.14 -2.86
N LEU D 497 -31.36 1.75 -1.69
CA LEU D 497 -31.90 1.22 -0.47
C LEU D 497 -33.33 1.67 -0.46
N PRO D 498 -34.15 1.08 0.46
CA PRO D 498 -35.53 1.50 0.60
C PRO D 498 -35.62 2.95 0.98
N GLY D 499 -36.48 3.71 0.30
CA GLY D 499 -36.72 5.12 0.60
C GLY D 499 -35.80 6.04 -0.20
N HIS D 500 -35.01 5.48 -1.07
CA HIS D 500 -34.14 6.27 -1.93
C HIS D 500 -34.83 6.71 -3.24
N TYR D 501 -36.07 6.28 -3.53
CA TYR D 501 -36.74 6.73 -4.72
C TYR D 501 -36.66 8.24 -4.92
N ARG D 502 -36.85 9.00 -3.84
CA ARG D 502 -36.87 10.46 -3.90
C ARG D 502 -35.52 11.03 -4.34
N TYR D 503 -34.41 10.45 -3.88
CA TYR D 503 -33.08 10.93 -4.27
C TYR D 503 -32.89 10.62 -5.75
N ASN D 504 -33.29 9.44 -6.18
CA ASN D 504 -33.06 9.09 -7.58
C ASN D 504 -33.85 9.99 -8.55
N GLN D 505 -35.09 10.28 -8.14
CA GLN D 505 -35.95 11.21 -8.85
C GLN D 505 -35.29 12.61 -8.97
N ARG D 506 -34.73 13.13 -7.88
CA ARG D 506 -33.99 14.39 -7.97
C ARG D 506 -32.83 14.28 -9.00
N MET D 507 -31.98 13.28 -8.85
CA MET D 507 -30.82 13.12 -9.76
C MET D 507 -31.21 12.88 -11.20
N TYR D 508 -32.24 12.07 -11.41
CA TYR D 508 -32.68 11.71 -12.74
C TYR D 508 -33.24 12.92 -13.53
N ALA D 509 -33.85 13.84 -12.81
CA ALA D 509 -34.46 15.02 -13.39
C ALA D 509 -33.56 16.27 -13.47
N HIS D 510 -32.31 16.17 -12.98
CA HIS D 510 -31.43 17.34 -12.89
C HIS D 510 -31.04 17.99 -14.24
N PHE D 511 -31.10 17.21 -15.30
CA PHE D 511 -30.88 17.74 -16.64
C PHE D 511 -31.99 18.66 -17.17
N MET D 512 -33.11 18.75 -16.45
CA MET D 512 -34.23 19.69 -16.75
C MET D 512 -34.08 20.89 -15.87
N GLN D 513 -33.54 21.97 -16.42
CA GLN D 513 -33.07 23.08 -15.62
C GLN D 513 -33.92 24.34 -15.71
N ALA D 514 -35.02 24.30 -16.46
CA ALA D 514 -35.79 25.53 -16.70
C ALA D 514 -36.29 26.19 -15.44
N GLN D 515 -36.40 25.49 -14.33
CA GLN D 515 -36.84 26.16 -13.11
C GLN D 515 -35.76 26.26 -12.07
N MET D 516 -34.51 25.95 -12.41
CA MET D 516 -33.42 26.08 -11.42
C MET D 516 -32.98 27.52 -11.30
N PRO D 517 -32.47 27.89 -10.14
CA PRO D 517 -31.78 29.19 -10.13
C PRO D 517 -30.57 29.21 -11.06
N VAL D 518 -30.22 30.41 -11.51
CA VAL D 518 -29.12 30.63 -12.45
C VAL D 518 -27.82 30.03 -11.95
N GLU D 519 -27.59 30.13 -10.64
CA GLU D 519 -26.34 29.67 -10.05
C GLU D 519 -26.13 28.15 -10.13
N GLN D 520 -27.21 27.40 -10.39
CA GLN D 520 -27.22 25.94 -10.50
C GLN D 520 -27.26 25.40 -11.92
N ARG D 521 -27.46 26.28 -12.90
CA ARG D 521 -27.63 25.85 -14.29
C ARG D 521 -26.28 25.73 -14.97
N GLY D 522 -26.14 24.79 -15.87
CA GLY D 522 -24.94 24.69 -16.66
C GLY D 522 -24.09 23.50 -16.25
N ILE D 523 -24.25 23.04 -15.03
CA ILE D 523 -23.68 21.76 -14.67
C ILE D 523 -24.69 20.62 -14.84
N PHE D 524 -24.21 19.47 -15.33
CA PHE D 524 -25.04 18.28 -15.49
C PHE D 524 -24.37 17.05 -14.91
N ILE D 525 -25.19 16.05 -14.63
CA ILE D 525 -24.73 14.74 -14.25
C ILE D 525 -25.32 13.67 -15.12
N ALA D 526 -24.65 12.54 -15.13
CA ALA D 526 -25.08 11.35 -15.83
C ALA D 526 -24.27 10.18 -15.30
N GLY D 527 -24.75 8.96 -15.60
CA GLY D 527 -24.13 7.75 -15.19
C GLY D 527 -25.17 6.72 -14.77
N ASP D 528 -24.72 5.47 -14.65
CA ASP D 528 -25.62 4.49 -14.07
C ASP D 528 -26.02 4.83 -12.60
N ASP D 529 -25.29 5.70 -11.92
CA ASP D 529 -25.76 6.16 -10.55
C ASP D 529 -26.92 7.16 -10.63
N VAL D 530 -26.98 7.89 -11.77
CA VAL D 530 -28.10 8.80 -12.05
C VAL D 530 -29.37 8.02 -12.48
N SER D 531 -29.11 6.89 -13.10
CA SER D 531 -30.18 6.03 -13.64
C SER D 531 -30.91 5.29 -12.54
N TRP D 532 -32.08 4.76 -12.92
CA TRP D 532 -32.90 3.99 -12.01
C TRP D 532 -32.39 2.54 -11.93
N THR D 533 -31.39 2.24 -12.74
CA THR D 533 -30.98 0.87 -13.00
C THR D 533 -29.46 0.85 -12.88
N PRO D 534 -28.96 1.10 -11.67
CA PRO D 534 -27.53 0.94 -11.50
C PRO D 534 -27.03 -0.48 -11.71
N ALA D 535 -25.80 -0.60 -12.15
CA ALA D 535 -25.21 -1.87 -12.40
C ALA D 535 -25.59 -2.37 -13.73
N TRP D 536 -26.23 -1.55 -14.53
CA TRP D 536 -26.57 -1.93 -15.90
C TRP D 536 -26.13 -0.85 -16.86
N VAL D 537 -25.31 -1.18 -17.84
CA VAL D 537 -24.71 -0.16 -18.77
C VAL D 537 -25.75 0.74 -19.50
N GLU D 538 -26.94 0.17 -19.80
CA GLU D 538 -28.02 0.94 -20.41
C GLU D 538 -28.42 2.13 -19.56
N GLY D 539 -28.26 2.03 -18.22
CA GLY D 539 -28.58 3.19 -17.39
C GLY D 539 -27.64 4.37 -17.58
N ALA D 540 -26.35 4.07 -17.76
CA ALA D 540 -25.36 5.09 -18.07
C ALA D 540 -25.64 5.72 -19.44
N VAL D 541 -25.87 4.91 -20.49
CA VAL D 541 -26.21 5.45 -21.81
C VAL D 541 -27.44 6.37 -21.86
N GLN D 542 -28.58 5.91 -21.30
CA GLN D 542 -29.80 6.68 -21.29
C GLN D 542 -29.67 8.00 -20.56
N THR D 543 -29.13 8.01 -19.33
CA THR D 543 -28.90 9.25 -18.62
C THR D 543 -27.89 10.18 -19.34
N SER D 544 -26.88 9.54 -19.93
CA SER D 544 -25.97 10.25 -20.78
C SER D 544 -26.72 10.95 -21.92
N LEU D 545 -27.70 10.29 -22.50
CA LEU D 545 -28.49 10.93 -23.59
C LEU D 545 -29.47 12.00 -23.09
N ASN D 546 -30.00 11.84 -21.87
CA ASN D 546 -30.78 12.94 -21.30
C ASN D 546 -29.91 14.17 -21.12
N ALA D 547 -28.70 13.98 -20.56
CA ALA D 547 -27.74 15.07 -20.44
C ALA D 547 -27.43 15.70 -21.83
N VAL D 548 -27.27 14.89 -22.86
CA VAL D 548 -27.06 15.42 -24.15
C VAL D 548 -28.16 16.43 -24.52
N TRP D 549 -29.40 16.09 -24.25
CA TRP D 549 -30.52 17.01 -24.54
C TRP D 549 -30.43 18.27 -23.72
N GLY D 550 -30.09 18.10 -22.45
CA GLY D 550 -30.00 19.23 -21.53
C GLY D 550 -28.91 20.22 -21.86
N ILE D 551 -27.75 19.70 -22.30
CA ILE D 551 -26.68 20.51 -22.71
C ILE D 551 -27.06 21.20 -24.02
N MET D 552 -27.61 20.46 -24.97
CA MET D 552 -28.05 21.09 -26.21
C MET D 552 -28.97 22.27 -25.88
N ASN D 553 -29.93 22.00 -25.03
CA ASN D 553 -30.86 23.01 -24.62
C ASN D 553 -30.17 24.21 -23.95
N HIS D 554 -29.12 23.92 -23.17
CA HIS D 554 -28.39 24.98 -22.48
C HIS D 554 -27.68 25.92 -23.47
N PHE D 555 -27.27 25.41 -24.61
CA PHE D 555 -26.58 26.21 -25.65
C PHE D 555 -27.61 26.85 -26.62
N GLY D 556 -28.88 26.80 -26.25
CA GLY D 556 -29.95 27.42 -27.05
C GLY D 556 -30.41 26.58 -28.24
N GLY D 557 -30.11 25.30 -28.20
CA GLY D 557 -30.51 24.41 -29.28
C GLY D 557 -31.83 23.75 -28.99
N LYS D 558 -32.21 22.85 -29.86
CA LYS D 558 -33.50 22.19 -29.77
C LYS D 558 -33.44 21.03 -30.71
N THR D 559 -34.31 20.05 -30.47
CA THR D 559 -34.47 18.90 -31.31
C THR D 559 -35.24 19.28 -32.58
N HIS D 560 -35.13 18.40 -33.55
CA HIS D 560 -35.86 18.48 -34.81
C HIS D 560 -37.31 18.11 -34.50
N ALA D 561 -38.25 18.76 -35.17
CA ALA D 561 -39.66 18.55 -34.94
C ALA D 561 -40.13 17.11 -35.11
N ASP D 562 -39.49 16.36 -36.02
CA ASP D 562 -39.83 14.95 -36.25
C ASP D 562 -39.12 13.96 -35.34
N ASN D 563 -38.25 14.46 -34.45
CA ASN D 563 -37.44 13.58 -33.57
C ASN D 563 -37.23 14.19 -32.18
N PRO D 564 -38.34 14.43 -31.47
CA PRO D 564 -38.29 15.02 -30.12
C PRO D 564 -37.43 14.19 -29.19
N GLY D 565 -36.84 14.81 -28.20
CA GLY D 565 -35.92 14.09 -27.32
C GLY D 565 -36.34 14.11 -25.87
N PRO D 566 -35.46 13.68 -24.95
CA PRO D 566 -35.88 13.52 -23.61
C PRO D 566 -36.61 14.68 -22.99
N GLY D 567 -35.99 15.86 -23.03
CA GLY D 567 -36.55 17.00 -22.31
C GLY D 567 -37.81 17.58 -22.96
N ASP D 568 -38.13 17.15 -24.19
CA ASP D 568 -39.34 17.57 -24.88
C ASP D 568 -40.56 16.83 -24.34
N VAL D 569 -40.38 15.60 -23.80
CA VAL D 569 -41.51 14.80 -23.27
C VAL D 569 -41.38 14.51 -21.75
N PHE D 570 -40.25 14.86 -21.17
CA PHE D 570 -40.01 14.52 -19.78
C PHE D 570 -41.13 14.97 -18.85
N ASP D 571 -41.61 16.20 -18.98
CA ASP D 571 -42.63 16.70 -18.03
C ASP D 571 -43.90 15.90 -18.09
N GLU D 572 -44.21 15.31 -19.24
CA GLU D 572 -45.41 14.54 -19.35
C GLU D 572 -45.21 13.05 -18.94
N ILE D 573 -44.13 12.38 -19.34
CA ILE D 573 -44.01 10.94 -19.05
C ILE D 573 -42.86 10.55 -18.08
N GLY D 574 -42.17 11.53 -17.52
CA GLY D 574 -41.08 11.25 -16.59
C GLY D 574 -41.58 10.60 -15.29
N GLN D 575 -40.67 10.45 -14.34
CA GLN D 575 -40.88 9.73 -13.14
C GLN D 575 -41.77 10.56 -12.33
N ILE D 576 -42.77 9.91 -11.76
CA ILE D 576 -43.63 10.46 -10.74
C ILE D 576 -42.80 10.99 -9.59
N ALA D 577 -43.24 12.12 -9.04
CA ALA D 577 -42.75 12.68 -7.80
C ALA D 577 -43.54 12.10 -6.63
N LEU D 578 -42.86 11.89 -5.50
CA LEU D 578 -43.56 11.48 -4.28
C LEU D 578 -43.76 12.69 -3.34
N ALA D 579 -44.73 12.58 -2.43
CA ALA D 579 -45.01 13.64 -1.41
C ALA D 579 -43.83 13.85 -0.51
N ASP D 580 -43.83 15.02 0.13
CA ASP D 580 -42.80 15.42 1.10
C ASP D 580 -42.79 14.55 2.36
#